data_4NJR
#
_entry.id   4NJR
#
_cell.length_a   134.187
_cell.length_b   134.187
_cell.length_c   328.756
_cell.angle_alpha   90.00
_cell.angle_beta   90.00
_cell.angle_gamma   120.00
#
_symmetry.space_group_name_H-M   'H 3'
#
loop_
_entity.id
_entity.type
_entity.pdbx_description
1 polymer 'Probable M18 family aminopeptidase 2'
2 non-polymer 'ZINC ION'
3 non-polymer 'CARBONATE ION'
4 water water
#
_entity_poly.entity_id   1
_entity_poly.type   'polypeptide(L)'
_entity_poly.pdbx_seq_one_letter_code
;MRAELNQGLIDFLKASPTPFHATASLARRLEAAGYRRLDERDAWHTETGGRYYVTRNDSSLIAIRLGRRSPLESGFRLVG
AHTDSPCLRVKPNPEIARNGFLQLGVEVYGGALFAPWFDRDLSLAGRVTFRANGKLESRLVDFRKAIAVIPNLAIHLNRA
ANEGWPINAQNELPPIIAQLAPGEAADFRLLLDEQLLREHGITADVVLDYELSFYDTQSAAVVGLNDEFIAGARLDNLLS
CHAGLEALLNAEGDENCILVCTDHEEVGSCSHCGADGPFLEQVLRRLLPEGDAFSRAIQRSLLVSADNAHGVHPNYADRH
DANHGPALNGGPVIKINSNQRYATNSETAGFFRHLCQDSEVPVQSFVTRSDMGCGSTIGPITASQVGVRTVDIGLPTFAM
HSIRELAGSHDLAHLVKVLGAFYASSELP
;
_entity_poly.pdbx_strand_id   A,B,C,D
#
loop_
_chem_comp.id
_chem_comp.type
_chem_comp.name
_chem_comp.formula
CO3 non-polymer 'CARBONATE ION' 'C O3 -2'
ZN non-polymer 'ZINC ION' 'Zn 2'
#
# COMPACT_ATOMS: atom_id res chain seq x y z
N MET A 1 16.97 -33.02 0.27
CA MET A 1 15.91 -33.00 -0.74
C MET A 1 15.71 -31.59 -1.34
N ARG A 2 15.56 -30.63 -0.45
CA ARG A 2 15.12 -29.23 -0.75
C ARG A 2 14.78 -28.51 0.64
N ALA A 3 15.26 -29.16 1.66
CA ALA A 3 15.98 -28.47 2.67
C ALA A 3 16.92 -27.54 1.93
N GLU A 4 17.29 -27.91 0.71
CA GLU A 4 18.15 -27.10 -0.17
C GLU A 4 17.50 -25.80 -0.63
N LEU A 5 16.33 -25.88 -1.25
CA LEU A 5 15.57 -24.71 -1.62
C LEU A 5 15.31 -23.89 -0.35
N ASN A 6 14.93 -24.53 0.78
CA ASN A 6 14.62 -23.70 1.96
C ASN A 6 15.80 -22.98 2.52
N GLN A 7 16.95 -23.65 2.53
CA GLN A 7 18.15 -23.00 3.06
C GLN A 7 18.53 -21.87 2.09
N GLY A 8 18.38 -22.11 0.77
CA GLY A 8 18.68 -21.07 -0.19
C GLY A 8 17.76 -19.84 0.01
N LEU A 9 16.48 -20.10 0.30
CA LEU A 9 15.56 -19.04 0.66
C LEU A 9 16.07 -18.29 1.88
N ILE A 10 16.44 -19.01 2.92
CA ILE A 10 16.92 -18.34 4.13
C ILE A 10 18.13 -17.50 3.83
N ASP A 11 19.05 -18.00 3.00
CA ASP A 11 20.23 -17.26 2.67
C ASP A 11 19.90 -16.03 1.85
N PHE A 12 18.95 -16.17 0.91
CA PHE A 12 18.62 -15.08 0.04
C PHE A 12 17.97 -13.97 0.85
N LEU A 13 17.04 -14.32 1.74
CA LEU A 13 16.34 -13.33 2.63
C LEU A 13 17.37 -12.54 3.44
N LYS A 14 18.33 -13.26 4.02
CA LYS A 14 19.43 -12.67 4.82
C LYS A 14 20.24 -11.73 4.01
N ALA A 15 20.54 -12.07 2.77
CA ALA A 15 21.32 -11.13 1.92
C ALA A 15 20.45 -10.04 1.32
N SER A 16 19.16 -9.98 1.57
CA SER A 16 18.28 -9.06 0.83
C SER A 16 17.40 -8.25 1.78
N PRO A 17 18.01 -7.39 2.60
CA PRO A 17 17.25 -6.54 3.56
C PRO A 17 16.51 -5.38 2.98
N THR A 18 16.85 -4.99 1.77
CA THR A 18 16.17 -3.93 1.06
C THR A 18 15.95 -4.41 -0.39
N PRO A 19 15.11 -3.68 -1.17
CA PRO A 19 14.91 -4.02 -2.57
C PRO A 19 16.20 -3.94 -3.38
N PHE A 20 17.09 -3.03 -2.98
CA PHE A 20 18.39 -2.81 -3.62
C PHE A 20 19.19 -4.07 -3.39
N HIS A 21 19.27 -4.55 -2.16
CA HIS A 21 19.99 -5.81 -1.86
C HIS A 21 19.35 -7.04 -2.53
N ALA A 22 18.05 -7.07 -2.63
CA ALA A 22 17.39 -8.22 -3.27
C ALA A 22 17.78 -8.23 -4.72
N THR A 23 17.83 -7.06 -5.35
CA THR A 23 18.21 -6.95 -6.75
C THR A 23 19.66 -7.37 -6.95
N ALA A 24 20.57 -6.87 -6.11
CA ALA A 24 21.95 -7.34 -6.13
C ALA A 24 22.03 -8.87 -5.88
N SER A 25 21.22 -9.40 -4.96
CA SER A 25 21.42 -10.83 -4.71
C SER A 25 20.90 -11.60 -5.93
N LEU A 26 19.78 -11.20 -6.52
CA LEU A 26 19.33 -11.86 -7.73
C LEU A 26 20.43 -11.84 -8.81
N ALA A 27 21.00 -10.68 -9.01
CA ALA A 27 22.00 -10.47 -10.07
C ALA A 27 23.23 -11.33 -9.88
N ARG A 28 23.73 -11.44 -8.63
CA ARG A 28 24.90 -12.26 -8.38
C ARG A 28 24.61 -13.72 -8.78
N ARG A 29 23.44 -14.24 -8.43
CA ARG A 29 23.08 -15.57 -8.88
C ARG A 29 23.00 -15.68 -10.40
N LEU A 30 22.40 -14.70 -11.05
CA LEU A 30 22.18 -14.81 -12.47
C LEU A 30 23.58 -14.82 -13.20
N GLU A 31 24.43 -13.91 -12.83
CA GLU A 31 25.80 -13.89 -13.33
C GLU A 31 26.55 -15.19 -13.07
N ALA A 32 26.40 -15.74 -11.88
CA ALA A 32 27.03 -17.02 -11.61
C ALA A 32 26.54 -18.05 -12.61
N ALA A 33 25.32 -17.89 -13.09
CA ALA A 33 24.77 -18.86 -13.96
C ALA A 33 25.02 -18.48 -15.43
N GLY A 34 25.86 -17.50 -15.67
CA GLY A 34 26.16 -17.14 -17.03
C GLY A 34 25.36 -16.02 -17.64
N TYR A 35 24.45 -15.38 -16.90
CA TYR A 35 23.59 -14.36 -17.49
C TYR A 35 24.40 -13.08 -17.54
N ARG A 36 24.29 -12.37 -18.66
CA ARG A 36 25.06 -11.17 -18.91
C ARG A 36 24.16 -9.91 -18.65
N ARG A 37 24.71 -9.01 -17.91
CA ARG A 37 24.00 -7.78 -17.59
C ARG A 37 23.98 -6.79 -18.77
N LEU A 38 22.81 -6.37 -19.21
CA LEU A 38 22.70 -5.29 -20.16
C LEU A 38 22.34 -4.02 -19.46
N ASP A 39 22.59 -2.93 -20.14
CA ASP A 39 22.33 -1.64 -19.61
C ASP A 39 21.36 -0.99 -20.53
N GLU A 40 20.35 -0.36 -19.94
CA GLU A 40 19.25 0.24 -20.73
C GLU A 40 19.63 1.42 -21.57
N ARG A 41 20.78 2.06 -21.26
CA ARG A 41 21.32 3.15 -22.09
C ARG A 41 21.93 2.68 -23.44
N ASP A 42 22.26 1.40 -23.54
CA ASP A 42 22.95 0.88 -24.72
C ASP A 42 22.02 0.19 -25.65
N ALA A 43 22.45 0.17 -26.90
CA ALA A 43 21.84 -0.67 -27.90
C ALA A 43 22.23 -2.10 -27.60
N TRP A 44 21.27 -2.99 -27.75
CA TRP A 44 21.47 -4.38 -27.44
C TRP A 44 21.53 -5.20 -28.67
N HIS A 45 22.29 -6.25 -28.57
CA HIS A 45 22.50 -7.19 -29.65
C HIS A 45 22.24 -8.54 -28.97
N THR A 46 21.00 -8.97 -28.93
CA THR A 46 20.69 -10.20 -28.22
C THR A 46 20.46 -11.31 -29.23
N GLU A 47 20.48 -12.55 -28.77
CA GLU A 47 20.35 -13.62 -29.71
C GLU A 47 19.78 -14.83 -29.07
N THR A 48 19.42 -15.74 -29.95
CA THR A 48 18.75 -16.98 -29.65
C THR A 48 19.60 -17.74 -28.69
N GLY A 49 18.98 -18.24 -27.64
CA GLY A 49 19.73 -18.90 -26.57
C GLY A 49 20.43 -17.95 -25.60
N GLY A 50 20.43 -16.65 -25.84
CA GLY A 50 21.09 -15.73 -24.90
C GLY A 50 20.44 -15.64 -23.49
N ARG A 51 21.27 -15.36 -22.49
CA ARG A 51 20.89 -15.27 -21.08
C ARG A 51 21.29 -13.87 -20.64
N TYR A 52 20.32 -13.09 -20.23
CA TYR A 52 20.53 -11.68 -19.99
C TYR A 52 19.76 -11.21 -18.75
N TYR A 53 20.24 -10.15 -18.10
CA TYR A 53 19.43 -9.45 -17.15
C TYR A 53 19.71 -7.98 -17.25
N VAL A 54 18.76 -7.20 -16.73
CA VAL A 54 18.87 -5.77 -16.71
C VAL A 54 18.17 -5.25 -15.49
N THR A 55 18.64 -4.11 -14.98
CA THR A 55 18.02 -3.49 -13.83
C THR A 55 17.65 -2.07 -14.11
N ARG A 56 16.75 -1.57 -13.28
CA ARG A 56 16.44 -0.13 -13.26
C ARG A 56 16.36 0.33 -11.78
N ASN A 57 17.01 1.47 -11.51
CA ASN A 57 17.13 2.04 -10.19
C ASN A 57 17.90 1.16 -9.18
N ASP A 58 18.56 0.14 -9.71
CA ASP A 58 19.18 -0.94 -8.90
C ASP A 58 18.20 -1.61 -7.98
N SER A 59 16.90 -1.56 -8.35
CA SER A 59 15.87 -2.08 -7.41
C SER A 59 14.84 -2.92 -8.06
N SER A 60 14.82 -2.92 -9.40
CA SER A 60 13.96 -3.77 -10.20
C SER A 60 14.88 -4.51 -11.19
N LEU A 61 14.52 -5.73 -11.51
CA LEU A 61 15.36 -6.60 -12.30
C LEU A 61 14.49 -7.41 -13.23
N ILE A 62 14.96 -7.47 -14.47
CA ILE A 62 14.34 -8.38 -15.41
C ILE A 62 15.43 -9.30 -15.94
N ALA A 63 15.17 -10.60 -15.79
CA ALA A 63 16.01 -11.65 -16.31
C ALA A 63 15.35 -12.25 -17.56
N ILE A 64 16.18 -12.47 -18.55
CA ILE A 64 15.73 -12.87 -19.86
C ILE A 64 16.48 -14.09 -20.31
N ARG A 65 15.70 -15.08 -20.66
CA ARG A 65 16.24 -16.27 -21.27
C ARG A 65 15.56 -16.43 -22.63
N LEU A 66 16.30 -16.23 -23.72
CA LEU A 66 15.69 -16.26 -25.08
C LEU A 66 15.79 -17.65 -25.58
N GLY A 67 14.66 -18.15 -26.03
CA GLY A 67 14.60 -19.51 -26.50
C GLY A 67 15.01 -19.59 -27.97
N ARG A 68 14.74 -20.73 -28.53
CA ARG A 68 14.97 -21.01 -29.95
C ARG A 68 13.94 -20.39 -30.86
N ARG A 69 12.66 -20.47 -30.51
CA ARG A 69 11.59 -19.83 -31.27
C ARG A 69 11.47 -18.36 -30.88
N SER A 70 11.34 -17.46 -31.84
CA SER A 70 11.16 -16.06 -31.55
C SER A 70 9.92 -15.81 -30.62
N PRO A 71 9.98 -14.72 -29.86
CA PRO A 71 8.85 -14.29 -29.07
C PRO A 71 7.63 -14.03 -29.94
N LEU A 72 7.87 -13.59 -31.17
CA LEU A 72 6.80 -13.21 -32.08
C LEU A 72 5.91 -14.40 -32.30
N GLU A 73 6.51 -15.57 -32.43
CA GLU A 73 5.77 -16.75 -32.85
C GLU A 73 5.52 -17.66 -31.71
N SER A 74 6.29 -17.58 -30.61
CA SER A 74 5.98 -18.47 -29.46
C SER A 74 5.69 -17.75 -28.13
N GLY A 75 5.71 -16.43 -28.13
CA GLY A 75 5.42 -15.71 -26.91
C GLY A 75 6.49 -15.78 -25.83
N PHE A 76 6.20 -15.12 -24.72
CA PHE A 76 7.06 -15.08 -23.57
C PHE A 76 6.32 -15.83 -22.47
N ARG A 77 7.09 -16.49 -21.61
CA ARG A 77 6.60 -17.10 -20.43
C ARG A 77 7.12 -16.22 -19.33
N LEU A 78 6.27 -15.37 -18.76
CA LEU A 78 6.78 -14.46 -17.76
C LEU A 78 6.37 -14.85 -16.32
N VAL A 79 7.29 -14.75 -15.37
CA VAL A 79 6.94 -14.80 -14.01
C VAL A 79 7.24 -13.45 -13.38
N GLY A 80 6.22 -12.91 -12.69
CA GLY A 80 6.33 -11.61 -12.01
C GLY A 80 6.29 -11.70 -10.49
N ALA A 81 7.10 -10.85 -9.85
CA ALA A 81 7.18 -10.79 -8.45
C ALA A 81 7.62 -9.39 -8.10
N HIS A 82 7.84 -9.13 -6.82
CA HIS A 82 8.30 -7.81 -6.43
C HIS A 82 9.40 -7.84 -5.35
N THR A 83 10.26 -6.85 -5.43
CA THR A 83 11.43 -6.76 -4.58
C THR A 83 11.24 -6.02 -3.26
N ASP A 84 10.14 -5.29 -3.09
CA ASP A 84 9.91 -4.45 -1.93
C ASP A 84 8.96 -5.15 -0.94
N SER A 85 8.99 -4.69 0.31
CA SER A 85 8.24 -5.24 1.41
C SER A 85 7.96 -4.04 2.33
N PRO A 86 6.82 -4.03 3.01
CA PRO A 86 6.53 -2.94 3.92
C PRO A 86 7.55 -2.90 5.07
N CYS A 87 7.98 -1.69 5.42
CA CYS A 87 9.04 -1.54 6.36
C CYS A 87 9.12 -0.09 6.83
N LEU A 88 10.17 0.25 7.60
CA LEU A 88 10.37 1.59 8.10
C LEU A 88 11.63 2.17 7.51
N ARG A 89 11.54 3.42 7.02
CA ARG A 89 12.65 4.05 6.27
C ARG A 89 13.08 5.34 6.92
N VAL A 90 14.39 5.61 6.93
CA VAL A 90 14.92 6.81 7.57
C VAL A 90 14.56 8.08 6.80
N LYS A 91 14.07 9.06 7.53
CA LYS A 91 13.84 10.39 6.99
C LYS A 91 15.09 11.11 6.59
N PRO A 92 14.92 12.18 5.75
CA PRO A 92 16.11 12.88 5.24
C PRO A 92 16.85 13.75 6.24
N ASN A 93 16.19 14.22 7.30
CA ASN A 93 16.86 14.97 8.41
C ASN A 93 16.44 14.28 9.69
N PRO A 94 17.08 13.15 9.97
CA PRO A 94 16.45 12.15 10.84
C PRO A 94 16.72 12.31 12.37
N GLU A 95 17.77 13.00 12.74
CA GLU A 95 18.30 12.97 14.09
C GLU A 95 17.30 13.50 15.05
N ILE A 96 16.84 12.66 15.97
CA ILE A 96 16.01 13.12 17.07
C ILE A 96 16.78 12.83 18.35
N ALA A 97 16.96 13.84 19.21
CA ALA A 97 17.79 13.74 20.39
C ALA A 97 16.92 14.07 21.58
N ARG A 98 16.62 13.09 22.43
CA ARG A 98 15.63 13.26 23.48
C ARG A 98 15.94 12.32 24.61
N ASN A 99 15.75 12.82 25.83
CA ASN A 99 16.02 12.11 27.05
C ASN A 99 17.35 11.32 26.96
N GLY A 100 18.41 11.96 26.47
CA GLY A 100 19.68 11.33 26.47
C GLY A 100 19.85 10.31 25.33
N PHE A 101 18.83 10.05 24.50
CA PHE A 101 19.00 9.12 23.35
C PHE A 101 19.18 9.79 21.99
N LEU A 102 19.73 9.05 21.06
CA LEU A 102 19.64 9.39 19.65
C LEU A 102 18.70 8.38 18.97
N GLN A 103 17.70 8.94 18.28
CA GLN A 103 16.74 8.21 17.51
C GLN A 103 16.82 8.72 16.09
N LEU A 104 16.25 7.93 15.18
CA LEU A 104 16.08 8.29 13.80
C LEU A 104 14.61 8.29 13.42
N GLY A 105 14.14 9.42 12.88
CA GLY A 105 12.77 9.56 12.35
C GLY A 105 12.56 8.62 11.18
N VAL A 106 11.38 8.01 11.13
CA VAL A 106 11.07 7.10 10.07
C VAL A 106 9.72 7.34 9.42
N GLU A 107 9.67 7.03 8.11
CA GLU A 107 8.44 6.92 7.36
C GLU A 107 8.05 5.50 7.41
N VAL A 108 6.77 5.25 7.27
CA VAL A 108 6.28 3.89 7.09
C VAL A 108 6.16 3.64 5.61
N TYR A 109 6.82 2.62 5.09
CA TYR A 109 6.73 2.29 3.66
C TYR A 109 5.78 1.12 3.53
N GLY A 110 4.75 1.33 2.72
CA GLY A 110 3.80 0.31 2.42
C GLY A 110 2.86 0.08 3.56
N GLY A 111 2.00 -0.93 3.45
CA GLY A 111 1.04 -1.12 4.53
C GLY A 111 1.56 -2.01 5.63
N ALA A 112 2.53 -1.53 6.38
CA ALA A 112 3.12 -2.28 7.47
C ALA A 112 2.21 -2.45 8.65
N LEU A 113 2.26 -3.65 9.24
CA LEU A 113 1.69 -3.86 10.54
C LEU A 113 2.68 -3.22 11.51
N PHE A 114 2.25 -2.22 12.27
CA PHE A 114 3.11 -1.53 13.23
C PHE A 114 3.57 -2.42 14.40
N ALA A 115 2.65 -3.14 15.05
CA ALA A 115 2.98 -3.70 16.38
C ALA A 115 4.22 -4.63 16.34
N PRO A 116 4.33 -5.45 15.29
CA PRO A 116 5.38 -6.43 15.31
C PRO A 116 6.78 -5.86 15.19
N TRP A 117 6.88 -4.63 14.69
CA TRP A 117 8.15 -3.91 14.63
C TRP A 117 8.74 -3.57 15.99
N PHE A 118 7.90 -3.57 17.01
CA PHE A 118 8.37 -3.26 18.35
C PHE A 118 9.12 -4.44 18.92
N ASP A 119 10.12 -4.12 19.72
CA ASP A 119 10.82 -5.13 20.49
C ASP A 119 11.48 -6.20 19.62
N ARG A 120 12.22 -5.69 18.62
CA ARG A 120 12.94 -6.45 17.67
C ARG A 120 14.35 -5.84 17.56
N ASP A 121 15.36 -6.68 17.29
CA ASP A 121 16.75 -6.24 17.18
C ASP A 121 16.96 -5.90 15.71
N LEU A 122 16.92 -4.61 15.40
CA LEU A 122 16.91 -4.07 14.07
C LEU A 122 18.29 -3.64 13.67
N SER A 123 18.63 -3.88 12.40
CA SER A 123 19.76 -3.23 11.78
C SER A 123 19.20 -2.29 10.68
N LEU A 124 20.10 -1.76 9.87
CA LEU A 124 19.76 -0.77 8.86
C LEU A 124 20.59 -1.01 7.60
N ALA A 125 19.91 -0.92 6.47
CA ALA A 125 20.53 -1.13 5.16
C ALA A 125 19.85 -0.30 4.08
N GLY A 126 20.59 -0.06 2.99
CA GLY A 126 20.03 0.53 1.76
C GLY A 126 21.00 1.32 0.93
N ARG A 127 20.48 2.25 0.15
CA ARG A 127 21.35 3.02 -0.82
C ARG A 127 21.75 4.32 -0.17
N VAL A 128 23.05 4.62 -0.28
CA VAL A 128 23.57 5.92 0.08
C VAL A 128 24.13 6.61 -1.17
N THR A 129 23.70 7.85 -1.40
CA THR A 129 24.21 8.66 -2.50
C THR A 129 25.06 9.78 -1.99
N PHE A 130 26.26 9.84 -2.53
CA PHE A 130 27.26 10.78 -1.99
C PHE A 130 28.18 11.37 -3.07
N ARG A 131 28.99 12.31 -2.66
CA ARG A 131 29.98 12.90 -3.53
C ARG A 131 31.36 12.44 -2.99
N ALA A 132 32.19 11.96 -3.90
CA ALA A 132 33.55 11.54 -3.59
C ALA A 132 34.39 11.93 -4.79
N ASN A 133 35.52 12.59 -4.51
CA ASN A 133 36.39 13.16 -5.53
C ASN A 133 35.61 13.97 -6.48
N GLY A 134 34.79 14.88 -5.96
CA GLY A 134 34.03 15.73 -6.84
C GLY A 134 32.93 15.04 -7.61
N LYS A 135 32.90 13.70 -7.67
CA LYS A 135 31.83 13.03 -8.41
C LYS A 135 30.71 12.34 -7.56
N LEU A 136 29.52 12.37 -8.10
CA LEU A 136 28.33 11.81 -7.49
C LEU A 136 28.25 10.32 -7.64
N GLU A 137 28.06 9.57 -6.56
CA GLU A 137 27.85 8.11 -6.73
C GLU A 137 27.03 7.48 -5.62
N SER A 138 26.64 6.22 -5.85
CA SER A 138 25.82 5.47 -4.91
C SER A 138 26.46 4.14 -4.57
N ARG A 139 26.32 3.75 -3.31
CA ARG A 139 26.67 2.44 -2.87
C ARG A 139 25.55 2.01 -1.94
N LEU A 140 25.45 0.70 -1.76
CA LEU A 140 24.68 0.10 -0.75
C LEU A 140 25.50 -0.08 0.49
N VAL A 141 24.83 0.16 1.62
CA VAL A 141 25.33 -0.22 2.91
C VAL A 141 24.44 -1.19 3.62
N ASP A 142 25.05 -1.97 4.50
CA ASP A 142 24.29 -2.75 5.47
C ASP A 142 25.07 -2.82 6.76
N PHE A 143 24.57 -2.15 7.78
CA PHE A 143 25.28 -2.12 9.06
C PHE A 143 25.36 -3.49 9.66
N ARG A 144 24.38 -4.36 9.38
CA ARG A 144 24.32 -5.80 9.81
C ARG A 144 24.08 -6.03 11.31
N LYS A 145 24.93 -5.42 12.10
CA LYS A 145 24.77 -5.40 13.51
C LYS A 145 23.42 -4.80 13.93
N ALA A 146 22.90 -5.34 15.02
CA ALA A 146 21.65 -4.85 15.55
C ALA A 146 21.87 -3.49 16.26
N ILE A 147 21.62 -2.40 15.54
CA ILE A 147 21.95 -1.13 16.10
C ILE A 147 20.74 -0.39 16.63
N ALA A 148 19.55 -0.97 16.50
CA ALA A 148 18.36 -0.23 16.78
C ALA A 148 17.25 -1.04 17.34
N VAL A 149 16.41 -0.32 18.07
CA VAL A 149 15.27 -0.93 18.67
C VAL A 149 14.14 0.10 18.80
N ILE A 150 12.91 -0.35 18.55
CA ILE A 150 11.73 0.42 18.85
C ILE A 150 11.05 -0.29 20.03
N PRO A 151 11.32 0.14 21.26
CA PRO A 151 10.72 -0.63 22.39
C PRO A 151 9.22 -0.35 22.64
N ASN A 152 8.48 -1.36 23.08
CA ASN A 152 7.16 -1.06 23.63
C ASN A 152 7.25 -0.24 24.93
N LEU A 153 6.19 0.50 25.21
CA LEU A 153 5.95 1.05 26.57
C LEU A 153 5.49 -0.06 27.51
N ALA A 154 6.05 -0.11 28.70
CA ALA A 154 5.65 -1.09 29.73
C ALA A 154 4.13 -1.13 29.86
N ILE A 155 3.59 -2.34 30.06
CA ILE A 155 2.17 -2.46 30.31
C ILE A 155 1.75 -1.72 31.56
N HIS A 156 2.66 -1.65 32.56
CA HIS A 156 2.41 -0.88 33.80
C HIS A 156 2.12 0.60 33.53
N LEU A 157 2.61 1.17 32.41
CA LEU A 157 2.38 2.58 32.08
C LEU A 157 1.35 2.73 30.99
N ASN A 158 0.68 1.65 30.66
CA ASN A 158 -0.25 1.60 29.52
C ASN A 158 -1.15 0.41 29.79
N ARG A 159 -1.90 0.47 30.86
CA ARG A 159 -2.49 -0.75 31.42
C ARG A 159 -3.56 -1.40 30.56
N ALA A 160 -4.21 -0.63 29.70
CA ALA A 160 -5.12 -1.24 28.72
C ALA A 160 -4.43 -1.49 27.34
N ALA A 161 -3.12 -1.72 27.35
CA ALA A 161 -2.36 -1.97 26.13
C ALA A 161 -3.02 -3.03 25.33
N ASN A 162 -3.49 -4.07 26.01
CA ASN A 162 -4.07 -5.23 25.30
C ASN A 162 -5.49 -4.98 24.74
N GLU A 163 -6.10 -3.89 25.14
CA GLU A 163 -7.37 -3.50 24.55
C GLU A 163 -7.14 -2.84 23.22
N GLY A 164 -5.90 -2.52 22.89
CA GLY A 164 -5.63 -1.86 21.61
C GLY A 164 -5.64 -0.32 21.72
N TRP A 165 -4.76 0.32 20.96
CA TRP A 165 -4.77 1.76 20.81
C TRP A 165 -4.24 2.07 19.40
N PRO A 166 -4.53 3.25 18.87
CA PRO A 166 -4.03 3.55 17.48
C PRO A 166 -2.59 4.02 17.56
N ILE A 167 -1.69 3.11 17.21
CA ILE A 167 -0.24 3.36 17.19
C ILE A 167 0.10 4.52 16.27
N ASN A 168 0.63 5.57 16.83
CA ASN A 168 0.94 6.68 16.01
C ASN A 168 2.39 6.58 15.52
N ALA A 169 2.53 6.47 14.21
CA ALA A 169 3.79 6.26 13.57
C ALA A 169 4.77 7.37 13.71
N GLN A 170 4.27 8.59 13.70
CA GLN A 170 5.11 9.75 13.89
C GLN A 170 5.75 9.67 15.24
N ASN A 171 4.99 9.24 16.25
CA ASN A 171 5.45 9.34 17.63
C ASN A 171 6.09 8.09 18.17
N GLU A 172 5.62 6.94 17.76
CA GLU A 172 5.94 5.69 18.50
C GLU A 172 6.91 4.83 17.74
N LEU A 173 7.17 5.12 16.46
CA LEU A 173 8.05 4.30 15.65
C LEU A 173 9.52 4.69 15.50
N PRO A 174 9.93 5.95 15.83
CA PRO A 174 11.36 6.21 15.72
C PRO A 174 12.24 5.27 16.53
N PRO A 175 13.10 4.53 15.86
CA PRO A 175 14.02 3.67 16.61
C PRO A 175 15.09 4.42 17.40
N ILE A 176 15.42 3.87 18.55
CA ILE A 176 16.57 4.31 19.35
C ILE A 176 17.76 3.57 18.77
N ILE A 177 18.81 4.28 18.44
CA ILE A 177 20.04 3.66 17.98
C ILE A 177 21.22 3.91 18.94
N ALA A 178 21.15 4.92 19.81
CA ALA A 178 22.28 5.22 20.71
C ALA A 178 21.91 6.12 21.91
N GLN A 179 22.89 6.32 22.79
CA GLN A 179 22.80 7.35 23.79
C GLN A 179 23.87 8.39 23.51
N LEU A 180 23.57 9.65 23.76
CA LEU A 180 24.50 10.75 23.48
C LEU A 180 25.11 11.28 24.78
N ALA A 181 26.41 11.57 24.76
CA ALA A 181 27.03 12.30 25.87
C ALA A 181 26.48 13.74 26.03
N PRO A 182 26.42 14.26 27.25
CA PRO A 182 26.02 15.67 27.32
C PRO A 182 26.84 16.58 26.37
N GLY A 183 26.15 17.47 25.64
CA GLY A 183 26.81 18.30 24.60
C GLY A 183 27.31 17.53 23.37
N GLU A 184 26.99 16.24 23.22
CA GLU A 184 27.52 15.49 22.12
C GLU A 184 26.57 15.70 20.92
N ALA A 185 27.14 16.08 19.80
CA ALA A 185 26.38 16.31 18.62
C ALA A 185 26.12 14.97 17.89
N ALA A 186 25.02 14.93 17.16
CA ALA A 186 24.61 13.73 16.48
C ALA A 186 24.68 14.05 15.00
N ASP A 187 25.43 13.28 14.22
CA ASP A 187 25.41 13.44 12.78
C ASP A 187 25.27 12.14 12.01
N PHE A 188 24.10 11.92 11.44
CA PHE A 188 23.78 10.61 10.85
C PHE A 188 24.53 10.42 9.57
N ARG A 189 24.61 11.50 8.81
CA ARG A 189 25.40 11.49 7.59
C ARG A 189 26.86 11.15 7.89
N LEU A 190 27.37 11.57 9.04
CA LEU A 190 28.76 11.20 9.35
C LEU A 190 28.90 9.72 9.64
N LEU A 191 27.83 9.18 10.25
CA LEU A 191 27.81 7.76 10.57
C LEU A 191 27.80 6.99 9.29
N LEU A 192 27.02 7.48 8.32
CA LEU A 192 27.04 6.82 6.98
C LEU A 192 28.41 6.86 6.30
N ASP A 193 29.10 7.97 6.46
CA ASP A 193 30.48 8.16 5.93
C ASP A 193 31.42 7.10 6.52
N GLU A 194 31.31 6.87 7.81
CA GLU A 194 32.08 5.81 8.44
C GLU A 194 31.68 4.46 7.92
N GLN A 195 30.38 4.24 7.63
CA GLN A 195 30.01 2.91 7.19
C GLN A 195 30.54 2.70 5.80
N LEU A 196 30.56 3.75 4.99
CA LEU A 196 31.08 3.68 3.62
C LEU A 196 32.58 3.30 3.63
N LEU A 197 33.31 3.89 4.56
CA LEU A 197 34.73 3.61 4.67
C LEU A 197 34.91 2.17 5.10
N ARG A 198 34.23 1.82 6.15
CA ARG A 198 34.32 0.50 6.69
C ARG A 198 33.90 -0.56 5.73
N GLU A 199 32.89 -0.34 4.93
CA GLU A 199 32.34 -1.44 4.11
C GLU A 199 32.85 -1.44 2.70
N HIS A 200 33.20 -0.27 2.18
CA HIS A 200 33.71 -0.20 0.83
C HIS A 200 35.09 0.51 0.74
N GLY A 201 35.68 0.92 1.86
CA GLY A 201 36.97 1.61 1.79
C GLY A 201 36.92 2.98 1.12
N ILE A 202 35.73 3.52 0.99
CA ILE A 202 35.52 4.77 0.33
C ILE A 202 35.44 5.79 1.43
N THR A 203 35.97 6.98 1.18
CA THR A 203 35.69 8.16 2.01
C THR A 203 35.00 9.17 1.14
N ALA A 204 33.94 9.77 1.67
CA ALA A 204 33.10 10.66 0.91
C ALA A 204 33.44 12.09 1.27
N ASP A 205 33.25 12.99 0.31
CA ASP A 205 33.45 14.40 0.53
C ASP A 205 32.27 14.85 1.29
N VAL A 206 31.09 14.37 0.87
CA VAL A 206 29.81 14.69 1.51
C VAL A 206 28.78 13.61 1.20
N VAL A 207 28.05 13.16 2.23
CA VAL A 207 26.96 12.19 2.07
C VAL A 207 25.72 13.02 1.84
N LEU A 208 24.99 12.78 0.76
CA LEU A 208 23.92 13.67 0.37
C LEU A 208 22.54 13.17 0.80
N ASP A 209 22.18 11.96 0.36
CA ASP A 209 20.82 11.43 0.56
C ASP A 209 20.90 9.92 0.57
N TYR A 210 19.81 9.27 0.93
CA TYR A 210 19.86 7.83 1.12
C TYR A 210 18.50 7.31 1.16
N GLU A 211 18.39 5.99 0.94
CA GLU A 211 17.13 5.26 1.07
C GLU A 211 17.46 4.01 1.84
N LEU A 212 17.22 4.13 3.13
CA LEU A 212 17.58 3.16 4.12
C LEU A 212 16.36 2.60 4.85
N SER A 213 16.36 1.27 4.94
CA SER A 213 15.34 0.50 5.59
C SER A 213 15.87 -0.21 6.83
N PHE A 214 15.09 -0.11 7.92
CA PHE A 214 15.33 -0.90 9.06
C PHE A 214 14.92 -2.33 8.72
N TYR A 215 15.57 -3.31 9.33
CA TYR A 215 15.19 -4.67 9.07
C TYR A 215 15.55 -5.48 10.28
N ASP A 216 14.95 -6.65 10.39
CA ASP A 216 15.15 -7.56 11.50
C ASP A 216 16.40 -8.41 11.37
N THR A 217 17.19 -8.46 12.44
CA THR A 217 18.45 -9.26 12.39
C THR A 217 18.25 -10.71 12.66
N GLN A 218 17.09 -11.12 13.15
CA GLN A 218 16.80 -12.54 13.34
C GLN A 218 16.52 -13.12 11.94
N SER A 219 17.35 -14.09 11.54
CA SER A 219 17.28 -14.73 10.28
C SER A 219 15.96 -15.44 10.20
N ALA A 220 15.58 -15.75 8.99
CA ALA A 220 14.48 -16.63 8.73
C ALA A 220 14.86 -18.01 9.24
N ALA A 221 13.85 -18.81 9.62
CA ALA A 221 14.09 -20.16 10.17
C ALA A 221 12.93 -21.11 9.91
N VAL A 222 13.25 -22.41 9.85
CA VAL A 222 12.23 -23.44 9.83
C VAL A 222 11.62 -23.53 11.22
N VAL A 223 10.30 -23.68 11.35
CA VAL A 223 9.67 -23.79 12.64
C VAL A 223 8.53 -24.80 12.65
N GLY A 224 8.25 -25.30 13.84
CA GLY A 224 7.20 -26.24 13.99
C GLY A 224 7.65 -27.62 14.36
N LEU A 225 6.75 -28.33 15.03
CA LEU A 225 7.05 -29.62 15.58
C LEU A 225 7.67 -30.54 14.52
N ASN A 226 7.11 -30.60 13.33
CA ASN A 226 7.67 -31.35 12.23
C ASN A 226 8.18 -30.47 11.10
N ASP A 227 8.67 -29.28 11.46
CA ASP A 227 9.32 -28.39 10.52
C ASP A 227 8.36 -28.04 9.42
N GLU A 228 7.10 -27.87 9.78
CA GLU A 228 6.11 -27.54 8.79
C GLU A 228 6.24 -26.16 8.18
N PHE A 229 6.91 -25.25 8.86
CA PHE A 229 6.77 -23.85 8.57
C PHE A 229 8.11 -23.13 8.32
N ILE A 230 8.00 -21.99 7.64
CA ILE A 230 9.15 -21.06 7.56
C ILE A 230 8.73 -19.70 8.01
N ALA A 231 9.51 -19.10 8.90
CA ALA A 231 9.17 -17.81 9.45
C ALA A 231 10.22 -16.83 9.03
N GLY A 232 9.82 -15.61 8.66
CA GLY A 232 10.82 -14.61 8.29
C GLY A 232 10.24 -13.30 7.77
N ALA A 233 11.02 -12.24 7.89
CA ALA A 233 10.64 -10.99 7.23
C ALA A 233 10.77 -11.23 5.74
N ARG A 234 9.94 -10.53 5.03
CA ARG A 234 10.07 -10.33 3.58
C ARG A 234 9.67 -11.53 2.75
N LEU A 235 8.93 -12.49 3.32
CA LEU A 235 8.39 -13.56 2.53
C LEU A 235 7.54 -12.95 1.39
N ASP A 236 6.73 -11.95 1.75
CA ASP A 236 6.07 -11.11 0.79
C ASP A 236 7.07 -10.00 0.41
N ASN A 237 7.70 -10.09 -0.76
CA ASN A 237 7.50 -11.14 -1.77
C ASN A 237 8.84 -11.72 -2.23
N LEU A 238 9.82 -11.78 -1.32
CA LEU A 238 11.06 -12.43 -1.67
C LEU A 238 10.91 -13.92 -1.80
N LEU A 239 9.85 -14.49 -1.24
CA LEU A 239 9.56 -15.90 -1.42
C LEU A 239 9.35 -16.21 -2.93
N SER A 240 8.58 -15.35 -3.59
CA SER A 240 8.35 -15.51 -5.02
C SER A 240 9.53 -15.12 -5.89
N CYS A 241 10.34 -14.17 -5.47
CA CYS A 241 11.53 -13.78 -6.24
C CYS A 241 12.47 -14.99 -6.29
N HIS A 242 12.69 -15.56 -5.12
CA HIS A 242 13.53 -16.72 -5.02
C HIS A 242 13.02 -17.92 -5.79
N ALA A 243 11.73 -18.23 -5.65
CA ALA A 243 11.13 -19.34 -6.39
C ALA A 243 11.27 -19.15 -7.93
N GLY A 244 11.04 -17.94 -8.40
CA GLY A 244 11.08 -17.63 -9.80
C GLY A 244 12.46 -17.78 -10.36
N LEU A 245 13.41 -17.28 -9.60
CA LEU A 245 14.79 -17.40 -9.95
C LEU A 245 15.24 -18.87 -10.09
N GLU A 246 14.96 -19.67 -9.07
CA GLU A 246 15.33 -21.05 -9.10
C GLU A 246 14.70 -21.71 -10.28
N ALA A 247 13.44 -21.39 -10.56
CA ALA A 247 12.76 -22.03 -11.68
C ALA A 247 13.41 -21.63 -13.00
N LEU A 248 13.76 -20.36 -13.12
CA LEU A 248 14.34 -19.86 -14.34
C LEU A 248 15.70 -20.52 -14.60
N LEU A 249 16.51 -20.60 -13.55
CA LEU A 249 17.84 -21.15 -13.65
C LEU A 249 17.78 -22.64 -13.93
N ASN A 250 16.75 -23.35 -13.48
CA ASN A 250 16.73 -24.80 -13.66
C ASN A 250 15.79 -25.27 -14.78
N ALA A 251 15.07 -24.35 -15.41
CA ALA A 251 14.04 -24.80 -16.32
C ALA A 251 14.65 -25.48 -17.54
N GLU A 252 13.96 -26.51 -17.99
CA GLU A 252 14.27 -27.16 -19.21
C GLU A 252 13.60 -26.42 -20.32
N GLY A 253 13.83 -26.94 -21.51
CA GLY A 253 13.15 -26.48 -22.67
C GLY A 253 13.79 -25.29 -23.32
N ASP A 254 12.99 -24.68 -24.16
CA ASP A 254 13.46 -23.92 -25.25
C ASP A 254 12.80 -22.60 -25.33
N GLU A 255 11.95 -22.27 -24.38
CA GLU A 255 11.09 -21.15 -24.50
C GLU A 255 11.74 -19.84 -24.11
N ASN A 256 11.11 -18.75 -24.50
CA ASN A 256 11.50 -17.43 -24.02
C ASN A 256 10.94 -17.18 -22.63
N CYS A 257 11.83 -17.09 -21.66
CA CYS A 257 11.45 -17.01 -20.29
C CYS A 257 11.88 -15.60 -19.81
N ILE A 258 10.98 -14.96 -19.08
CA ILE A 258 11.24 -13.73 -18.43
C ILE A 258 10.99 -13.84 -16.95
N LEU A 259 11.89 -13.29 -16.13
CA LEU A 259 11.59 -13.10 -14.70
C LEU A 259 11.61 -11.62 -14.42
N VAL A 260 10.46 -11.06 -13.98
CA VAL A 260 10.34 -9.61 -13.74
C VAL A 260 10.09 -9.42 -12.24
N CYS A 261 11.02 -8.84 -11.54
CA CYS A 261 10.85 -8.51 -10.11
C CYS A 261 10.93 -7.00 -9.95
N THR A 262 9.80 -6.37 -9.72
CA THR A 262 9.74 -4.90 -9.58
C THR A 262 9.69 -4.37 -8.15
N ASP A 263 10.17 -3.15 -7.98
CA ASP A 263 10.15 -2.37 -6.77
C ASP A 263 8.80 -1.69 -6.73
N HIS A 264 8.51 -1.11 -5.57
CA HIS A 264 7.35 -0.32 -5.38
C HIS A 264 6.00 -0.98 -5.60
N GLU A 265 5.91 -2.27 -5.58
CA GLU A 265 4.61 -2.89 -5.59
C GLU A 265 3.75 -2.57 -4.36
N GLU A 266 4.41 -2.44 -3.19
CA GLU A 266 3.66 -2.27 -1.96
C GLU A 266 3.08 -0.90 -1.87
N VAL A 267 3.44 -0.03 -2.81
CA VAL A 267 2.78 1.27 -2.79
C VAL A 267 1.99 1.62 -4.01
N GLY A 268 1.60 0.61 -4.79
CA GLY A 268 0.78 0.84 -6.00
C GLY A 268 1.56 0.77 -7.32
N SER A 269 2.86 0.46 -7.23
CA SER A 269 3.74 0.53 -8.42
C SER A 269 3.55 1.98 -8.86
N CYS A 270 4.03 2.41 -10.00
CA CYS A 270 3.88 3.86 -10.32
C CYS A 270 5.13 4.67 -9.84
N SER A 271 6.26 4.13 -10.28
CA SER A 271 7.51 4.85 -10.37
C SER A 271 8.09 4.62 -11.81
N HIS A 272 9.16 5.30 -12.11
CA HIS A 272 9.99 4.92 -13.26
C HIS A 272 10.24 3.39 -13.32
N CYS A 273 10.07 2.75 -12.19
CA CYS A 273 10.80 1.59 -11.79
C CYS A 273 9.89 0.34 -11.70
N GLY A 274 8.57 0.53 -11.69
CA GLY A 274 7.62 -0.53 -12.22
C GLY A 274 6.58 -0.72 -11.19
N ALA A 275 5.62 -1.65 -11.33
CA ALA A 275 5.22 -2.35 -12.54
C ALA A 275 4.22 -1.62 -13.46
N ASP A 276 3.54 -0.56 -13.02
CA ASP A 276 2.96 0.28 -14.09
C ASP A 276 3.78 1.52 -14.33
N GLY A 277 5.08 1.29 -14.42
CA GLY A 277 5.90 2.08 -15.26
C GLY A 277 6.18 1.21 -16.46
N PRO A 278 6.90 1.78 -17.38
CA PRO A 278 7.13 1.16 -18.64
C PRO A 278 8.42 0.29 -18.67
N PHE A 279 8.99 -0.07 -17.52
CA PHE A 279 10.23 -0.85 -17.56
C PHE A 279 10.04 -2.18 -18.36
N LEU A 280 9.03 -2.95 -17.97
CA LEU A 280 8.85 -4.24 -18.61
C LEU A 280 8.59 -4.09 -20.11
N GLU A 281 7.64 -3.22 -20.44
CA GLU A 281 7.30 -2.99 -21.85
C GLU A 281 8.54 -2.51 -22.61
N GLN A 282 9.28 -1.58 -22.04
CA GLN A 282 10.40 -1.05 -22.79
C GLN A 282 11.53 -2.08 -22.93
N VAL A 283 11.63 -3.03 -22.04
CA VAL A 283 12.61 -4.13 -22.23
C VAL A 283 12.12 -5.16 -23.28
N LEU A 284 10.85 -5.50 -23.21
CA LEU A 284 10.31 -6.52 -24.12
C LEU A 284 10.30 -6.06 -25.57
N ARG A 285 9.95 -4.80 -25.81
CA ARG A 285 9.98 -4.25 -27.12
C ARG A 285 11.32 -4.37 -27.73
N ARG A 286 12.38 -4.23 -26.92
CA ARG A 286 13.74 -4.35 -27.43
C ARG A 286 14.12 -5.75 -27.79
N LEU A 287 13.29 -6.78 -27.48
CA LEU A 287 13.57 -8.13 -27.93
C LEU A 287 12.85 -8.49 -29.24
N LEU A 288 12.11 -7.54 -29.80
CA LEU A 288 11.30 -7.78 -30.98
C LEU A 288 11.54 -6.76 -32.06
N PRO A 289 11.14 -7.08 -33.30
CA PRO A 289 11.04 -6.04 -34.33
C PRO A 289 9.99 -4.97 -34.02
N GLU A 290 10.07 -3.88 -34.75
CA GLU A 290 9.09 -2.82 -34.71
C GLU A 290 7.81 -3.32 -35.31
N GLY A 291 6.78 -2.52 -35.26
CA GLY A 291 5.53 -2.84 -35.92
C GLY A 291 4.56 -3.59 -35.05
N ASP A 292 3.77 -4.50 -35.62
CA ASP A 292 2.77 -5.29 -34.88
C ASP A 292 3.41 -6.44 -34.02
N ALA A 293 4.73 -6.55 -34.04
CA ALA A 293 5.35 -7.68 -33.38
C ALA A 293 5.09 -7.80 -31.89
N PHE A 294 5.28 -6.71 -31.17
CA PHE A 294 5.13 -6.74 -29.73
C PHE A 294 3.69 -7.19 -29.43
N SER A 295 2.73 -6.56 -30.08
CA SER A 295 1.34 -6.88 -29.83
C SER A 295 0.98 -8.34 -30.09
N ARG A 296 1.49 -8.85 -31.19
CA ARG A 296 1.35 -10.27 -31.52
C ARG A 296 2.03 -11.18 -30.50
N ALA A 297 3.26 -10.80 -30.09
CA ALA A 297 4.02 -11.64 -29.18
C ALA A 297 3.29 -11.73 -27.83
N ILE A 298 2.83 -10.58 -27.37
CA ILE A 298 2.16 -10.45 -26.08
C ILE A 298 0.85 -11.26 -26.04
N GLN A 299 0.08 -11.30 -27.16
CA GLN A 299 -1.09 -12.19 -27.29
C GLN A 299 -0.79 -13.66 -27.35
N ARG A 300 0.46 -14.05 -27.48
CA ARG A 300 0.87 -15.44 -27.35
C ARG A 300 1.60 -15.67 -26.00
N SER A 301 1.60 -14.68 -25.12
CA SER A 301 2.34 -14.77 -23.88
C SER A 301 1.34 -14.97 -22.70
N LEU A 302 1.91 -15.37 -21.58
CA LEU A 302 1.21 -15.47 -20.31
C LEU A 302 2.16 -15.06 -19.19
N LEU A 303 1.63 -14.26 -18.28
CA LEU A 303 2.31 -13.83 -17.08
C LEU A 303 1.74 -14.62 -15.90
N VAL A 304 2.61 -15.32 -15.20
CA VAL A 304 2.26 -15.90 -13.93
C VAL A 304 2.74 -14.92 -12.88
N SER A 305 1.76 -14.28 -12.25
CA SER A 305 1.99 -13.22 -11.30
C SER A 305 2.02 -13.80 -9.88
N ALA A 306 3.24 -13.97 -9.34
CA ALA A 306 3.39 -14.69 -8.15
C ALA A 306 3.50 -13.79 -6.96
N ASP A 307 2.48 -13.80 -6.10
CA ASP A 307 2.61 -12.98 -4.90
C ASP A 307 1.86 -13.68 -3.79
N ASN A 308 2.37 -13.63 -2.57
CA ASN A 308 1.83 -14.50 -1.49
C ASN A 308 0.31 -14.39 -1.29
N ALA A 309 -0.33 -15.53 -1.04
CA ALA A 309 -1.73 -15.53 -0.66
C ALA A 309 -1.90 -15.69 0.89
N HIS A 310 -3.16 -15.57 1.27
CA HIS A 310 -3.55 -15.78 2.64
C HIS A 310 -4.07 -17.13 2.87
N GLY A 311 -3.32 -17.91 3.66
CA GLY A 311 -3.87 -19.12 4.22
C GLY A 311 -5.01 -18.86 5.21
N VAL A 312 -5.91 -19.80 5.33
CA VAL A 312 -6.91 -19.70 6.41
C VAL A 312 -6.25 -19.86 7.81
N HIS A 313 -6.36 -18.83 8.61
CA HIS A 313 -5.76 -18.77 9.94
C HIS A 313 -6.73 -19.37 10.96
N PRO A 314 -6.28 -20.37 11.70
CA PRO A 314 -7.23 -21.02 12.64
C PRO A 314 -7.67 -20.22 13.82
N ASN A 315 -6.97 -19.15 14.13
CA ASN A 315 -7.46 -18.26 15.18
C ASN A 315 -8.27 -17.10 14.65
N TYR A 316 -8.46 -17.05 13.32
CA TYR A 316 -9.23 -16.02 12.65
C TYR A 316 -9.83 -16.60 11.36
N ALA A 317 -10.45 -17.75 11.48
CA ALA A 317 -10.95 -18.49 10.30
C ALA A 317 -12.19 -17.87 9.61
N ASP A 318 -12.99 -17.13 10.36
CA ASP A 318 -14.05 -16.35 9.79
C ASP A 318 -13.59 -15.22 8.82
N ARG A 319 -12.31 -14.95 8.73
CA ARG A 319 -11.82 -13.93 7.77
C ARG A 319 -11.69 -14.50 6.32
N HIS A 320 -11.72 -15.82 6.19
CA HIS A 320 -11.85 -16.49 4.89
C HIS A 320 -13.28 -16.93 4.56
N ASP A 321 -13.57 -17.05 3.28
CA ASP A 321 -14.69 -17.83 2.78
C ASP A 321 -14.46 -19.34 3.10
N ALA A 322 -15.47 -20.00 3.64
CA ALA A 322 -15.31 -21.38 4.14
C ALA A 322 -14.97 -22.32 3.01
N ASN A 323 -15.38 -21.97 1.79
CA ASN A 323 -15.03 -22.75 0.61
C ASN A 323 -13.68 -22.48 0.03
N HIS A 324 -12.98 -21.45 0.56
CA HIS A 324 -11.76 -20.96 -0.12
C HIS A 324 -10.72 -20.61 0.91
N GLY A 325 -10.31 -21.63 1.65
CA GLY A 325 -9.41 -21.45 2.74
C GLY A 325 -8.20 -22.27 2.42
N PRO A 326 -7.14 -21.64 1.93
CA PRO A 326 -5.93 -22.39 1.55
C PRO A 326 -5.15 -22.81 2.75
N ALA A 327 -4.62 -24.02 2.67
CA ALA A 327 -3.76 -24.63 3.66
C ALA A 327 -2.31 -24.39 3.33
N LEU A 328 -1.53 -23.96 4.33
CA LEU A 328 -0.08 -23.97 4.16
C LEU A 328 0.34 -25.39 3.83
N ASN A 329 1.29 -25.52 2.92
CA ASN A 329 1.77 -26.79 2.48
C ASN A 329 0.80 -27.55 1.58
N GLY A 330 -0.29 -26.88 1.21
CA GLY A 330 -1.28 -27.37 0.31
C GLY A 330 -0.99 -26.98 -1.14
N GLY A 331 0.13 -26.33 -1.39
CA GLY A 331 0.51 -25.90 -2.73
C GLY A 331 0.04 -24.45 -3.13
N PRO A 332 0.51 -24.00 -4.31
CA PRO A 332 0.16 -22.68 -4.81
C PRO A 332 -1.36 -22.50 -4.91
N VAL A 333 -1.79 -21.26 -4.71
CA VAL A 333 -3.17 -20.85 -4.68
C VAL A 333 -3.40 -19.99 -5.93
N ILE A 334 -4.43 -20.35 -6.69
CA ILE A 334 -4.94 -19.54 -7.75
C ILE A 334 -5.89 -18.48 -7.23
N LYS A 335 -5.53 -17.20 -7.44
CA LYS A 335 -6.25 -16.09 -6.85
C LYS A 335 -7.22 -15.51 -7.81
N ILE A 336 -8.48 -15.50 -7.41
CA ILE A 336 -9.54 -15.13 -8.29
C ILE A 336 -10.25 -13.95 -7.69
N ASN A 337 -10.41 -12.90 -8.49
CA ASN A 337 -11.24 -11.80 -8.10
C ASN A 337 -11.84 -11.10 -9.35
N SER A 338 -13.16 -11.21 -9.47
CA SER A 338 -13.93 -10.69 -10.61
C SER A 338 -13.81 -9.22 -10.83
N ASN A 339 -13.65 -8.46 -9.74
CA ASN A 339 -13.39 -7.04 -9.86
C ASN A 339 -11.97 -6.73 -10.20
N GLN A 340 -11.22 -7.72 -10.72
CA GLN A 340 -9.90 -7.44 -11.24
C GLN A 340 -8.91 -6.91 -10.19
N ARG A 341 -9.14 -7.22 -8.93
CA ARG A 341 -8.09 -7.06 -7.91
C ARG A 341 -6.96 -8.12 -8.20
N TYR A 342 -7.34 -9.23 -8.84
CA TYR A 342 -6.45 -10.21 -9.46
C TYR A 342 -6.89 -10.31 -10.97
N ALA A 343 -5.94 -10.56 -11.92
CA ALA A 343 -6.34 -10.64 -13.39
C ALA A 343 -6.63 -12.06 -13.83
N THR A 344 -6.56 -13.01 -12.91
CA THR A 344 -6.86 -14.37 -13.26
C THR A 344 -8.22 -14.47 -14.03
N ASN A 345 -8.29 -15.32 -15.06
CA ASN A 345 -9.56 -15.63 -15.75
C ASN A 345 -9.72 -17.12 -15.94
N SER A 346 -10.82 -17.55 -16.53
CA SER A 346 -11.05 -18.99 -16.60
C SER A 346 -9.95 -19.70 -17.37
N GLU A 347 -9.44 -19.04 -18.39
CA GLU A 347 -8.37 -19.61 -19.24
C GLU A 347 -6.99 -19.60 -18.58
N THR A 348 -6.66 -18.53 -17.88
CA THR A 348 -5.35 -18.48 -17.24
C THR A 348 -5.37 -19.36 -15.98
N ALA A 349 -6.50 -19.41 -15.31
CA ALA A 349 -6.67 -20.31 -14.15
C ALA A 349 -6.59 -21.73 -14.60
N GLY A 350 -7.35 -22.04 -15.64
CA GLY A 350 -7.45 -23.45 -16.08
C GLY A 350 -6.11 -23.95 -16.55
N PHE A 351 -5.35 -23.09 -17.21
CA PHE A 351 -4.07 -23.51 -17.69
C PHE A 351 -3.15 -23.76 -16.51
N PHE A 352 -3.12 -22.85 -15.57
CA PHE A 352 -2.27 -23.07 -14.40
C PHE A 352 -2.70 -24.32 -13.58
N ARG A 353 -4.01 -24.53 -13.46
CA ARG A 353 -4.56 -25.64 -12.71
C ARG A 353 -4.15 -26.96 -13.38
N HIS A 354 -4.14 -26.93 -14.71
CA HIS A 354 -3.67 -28.06 -15.49
C HIS A 354 -2.18 -28.31 -15.36
N LEU A 355 -1.41 -27.25 -15.39
CA LEU A 355 0.03 -27.36 -15.19
C LEU A 355 0.35 -28.06 -13.87
N CYS A 356 -0.30 -27.62 -12.79
CA CYS A 356 -0.12 -28.25 -11.48
C CYS A 356 -0.44 -29.73 -11.51
N GLN A 357 -1.56 -30.08 -12.14
CA GLN A 357 -1.94 -31.48 -12.25
C GLN A 357 -0.92 -32.29 -12.97
N ASP A 358 -0.49 -31.83 -14.13
CA ASP A 358 0.57 -32.55 -14.81
C ASP A 358 1.87 -32.58 -14.07
N SER A 359 2.20 -31.60 -13.23
CA SER A 359 3.45 -31.65 -12.45
C SER A 359 3.25 -32.39 -11.16
N GLU A 360 2.03 -32.84 -10.92
CA GLU A 360 1.71 -33.46 -9.63
C GLU A 360 1.94 -32.50 -8.46
N VAL A 361 1.62 -31.23 -8.62
CA VAL A 361 1.69 -30.31 -7.52
C VAL A 361 0.25 -30.02 -7.11
N PRO A 362 -0.04 -30.02 -5.80
CA PRO A 362 -1.39 -29.66 -5.37
C PRO A 362 -1.65 -28.15 -5.59
N VAL A 363 -2.92 -27.78 -5.82
CA VAL A 363 -3.23 -26.40 -6.15
C VAL A 363 -4.54 -26.00 -5.50
N GLN A 364 -4.68 -24.75 -5.14
CA GLN A 364 -5.78 -24.37 -4.30
C GLN A 364 -6.42 -23.17 -4.94
N SER A 365 -7.63 -22.85 -4.48
CA SER A 365 -8.34 -21.66 -4.92
C SER A 365 -8.66 -20.70 -3.80
N PHE A 366 -8.50 -19.40 -4.10
CA PHE A 366 -8.90 -18.30 -3.21
C PHE A 366 -9.70 -17.23 -3.94
N VAL A 367 -10.79 -16.84 -3.29
CA VAL A 367 -11.51 -15.60 -3.44
C VAL A 367 -11.72 -15.05 -2.02
N THR A 368 -11.88 -13.73 -1.92
CA THR A 368 -12.19 -13.13 -0.62
C THR A 368 -13.64 -13.40 -0.22
N ARG A 369 -13.91 -13.21 1.05
CA ARG A 369 -15.32 -13.15 1.43
C ARG A 369 -15.94 -12.02 0.62
N SER A 370 -17.21 -12.19 0.26
CA SER A 370 -17.81 -11.27 -0.68
C SER A 370 -18.16 -9.90 -0.02
N ASP A 371 -18.04 -9.84 1.31
CA ASP A 371 -18.16 -8.62 2.08
C ASP A 371 -16.81 -8.00 2.49
N MET A 372 -15.69 -8.42 1.91
CA MET A 372 -14.37 -7.80 2.20
C MET A 372 -13.71 -7.45 0.86
N GLY A 373 -12.91 -6.38 0.83
CA GLY A 373 -11.98 -6.14 -0.27
C GLY A 373 -11.01 -7.30 -0.41
N ILE A 378 2.48 -6.47 -9.93
CA ILE A 378 1.21 -7.18 -9.73
C ILE A 378 0.45 -7.45 -11.06
N GLY A 379 -0.41 -8.48 -10.97
CA GLY A 379 -1.13 -9.04 -12.11
C GLY A 379 -1.91 -8.03 -12.91
N PRO A 380 -2.87 -7.31 -12.27
CA PRO A 380 -3.72 -6.35 -13.01
C PRO A 380 -2.97 -5.18 -13.63
N ILE A 381 -2.00 -4.68 -12.87
CA ILE A 381 -1.20 -3.56 -13.30
C ILE A 381 -0.41 -3.91 -14.59
N THR A 382 0.27 -5.05 -14.55
CA THR A 382 1.07 -5.46 -15.68
C THR A 382 0.20 -5.91 -16.86
N ALA A 383 -0.91 -6.64 -16.63
CA ALA A 383 -1.84 -6.95 -17.76
C ALA A 383 -2.30 -5.65 -18.44
N SER A 384 -2.52 -4.61 -17.62
CA SER A 384 -3.08 -3.36 -18.11
C SER A 384 -2.00 -2.54 -18.79
N GLN A 385 -0.76 -2.64 -18.33
CA GLN A 385 0.39 -2.23 -19.13
C GLN A 385 0.70 -3.42 -20.07
N VAL A 386 1.10 -3.21 -21.28
CA VAL A 386 1.51 -4.40 -22.07
C VAL A 386 0.33 -5.28 -22.59
N GLY A 387 -0.70 -5.55 -21.80
CA GLY A 387 -1.92 -6.25 -22.31
C GLY A 387 -1.91 -7.74 -22.21
N VAL A 388 -1.01 -8.28 -21.38
CA VAL A 388 -0.80 -9.72 -21.29
C VAL A 388 -1.78 -10.44 -20.38
N ARG A 389 -2.27 -11.57 -20.87
CA ARG A 389 -2.92 -12.52 -20.00
C ARG A 389 -2.09 -12.95 -18.82
N THR A 390 -2.78 -13.07 -17.71
CA THR A 390 -2.22 -13.12 -16.40
C THR A 390 -3.01 -14.09 -15.54
N VAL A 391 -2.31 -14.98 -14.83
CA VAL A 391 -2.88 -15.74 -13.74
C VAL A 391 -2.13 -15.25 -12.49
N ASP A 392 -2.88 -14.91 -11.47
CA ASP A 392 -2.34 -14.46 -10.21
C ASP A 392 -2.36 -15.65 -9.30
N ILE A 393 -1.19 -16.05 -8.87
CA ILE A 393 -1.04 -17.17 -7.96
C ILE A 393 -0.16 -16.74 -6.78
N GLY A 394 -0.11 -17.55 -5.74
CA GLY A 394 0.68 -17.21 -4.55
C GLY A 394 0.77 -18.40 -3.61
N LEU A 395 1.85 -18.49 -2.89
CA LEU A 395 1.94 -19.50 -1.81
C LEU A 395 1.18 -18.97 -0.59
N PRO A 396 0.52 -19.88 0.13
CA PRO A 396 -0.34 -19.46 1.23
C PRO A 396 0.50 -19.15 2.45
N THR A 397 0.24 -18.01 3.07
CA THR A 397 1.03 -17.55 4.20
C THR A 397 0.15 -16.92 5.26
N PHE A 398 0.74 -16.66 6.42
CA PHE A 398 0.08 -15.90 7.45
C PHE A 398 0.81 -14.61 7.80
N ALA A 399 0.09 -13.66 8.42
CA ALA A 399 0.69 -12.49 9.05
C ALA A 399 1.35 -11.58 8.05
N MET A 400 0.75 -11.48 6.90
CA MET A 400 1.39 -10.75 5.83
C MET A 400 1.48 -9.26 6.22
N HIS A 401 2.67 -8.69 5.97
CA HIS A 401 3.08 -7.32 6.28
C HIS A 401 3.57 -7.14 7.75
N SER A 402 3.61 -8.23 8.52
CA SER A 402 4.39 -8.26 9.74
C SER A 402 5.88 -8.13 9.39
N ILE A 403 6.67 -7.89 10.41
CA ILE A 403 8.10 -8.04 10.32
C ILE A 403 8.52 -9.50 10.29
N ARG A 404 7.62 -10.41 10.65
CA ARG A 404 7.95 -11.86 10.58
C ARG A 404 6.71 -12.62 10.16
N GLU A 405 6.72 -13.07 8.92
CA GLU A 405 5.61 -13.77 8.27
C GLU A 405 5.79 -15.28 8.29
N LEU A 406 4.75 -16.01 7.96
CA LEU A 406 4.87 -17.48 7.99
C LEU A 406 4.40 -18.12 6.70
N ALA A 407 5.20 -19.06 6.18
CA ALA A 407 4.83 -19.86 5.07
C ALA A 407 4.96 -21.32 5.41
N GLY A 408 4.49 -22.15 4.48
CA GLY A 408 4.71 -23.60 4.58
C GLY A 408 6.10 -23.98 4.07
N SER A 409 6.78 -24.88 4.80
CA SER A 409 8.08 -25.33 4.33
C SER A 409 8.04 -26.28 3.09
N HIS A 410 6.87 -26.77 2.65
CA HIS A 410 6.80 -27.64 1.45
C HIS A 410 6.49 -26.82 0.20
N ASP A 411 6.00 -25.61 0.40
CA ASP A 411 5.35 -24.90 -0.67
C ASP A 411 6.38 -24.32 -1.64
N LEU A 412 7.58 -24.01 -1.18
CA LEU A 412 8.57 -23.42 -2.08
C LEU A 412 8.92 -24.41 -3.19
N ALA A 413 9.14 -25.65 -2.81
CA ALA A 413 9.38 -26.77 -3.77
C ALA A 413 8.22 -26.93 -4.70
N HIS A 414 7.01 -26.93 -4.15
CA HIS A 414 5.86 -27.02 -5.02
C HIS A 414 5.89 -25.91 -6.04
N LEU A 415 6.13 -24.68 -5.58
CA LEU A 415 6.11 -23.54 -6.50
C LEU A 415 7.23 -23.59 -7.60
N VAL A 416 8.43 -23.95 -7.20
CA VAL A 416 9.56 -24.08 -8.11
C VAL A 416 9.28 -25.15 -9.15
N LYS A 417 8.73 -26.27 -8.73
CA LYS A 417 8.35 -27.29 -9.67
C LYS A 417 7.40 -26.73 -10.73
N VAL A 418 6.30 -26.13 -10.32
CA VAL A 418 5.34 -25.68 -11.33
C VAL A 418 5.82 -24.53 -12.16
N LEU A 419 6.54 -23.58 -11.55
CA LEU A 419 7.12 -22.51 -12.35
C LEU A 419 8.11 -23.11 -13.39
N GLY A 420 8.89 -24.11 -12.99
CA GLY A 420 9.79 -24.75 -13.95
C GLY A 420 8.95 -25.34 -15.09
N ALA A 421 7.82 -25.97 -14.76
CA ALA A 421 6.98 -26.56 -15.81
C ALA A 421 6.41 -25.45 -16.68
N PHE A 422 6.07 -24.32 -16.07
CA PHE A 422 5.52 -23.20 -16.84
C PHE A 422 6.58 -22.74 -17.82
N TYR A 423 7.82 -22.57 -17.33
CA TYR A 423 8.85 -21.99 -18.17
C TYR A 423 9.23 -22.91 -19.35
N ALA A 424 9.01 -24.21 -19.20
CA ALA A 424 9.39 -25.20 -20.17
C ALA A 424 8.19 -25.52 -21.04
N SER A 425 7.10 -24.83 -20.84
CA SER A 425 5.88 -25.18 -21.51
C SER A 425 5.77 -24.60 -22.93
N SER A 426 5.71 -25.47 -23.92
CA SER A 426 5.80 -24.97 -25.30
C SER A 426 4.53 -24.33 -25.85
N GLU A 427 3.33 -24.71 -25.37
CA GLU A 427 2.07 -24.02 -25.76
C GLU A 427 1.32 -23.47 -24.57
N LEU A 428 0.46 -22.47 -24.84
CA LEU A 428 -0.41 -21.82 -23.85
C LEU A 428 -1.76 -21.52 -24.51
N PRO A 429 -2.76 -21.00 -23.75
CA PRO A 429 -4.08 -20.76 -24.35
C PRO A 429 -4.11 -19.43 -25.11
N MET B 1 -41.26 2.44 -37.11
CA MET B 1 -39.88 3.06 -37.18
C MET B 1 -38.91 2.18 -36.35
N ARG B 2 -38.00 2.80 -35.59
CA ARG B 2 -37.90 2.70 -34.11
C ARG B 2 -38.33 1.47 -33.25
N ALA B 3 -39.55 1.03 -33.44
CA ALA B 3 -40.01 -0.18 -32.84
C ALA B 3 -39.09 -1.30 -33.27
N GLU B 4 -38.50 -1.12 -34.44
CA GLU B 4 -37.56 -2.06 -34.99
C GLU B 4 -36.27 -2.06 -34.17
N LEU B 5 -35.72 -0.89 -33.96
CA LEU B 5 -34.55 -0.73 -33.21
C LEU B 5 -34.80 -1.28 -31.78
N ASN B 6 -35.98 -0.98 -31.21
CA ASN B 6 -36.25 -1.41 -29.83
C ASN B 6 -36.36 -2.90 -29.73
N GLN B 7 -36.99 -3.52 -30.71
CA GLN B 7 -37.10 -4.97 -30.70
C GLN B 7 -35.70 -5.60 -30.91
N GLY B 8 -34.88 -4.95 -31.71
CA GLY B 8 -33.51 -5.38 -31.88
C GLY B 8 -32.71 -5.26 -30.58
N LEU B 9 -32.93 -4.19 -29.83
CA LEU B 9 -32.32 -4.03 -28.52
C LEU B 9 -32.73 -5.17 -27.58
N ILE B 10 -34.03 -5.45 -27.53
CA ILE B 10 -34.54 -6.51 -26.64
C ILE B 10 -33.95 -7.87 -27.04
N ASP B 11 -33.85 -8.14 -28.32
CA ASP B 11 -33.24 -9.39 -28.79
C ASP B 11 -31.77 -9.43 -28.44
N PHE B 12 -31.06 -8.34 -28.60
CA PHE B 12 -29.64 -8.31 -28.35
C PHE B 12 -29.37 -8.59 -26.88
N LEU B 13 -30.12 -7.93 -26.00
CA LEU B 13 -30.01 -8.08 -24.53
C LEU B 13 -30.28 -9.53 -24.17
N LYS B 14 -31.29 -10.13 -24.79
CA LYS B 14 -31.65 -11.52 -24.52
C LYS B 14 -30.52 -12.43 -24.93
N ALA B 15 -29.83 -12.15 -26.02
CA ALA B 15 -28.71 -13.01 -26.45
C ALA B 15 -27.42 -12.70 -25.70
N SER B 16 -27.41 -11.73 -24.82
CA SER B 16 -26.15 -11.25 -24.29
C SER B 16 -26.17 -11.16 -22.75
N PRO B 17 -26.34 -12.30 -22.09
CA PRO B 17 -26.40 -12.28 -20.60
C PRO B 17 -25.09 -12.10 -19.92
N THR B 18 -24.00 -12.19 -20.66
CA THR B 18 -22.67 -11.93 -20.12
C THR B 18 -21.83 -11.14 -21.13
N PRO B 19 -20.64 -10.62 -20.73
CA PRO B 19 -19.81 -9.86 -21.69
C PRO B 19 -19.35 -10.73 -22.84
N PHE B 20 -19.15 -12.01 -22.56
CA PHE B 20 -18.77 -13.01 -23.57
C PHE B 20 -19.85 -13.10 -24.62
N HIS B 21 -21.10 -13.25 -24.19
CA HIS B 21 -22.24 -13.40 -25.09
C HIS B 21 -22.52 -12.08 -25.82
N ALA B 22 -22.36 -10.95 -25.16
CA ALA B 22 -22.51 -9.64 -25.86
C ALA B 22 -21.48 -9.56 -26.96
N THR B 23 -20.26 -10.01 -26.67
CA THR B 23 -19.22 -9.98 -27.70
C THR B 23 -19.54 -10.90 -28.88
N ALA B 24 -20.00 -12.10 -28.58
CA ALA B 24 -20.42 -12.99 -29.65
C ALA B 24 -21.64 -12.40 -30.36
N SER B 25 -22.55 -11.78 -29.63
CA SER B 25 -23.69 -11.27 -30.41
C SER B 25 -23.27 -10.13 -31.30
N LEU B 26 -22.43 -9.22 -30.82
CA LEU B 26 -21.99 -8.15 -31.70
C LEU B 26 -21.27 -8.76 -32.93
N ALA B 27 -20.44 -9.75 -32.67
CA ALA B 27 -19.65 -10.39 -33.76
C ALA B 27 -20.52 -11.03 -34.83
N ARG B 28 -21.59 -11.70 -34.42
CA ARG B 28 -22.47 -12.39 -35.39
C ARG B 28 -23.12 -11.37 -36.30
N ARG B 29 -23.66 -10.32 -35.74
CA ARG B 29 -24.11 -9.21 -36.61
C ARG B 29 -23.08 -8.61 -37.52
N LEU B 30 -21.87 -8.42 -37.02
CA LEU B 30 -20.81 -7.86 -37.86
C LEU B 30 -20.52 -8.79 -39.08
N GLU B 31 -20.38 -10.07 -38.81
CA GLU B 31 -20.03 -11.02 -39.82
C GLU B 31 -21.15 -11.09 -40.85
N ALA B 32 -22.39 -11.19 -40.40
CA ALA B 32 -23.51 -11.10 -41.29
C ALA B 32 -23.48 -9.85 -42.15
N ALA B 33 -22.88 -8.79 -41.67
CA ALA B 33 -22.82 -7.57 -42.48
C ALA B 33 -21.56 -7.55 -43.30
N GLY B 34 -20.80 -8.62 -43.33
CA GLY B 34 -19.62 -8.59 -44.17
C GLY B 34 -18.30 -8.29 -43.49
N TYR B 35 -18.26 -8.13 -42.16
CA TYR B 35 -17.03 -7.70 -41.48
C TYR B 35 -16.23 -8.99 -41.27
N ARG B 36 -14.94 -8.90 -41.50
CA ARG B 36 -14.06 -10.03 -41.42
C ARG B 36 -13.36 -10.01 -40.04
N ARG B 37 -13.38 -11.14 -39.39
CA ARG B 37 -12.66 -11.25 -38.10
C ARG B 37 -11.13 -11.33 -38.27
N LEU B 38 -10.36 -10.46 -37.60
CA LEU B 38 -8.90 -10.55 -37.58
C LEU B 38 -8.47 -11.10 -36.25
N ASP B 39 -7.30 -11.69 -36.20
CA ASP B 39 -6.78 -12.25 -34.97
C ASP B 39 -5.53 -11.47 -34.60
N GLU B 40 -5.48 -11.02 -33.35
CA GLU B 40 -4.37 -10.18 -32.89
C GLU B 40 -3.01 -10.84 -32.98
N ARG B 41 -2.95 -12.18 -33.07
CA ARG B 41 -1.66 -12.82 -33.22
C ARG B 41 -1.08 -12.72 -34.64
N ASP B 42 -1.92 -12.40 -35.62
CA ASP B 42 -1.54 -12.48 -37.01
C ASP B 42 -1.12 -11.11 -37.50
N ALA B 43 -0.29 -11.10 -38.54
CA ALA B 43 -0.03 -9.87 -39.26
C ALA B 43 -1.26 -9.54 -40.05
N TRP B 44 -1.60 -8.27 -40.12
CA TRP B 44 -2.78 -7.89 -40.84
C TRP B 44 -2.46 -7.24 -42.17
N HIS B 45 -3.40 -7.43 -43.07
CA HIS B 45 -3.30 -6.99 -44.46
C HIS B 45 -4.67 -6.31 -44.66
N THR B 46 -4.67 -5.03 -44.48
CA THR B 46 -5.87 -4.28 -44.28
C THR B 46 -5.93 -3.21 -45.39
N GLU B 47 -7.12 -2.74 -45.74
CA GLU B 47 -7.23 -1.78 -46.84
C GLU B 47 -8.46 -0.93 -46.82
N THR B 48 -8.40 0.08 -47.69
CA THR B 48 -9.41 1.12 -47.87
C THR B 48 -10.71 0.48 -48.17
N GLY B 49 -11.75 0.91 -47.48
CA GLY B 49 -13.07 0.29 -47.66
C GLY B 49 -13.24 -1.00 -46.90
N GLY B 50 -12.18 -1.51 -46.30
CA GLY B 50 -12.33 -2.76 -45.56
C GLY B 50 -13.16 -2.67 -44.27
N ARG B 51 -13.79 -3.81 -43.93
CA ARG B 51 -14.66 -4.02 -42.81
C ARG B 51 -14.09 -5.18 -41.99
N TYR B 52 -13.74 -4.88 -40.74
CA TYR B 52 -13.03 -5.81 -39.89
C TYR B 52 -13.54 -5.72 -38.45
N TYR B 53 -13.35 -6.78 -37.69
CA TYR B 53 -13.48 -6.69 -36.27
C TYR B 53 -12.48 -7.60 -35.58
N VAL B 54 -12.18 -7.25 -34.35
CA VAL B 54 -11.27 -8.10 -33.59
C VAL B 54 -11.70 -8.12 -32.17
N THR B 55 -11.26 -9.14 -31.48
CA THR B 55 -11.75 -9.44 -30.17
C THR B 55 -10.54 -9.70 -29.29
N ARG B 56 -10.68 -9.43 -27.99
CA ARG B 56 -9.70 -9.83 -27.02
C ARG B 56 -10.43 -10.41 -25.78
N ASN B 57 -9.93 -11.56 -25.31
CA ASN B 57 -10.49 -12.36 -24.21
C ASN B 57 -11.94 -12.85 -24.51
N ASP B 58 -12.33 -12.77 -25.80
CA ASP B 58 -13.72 -13.08 -26.21
C ASP B 58 -14.80 -12.24 -25.49
N SER B 59 -14.36 -11.10 -24.93
CA SER B 59 -15.26 -10.23 -24.09
C SER B 59 -15.13 -8.76 -24.40
N SER B 60 -14.18 -8.40 -25.26
CA SER B 60 -14.01 -7.04 -25.74
C SER B 60 -13.93 -7.12 -27.25
N LEU B 61 -14.53 -6.16 -27.95
CA LEU B 61 -14.57 -6.17 -29.41
C LEU B 61 -14.32 -4.80 -29.94
N ILE B 62 -13.50 -4.76 -30.97
CA ILE B 62 -13.32 -3.53 -31.72
C ILE B 62 -13.71 -3.80 -33.18
N ALA B 63 -14.61 -2.99 -33.66
CA ALA B 63 -15.00 -3.05 -35.03
C ALA B 63 -14.47 -1.86 -35.79
N ILE B 64 -14.12 -2.10 -37.04
CA ILE B 64 -13.32 -1.16 -37.84
C ILE B 64 -13.89 -1.07 -39.25
N ARG B 65 -14.21 0.15 -39.66
CA ARG B 65 -14.54 0.47 -41.06
C ARG B 65 -13.54 1.43 -41.56
N LEU B 66 -12.69 1.03 -42.49
CA LEU B 66 -11.65 1.93 -43.00
C LEU B 66 -12.28 2.63 -44.13
N GLY B 67 -12.26 3.94 -44.05
CA GLY B 67 -12.80 4.79 -45.04
C GLY B 67 -11.80 4.96 -46.18
N ARG B 68 -12.07 5.95 -46.99
CA ARG B 68 -11.33 6.27 -48.17
C ARG B 68 -10.14 7.12 -47.80
N ARG B 69 -10.31 8.09 -46.90
CA ARG B 69 -9.16 8.85 -46.48
C ARG B 69 -8.42 8.09 -45.39
N SER B 70 -7.10 8.08 -45.45
CA SER B 70 -6.34 7.47 -44.41
C SER B 70 -6.60 8.14 -43.01
N PRO B 71 -6.50 7.31 -41.99
CA PRO B 71 -6.53 7.77 -40.61
C PRO B 71 -5.58 8.90 -40.35
N LEU B 72 -4.39 8.80 -40.93
CA LEU B 72 -3.38 9.82 -40.75
C LEU B 72 -3.92 11.21 -41.07
N GLU B 73 -4.68 11.32 -42.15
CA GLU B 73 -5.12 12.63 -42.58
C GLU B 73 -6.54 12.90 -42.28
N SER B 74 -7.37 11.88 -42.04
CA SER B 74 -8.78 12.17 -41.68
C SER B 74 -9.18 11.77 -40.26
N GLY B 75 -8.28 11.14 -39.53
CA GLY B 75 -8.60 10.67 -38.19
C GLY B 75 -9.58 9.50 -38.12
N PHE B 76 -9.90 9.11 -36.88
CA PHE B 76 -10.88 8.09 -36.62
C PHE B 76 -12.08 8.77 -35.96
N ARG B 77 -13.27 8.20 -36.22
CA ARG B 77 -14.46 8.54 -35.52
C ARG B 77 -14.69 7.37 -34.61
N LEU B 78 -14.47 7.55 -33.32
CA LEU B 78 -14.62 6.42 -32.41
C LEU B 78 -15.89 6.51 -31.55
N VAL B 79 -16.61 5.40 -31.41
CA VAL B 79 -17.64 5.27 -30.43
C VAL B 79 -17.20 4.18 -29.47
N GLY B 80 -17.14 4.56 -28.18
CA GLY B 80 -16.73 3.61 -27.10
C GLY B 80 -17.92 3.26 -26.22
N ALA B 81 -18.00 1.99 -25.81
CA ALA B 81 -19.05 1.56 -24.94
C ALA B 81 -18.45 0.42 -24.16
N HIS B 82 -19.24 -0.28 -23.36
CA HIS B 82 -18.66 -1.40 -22.59
C HIS B 82 -19.59 -2.60 -22.57
N THR B 83 -19.00 -3.79 -22.48
CA THR B 83 -19.74 -5.05 -22.60
C THR B 83 -20.20 -5.66 -21.32
N ASP B 84 -19.70 -5.15 -20.20
CA ASP B 84 -19.96 -5.67 -18.89
C ASP B 84 -21.00 -4.83 -18.13
N SER B 85 -21.59 -5.45 -17.13
CA SER B 85 -22.63 -4.88 -16.33
C SER B 85 -22.45 -5.51 -14.89
N PRO B 86 -22.83 -4.79 -13.82
CA PRO B 86 -22.75 -5.34 -12.46
C PRO B 86 -23.68 -6.53 -12.32
N CYS B 87 -23.21 -7.54 -11.62
CA CYS B 87 -23.91 -8.81 -11.52
C CYS B 87 -23.26 -9.70 -10.47
N LEU B 88 -23.75 -10.95 -10.37
CA LEU B 88 -23.21 -11.93 -9.40
C LEU B 88 -22.59 -13.03 -10.16
N ARG B 89 -21.39 -13.43 -9.73
CA ARG B 89 -20.56 -14.40 -10.44
C ARG B 89 -20.28 -15.56 -9.53
N VAL B 90 -20.29 -16.76 -10.09
CA VAL B 90 -20.04 -18.00 -9.32
C VAL B 90 -18.59 -18.11 -8.82
N LYS B 91 -18.42 -18.42 -7.56
CA LYS B 91 -17.09 -18.67 -7.01
C LYS B 91 -16.45 -19.95 -7.55
N PRO B 92 -15.12 -20.07 -7.40
CA PRO B 92 -14.42 -21.25 -8.00
C PRO B 92 -14.63 -22.59 -7.31
N ASN B 93 -14.99 -22.58 -6.03
CA ASN B 93 -15.36 -23.75 -5.22
C ASN B 93 -16.72 -23.47 -4.58
N PRO B 94 -17.79 -23.51 -5.36
CA PRO B 94 -18.95 -22.74 -4.96
C PRO B 94 -20.05 -23.50 -4.18
N GLU B 95 -20.00 -24.81 -4.22
CA GLU B 95 -21.05 -25.67 -3.64
C GLU B 95 -21.31 -25.38 -2.21
N ILE B 96 -22.49 -24.88 -1.89
CA ILE B 96 -22.87 -24.69 -0.49
C ILE B 96 -24.10 -25.56 -0.24
N ALA B 97 -24.01 -26.46 0.72
CA ALA B 97 -25.07 -27.39 0.99
C ALA B 97 -25.58 -27.17 2.39
N ARG B 98 -26.76 -26.61 2.56
CA ARG B 98 -27.33 -26.51 3.89
C ARG B 98 -28.82 -26.42 3.91
N ASN B 99 -29.41 -26.86 5.03
CA ASN B 99 -30.86 -27.07 5.13
C ASN B 99 -31.46 -27.75 3.86
N GLY B 100 -30.79 -28.76 3.32
CA GLY B 100 -31.33 -29.56 2.29
C GLY B 100 -31.22 -28.88 0.92
N PHE B 101 -30.71 -27.66 0.84
CA PHE B 101 -30.49 -27.00 -0.48
C PHE B 101 -29.06 -27.12 -1.01
N LEU B 102 -28.93 -26.99 -2.30
CA LEU B 102 -27.69 -26.65 -2.94
C LEU B 102 -27.79 -25.20 -3.40
N GLN B 103 -26.79 -24.44 -3.00
CA GLN B 103 -26.62 -23.08 -3.38
C GLN B 103 -25.25 -22.93 -4.01
N LEU B 104 -25.07 -21.82 -4.70
CA LEU B 104 -23.75 -21.48 -5.22
C LEU B 104 -23.24 -20.18 -4.61
N GLY B 105 -21.99 -20.21 -4.11
CA GLY B 105 -21.32 -19.02 -3.62
C GLY B 105 -21.10 -18.03 -4.75
N VAL B 106 -21.33 -16.74 -4.46
CA VAL B 106 -21.12 -15.69 -5.45
C VAL B 106 -20.27 -14.52 -5.03
N GLU B 107 -19.53 -13.95 -5.99
CA GLU B 107 -18.86 -12.66 -5.84
C GLU B 107 -19.78 -11.64 -6.47
N VAL B 108 -19.75 -10.45 -5.94
CA VAL B 108 -20.38 -9.32 -6.56
C VAL B 108 -19.47 -8.68 -7.54
N TYR B 109 -19.89 -8.56 -8.78
CA TYR B 109 -19.05 -7.99 -9.80
C TYR B 109 -19.59 -6.61 -10.00
N GLY B 110 -18.72 -5.63 -9.82
CA GLY B 110 -19.12 -4.28 -10.10
C GLY B 110 -19.94 -3.67 -8.98
N GLY B 111 -20.38 -2.45 -9.18
CA GLY B 111 -21.13 -1.78 -8.11
C GLY B 111 -22.63 -2.05 -8.21
N ALA B 112 -23.03 -3.31 -8.01
CA ALA B 112 -24.43 -3.72 -8.06
C ALA B 112 -25.31 -3.22 -6.90
N LEU B 113 -26.55 -2.84 -7.23
CA LEU B 113 -27.59 -2.73 -6.22
C LEU B 113 -28.01 -4.13 -5.80
N PHE B 114 -27.80 -4.51 -4.55
CA PHE B 114 -28.12 -5.87 -4.10
C PHE B 114 -29.62 -6.16 -4.10
N ALA B 115 -30.41 -5.23 -3.58
CA ALA B 115 -31.78 -5.61 -3.25
C ALA B 115 -32.59 -6.12 -4.48
N PRO B 116 -32.41 -5.46 -5.64
CA PRO B 116 -33.17 -5.92 -6.79
C PRO B 116 -32.84 -7.33 -7.28
N TRP B 117 -31.69 -7.89 -6.89
CA TRP B 117 -31.36 -9.28 -7.22
C TRP B 117 -32.22 -10.32 -6.54
N PHE B 118 -32.88 -9.90 -5.45
CA PHE B 118 -33.71 -10.85 -4.70
C PHE B 118 -35.03 -11.05 -5.42
N ASP B 119 -35.57 -12.26 -5.31
CA ASP B 119 -36.90 -12.56 -5.81
C ASP B 119 -37.06 -12.33 -7.32
N ARG B 120 -36.07 -12.88 -8.04
CA ARG B 120 -36.00 -12.89 -9.47
C ARG B 120 -35.67 -14.29 -9.92
N ASP B 121 -36.15 -14.64 -11.10
CA ASP B 121 -35.98 -15.97 -11.69
C ASP B 121 -34.68 -15.90 -12.48
N LEU B 122 -33.60 -16.36 -11.87
CA LEU B 122 -32.27 -16.27 -12.46
C LEU B 122 -31.87 -17.52 -13.22
N SER B 123 -31.16 -17.30 -14.34
CA SER B 123 -30.41 -18.38 -14.97
C SER B 123 -28.90 -18.01 -14.85
N LEU B 124 -28.04 -18.71 -15.57
CA LEU B 124 -26.60 -18.61 -15.39
C LEU B 124 -25.93 -18.86 -16.74
N ALA B 125 -24.94 -18.03 -17.05
CA ALA B 125 -24.26 -18.13 -18.34
C ALA B 125 -22.82 -17.70 -18.23
N GLY B 126 -21.97 -18.14 -19.16
CA GLY B 126 -20.66 -17.57 -19.23
C GLY B 126 -19.67 -18.44 -19.87
N ARG B 127 -18.40 -18.22 -19.57
CA ARG B 127 -17.33 -18.99 -20.18
C ARG B 127 -16.97 -20.13 -19.27
N VAL B 128 -16.84 -21.33 -19.86
CA VAL B 128 -16.27 -22.51 -19.18
C VAL B 128 -14.96 -22.96 -19.82
N THR B 129 -13.92 -23.17 -19.01
CA THR B 129 -12.64 -23.63 -19.55
C THR B 129 -12.39 -25.04 -19.08
N PHE B 130 -12.10 -25.92 -20.03
CA PHE B 130 -12.05 -27.36 -19.71
C PHE B 130 -11.00 -28.09 -20.56
N ARG B 131 -10.78 -29.34 -20.25
CA ARG B 131 -9.91 -30.16 -21.05
C ARG B 131 -10.79 -31.19 -21.73
N ALA B 132 -10.60 -31.36 -23.03
CA ALA B 132 -11.22 -32.44 -23.79
C ALA B 132 -10.12 -33.01 -24.66
N ASN B 133 -10.02 -34.34 -24.67
CA ASN B 133 -8.96 -35.06 -25.37
C ASN B 133 -7.64 -34.46 -25.07
N GLY B 134 -7.32 -34.20 -23.83
CA GLY B 134 -5.98 -33.72 -23.56
C GLY B 134 -5.79 -32.29 -24.00
N LYS B 135 -6.79 -31.69 -24.66
CA LYS B 135 -6.67 -30.30 -25.04
C LYS B 135 -7.52 -29.31 -24.20
N LEU B 136 -6.91 -28.19 -23.92
CA LEU B 136 -7.51 -27.11 -23.17
C LEU B 136 -8.38 -26.32 -24.09
N GLU B 137 -9.65 -26.11 -23.77
CA GLU B 137 -10.58 -25.33 -24.62
C GLU B 137 -11.58 -24.55 -23.77
N SER B 138 -12.21 -23.53 -24.40
CA SER B 138 -13.26 -22.78 -23.74
C SER B 138 -14.50 -22.78 -24.59
N ARG B 139 -15.67 -22.75 -23.93
CA ARG B 139 -16.92 -22.55 -24.60
C ARG B 139 -17.76 -21.68 -23.74
N LEU B 140 -18.73 -21.02 -24.34
CA LEU B 140 -19.79 -20.39 -23.63
C LEU B 140 -20.90 -21.35 -23.35
N VAL B 141 -21.45 -21.24 -22.15
CA VAL B 141 -22.70 -21.88 -21.81
C VAL B 141 -23.75 -20.86 -21.41
N ASP B 142 -24.98 -21.29 -21.59
CA ASP B 142 -26.13 -20.54 -21.11
C ASP B 142 -27.22 -21.53 -20.79
N PHE B 143 -27.47 -21.71 -19.50
CA PHE B 143 -28.50 -22.63 -19.03
C PHE B 143 -29.91 -22.22 -19.50
N ARG B 144 -30.15 -20.92 -19.67
CA ARG B 144 -31.42 -20.34 -20.17
C ARG B 144 -32.62 -20.44 -19.24
N LYS B 145 -32.92 -21.65 -18.82
CA LYS B 145 -33.99 -21.93 -17.89
C LYS B 145 -33.70 -21.23 -16.56
N ALA B 146 -34.77 -20.85 -15.89
CA ALA B 146 -34.61 -20.17 -14.61
C ALA B 146 -34.26 -21.23 -13.56
N ILE B 147 -32.98 -21.39 -13.23
CA ILE B 147 -32.56 -22.46 -12.36
C ILE B 147 -32.20 -21.99 -10.93
N ALA B 148 -32.32 -20.71 -10.67
CA ALA B 148 -31.84 -20.14 -9.45
C ALA B 148 -32.66 -18.96 -8.96
N VAL B 149 -32.61 -18.77 -7.65
CA VAL B 149 -33.33 -17.68 -6.96
C VAL B 149 -32.63 -17.32 -5.64
N ILE B 150 -32.54 -16.01 -5.40
CA ILE B 150 -32.09 -15.46 -4.12
C ILE B 150 -33.34 -14.92 -3.43
N PRO B 151 -33.97 -15.72 -2.59
CA PRO B 151 -35.19 -15.25 -1.99
C PRO B 151 -35.01 -14.22 -0.87
N ASN B 152 -35.91 -13.23 -0.80
CA ASN B 152 -35.97 -12.41 0.41
C ASN B 152 -36.31 -13.21 1.64
N LEU B 153 -35.88 -12.73 2.80
CA LEU B 153 -36.41 -13.23 4.08
C LEU B 153 -37.79 -12.61 4.28
N ALA B 154 -38.77 -13.40 4.70
CA ALA B 154 -40.14 -12.87 4.93
C ALA B 154 -40.13 -11.64 5.86
N ILE B 155 -41.01 -10.70 5.62
CA ILE B 155 -41.11 -9.56 6.52
C ILE B 155 -41.46 -9.96 7.96
N HIS B 156 -42.29 -11.01 8.10
CA HIS B 156 -42.64 -11.58 9.39
C HIS B 156 -41.45 -11.91 10.24
N LEU B 157 -40.29 -12.22 9.66
CA LEU B 157 -39.07 -12.60 10.42
C LEU B 157 -38.00 -11.54 10.34
N ASN B 158 -38.37 -10.37 9.85
CA ASN B 158 -37.45 -9.27 9.63
C ASN B 158 -38.37 -8.04 9.60
N ARG B 159 -39.07 -7.82 10.70
CA ARG B 159 -40.16 -6.83 10.82
C ARG B 159 -39.78 -5.40 10.45
N ALA B 160 -38.53 -5.01 10.70
CA ALA B 160 -38.07 -3.68 10.28
C ALA B 160 -37.36 -3.69 8.89
N ALA B 161 -37.56 -4.74 8.08
CA ALA B 161 -37.07 -4.82 6.71
C ALA B 161 -37.11 -3.53 5.91
N ASN B 162 -38.24 -2.83 5.99
CA ASN B 162 -38.43 -1.55 5.26
C ASN B 162 -37.66 -0.37 5.88
N GLU B 163 -37.09 -0.54 7.07
CA GLU B 163 -36.21 0.49 7.63
C GLU B 163 -34.84 0.44 7.01
N GLY B 164 -34.51 -0.66 6.33
CA GLY B 164 -33.20 -0.81 5.70
C GLY B 164 -32.32 -1.63 6.65
N TRP B 165 -31.51 -2.53 6.09
CA TRP B 165 -30.38 -3.13 6.81
C TRP B 165 -29.23 -3.29 5.81
N PRO B 166 -27.96 -3.43 6.30
CA PRO B 166 -26.85 -3.62 5.37
C PRO B 166 -26.79 -5.08 4.88
N ILE B 167 -27.14 -5.25 3.59
CA ILE B 167 -27.24 -6.57 2.99
C ILE B 167 -25.84 -7.07 2.88
N ASN B 168 -25.62 -8.23 3.47
CA ASN B 168 -24.31 -8.78 3.46
C ASN B 168 -24.19 -9.76 2.29
N ALA B 169 -23.25 -9.52 1.41
CA ALA B 169 -23.16 -10.23 0.15
C ALA B 169 -22.67 -11.65 0.37
N GLN B 170 -21.76 -11.83 1.30
CA GLN B 170 -21.26 -13.19 1.57
C GLN B 170 -22.40 -14.07 2.00
N ASN B 171 -23.30 -13.54 2.81
CA ASN B 171 -24.28 -14.37 3.49
C ASN B 171 -25.63 -14.44 2.81
N GLU B 172 -26.06 -13.33 2.25
CA GLU B 172 -27.46 -13.17 1.82
C GLU B 172 -27.63 -13.35 0.32
N LEU B 173 -26.57 -13.25 -0.45
CA LEU B 173 -26.67 -13.42 -1.91
C LEU B 173 -26.48 -14.79 -2.55
N PRO B 174 -25.95 -15.83 -1.83
CA PRO B 174 -25.85 -17.06 -2.61
C PRO B 174 -27.20 -17.59 -3.12
N PRO B 175 -27.31 -17.79 -4.43
CA PRO B 175 -28.59 -18.27 -4.91
C PRO B 175 -28.80 -19.77 -4.61
N ILE B 176 -30.06 -20.12 -4.36
CA ILE B 176 -30.55 -21.52 -4.36
C ILE B 176 -30.82 -21.94 -5.78
N ILE B 177 -30.25 -23.08 -6.13
CA ILE B 177 -30.44 -23.75 -7.44
C ILE B 177 -31.12 -25.13 -7.33
N ALA B 178 -31.05 -25.78 -6.17
CA ALA B 178 -31.65 -27.07 -6.06
C ALA B 178 -31.84 -27.53 -4.59
N GLN B 179 -32.49 -28.69 -4.45
CA GLN B 179 -32.53 -29.42 -3.22
C GLN B 179 -31.75 -30.71 -3.43
N LEU B 180 -31.11 -31.19 -2.39
CA LEU B 180 -30.29 -32.40 -2.44
C LEU B 180 -30.94 -33.53 -1.66
N ALA B 181 -30.92 -34.73 -2.21
CA ALA B 181 -31.39 -35.89 -1.46
C ALA B 181 -30.43 -36.20 -0.31
N PRO B 182 -30.91 -36.91 0.71
CA PRO B 182 -30.07 -37.47 1.78
C PRO B 182 -28.84 -38.16 1.23
N GLY B 183 -27.67 -37.77 1.74
CA GLY B 183 -26.39 -38.26 1.26
C GLY B 183 -26.01 -37.90 -0.18
N GLU B 184 -26.80 -37.12 -0.91
CA GLU B 184 -26.46 -36.86 -2.31
C GLU B 184 -25.30 -35.84 -2.38
N ALA B 185 -24.32 -36.10 -3.19
CA ALA B 185 -23.23 -35.17 -3.33
C ALA B 185 -23.58 -34.15 -4.39
N ALA B 186 -22.88 -33.04 -4.36
CA ALA B 186 -23.12 -31.95 -5.28
C ALA B 186 -21.82 -31.70 -5.99
N ASP B 187 -21.87 -31.63 -7.31
CA ASP B 187 -20.73 -31.29 -8.08
C ASP B 187 -21.04 -30.32 -9.21
N PHE B 188 -20.71 -29.05 -9.00
CA PHE B 188 -21.09 -28.01 -9.95
C PHE B 188 -20.38 -28.22 -11.27
N ARG B 189 -19.15 -28.65 -11.18
CA ARG B 189 -18.35 -28.90 -12.35
C ARG B 189 -19.00 -30.00 -13.18
N LEU B 190 -19.54 -31.03 -12.52
CA LEU B 190 -20.31 -32.07 -13.25
C LEU B 190 -21.51 -31.51 -13.94
N LEU B 191 -22.17 -30.54 -13.30
CA LEU B 191 -23.34 -29.91 -13.93
C LEU B 191 -22.90 -29.22 -15.21
N LEU B 192 -21.76 -28.53 -15.15
CA LEU B 192 -21.20 -27.85 -16.34
C LEU B 192 -20.87 -28.82 -17.44
N ASP B 193 -20.37 -29.98 -17.06
CA ASP B 193 -20.07 -31.06 -18.00
C ASP B 193 -21.34 -31.49 -18.77
N GLU B 194 -22.43 -31.65 -18.04
CA GLU B 194 -23.70 -31.96 -18.68
C GLU B 194 -24.13 -30.83 -19.57
N GLN B 195 -23.86 -29.58 -19.20
CA GLN B 195 -24.40 -28.47 -20.00
C GLN B 195 -23.62 -28.38 -21.31
N LEU B 196 -22.33 -28.56 -21.22
CA LEU B 196 -21.47 -28.67 -22.41
C LEU B 196 -21.94 -29.72 -23.39
N LEU B 197 -22.28 -30.88 -22.82
CA LEU B 197 -22.78 -31.97 -23.61
C LEU B 197 -24.11 -31.56 -24.24
N ARG B 198 -25.07 -31.08 -23.46
CA ARG B 198 -26.37 -30.64 -24.01
C ARG B 198 -26.21 -29.53 -24.99
N GLU B 199 -25.35 -28.57 -24.73
CA GLU B 199 -25.40 -27.36 -25.53
C GLU B 199 -24.47 -27.44 -26.72
N HIS B 200 -23.37 -28.14 -26.55
CA HIS B 200 -22.37 -28.22 -27.60
C HIS B 200 -22.07 -29.67 -28.05
N GLY B 201 -22.62 -30.67 -27.38
CA GLY B 201 -22.37 -32.03 -27.82
C GLY B 201 -20.95 -32.45 -27.52
N ILE B 202 -20.35 -31.84 -26.53
CA ILE B 202 -18.96 -32.12 -26.20
C ILE B 202 -19.00 -32.80 -24.88
N THR B 203 -18.04 -33.66 -24.68
CA THR B 203 -17.94 -34.35 -23.43
C THR B 203 -16.50 -34.06 -22.94
N ALA B 204 -16.36 -33.42 -21.77
CA ALA B 204 -15.06 -32.98 -21.29
C ALA B 204 -14.37 -34.04 -20.47
N ASP B 205 -13.04 -34.08 -20.47
CA ASP B 205 -12.27 -34.90 -19.57
C ASP B 205 -12.37 -34.25 -18.21
N VAL B 206 -12.26 -32.94 -18.15
CA VAL B 206 -12.34 -32.26 -16.83
C VAL B 206 -12.63 -30.78 -17.03
N VAL B 207 -13.60 -30.31 -16.25
CA VAL B 207 -14.00 -28.92 -16.20
C VAL B 207 -13.14 -28.29 -15.16
N LEU B 208 -12.39 -27.30 -15.61
CA LEU B 208 -11.38 -26.65 -14.80
C LEU B 208 -11.84 -25.39 -14.10
N ASP B 209 -12.28 -24.41 -14.87
CA ASP B 209 -12.54 -23.06 -14.31
C ASP B 209 -13.57 -22.38 -15.15
N TYR B 210 -14.19 -21.30 -14.63
CA TYR B 210 -15.32 -20.71 -15.35
C TYR B 210 -15.52 -19.31 -14.92
N GLU B 211 -16.10 -18.51 -15.79
CA GLU B 211 -16.54 -17.16 -15.46
C GLU B 211 -18.02 -17.10 -15.81
N LEU B 212 -18.83 -17.26 -14.76
CA LEU B 212 -20.26 -17.40 -14.92
C LEU B 212 -21.01 -16.37 -14.13
N SER B 213 -21.98 -15.78 -14.80
CA SER B 213 -22.85 -14.75 -14.27
C SER B 213 -24.31 -15.19 -14.22
N PHE B 214 -24.93 -14.96 -13.07
CA PHE B 214 -26.35 -15.02 -12.97
C PHE B 214 -26.96 -13.85 -13.72
N TYR B 215 -28.18 -14.05 -14.22
CA TYR B 215 -28.89 -13.01 -14.92
C TYR B 215 -30.32 -13.35 -14.86
N ASP B 216 -31.12 -12.34 -15.07
CA ASP B 216 -32.60 -12.39 -15.05
C ASP B 216 -33.20 -12.94 -16.33
N THR B 217 -34.07 -13.95 -16.17
CA THR B 217 -34.75 -14.59 -17.30
C THR B 217 -35.87 -13.73 -17.83
N GLN B 218 -36.36 -12.74 -17.11
CA GLN B 218 -37.34 -11.84 -17.68
C GLN B 218 -36.67 -10.94 -18.74
N SER B 219 -37.19 -11.04 -19.94
CA SER B 219 -36.68 -10.32 -21.06
C SER B 219 -36.91 -8.87 -20.82
N ALA B 220 -36.11 -8.07 -21.49
CA ALA B 220 -36.43 -6.67 -21.62
C ALA B 220 -37.78 -6.49 -22.30
N ALA B 221 -38.47 -5.42 -21.93
CA ALA B 221 -39.87 -5.12 -22.38
C ALA B 221 -40.16 -3.61 -22.42
N VAL B 222 -41.05 -3.19 -23.33
CA VAL B 222 -41.48 -1.79 -23.30
C VAL B 222 -42.54 -1.71 -22.24
N VAL B 223 -42.59 -0.58 -21.55
CA VAL B 223 -43.49 -0.38 -20.42
C VAL B 223 -43.97 1.08 -20.48
N GLY B 224 -45.14 1.33 -19.90
CA GLY B 224 -45.69 2.66 -19.90
C GLY B 224 -47.04 2.69 -20.54
N LEU B 225 -47.91 3.56 -20.01
CA LEU B 225 -49.24 3.75 -20.53
C LEU B 225 -49.19 3.99 -22.03
N ASN B 226 -48.25 4.81 -22.47
CA ASN B 226 -48.02 5.08 -23.90
C ASN B 226 -46.68 4.53 -24.40
N ASP B 227 -46.22 3.42 -23.81
CA ASP B 227 -44.96 2.80 -24.27
C ASP B 227 -43.77 3.73 -24.25
N GLU B 228 -43.69 4.56 -23.22
CA GLU B 228 -42.61 5.52 -23.10
C GLU B 228 -41.24 4.97 -22.80
N PHE B 229 -41.21 3.76 -22.27
CA PHE B 229 -40.04 3.25 -21.56
C PHE B 229 -39.61 1.86 -22.02
N ILE B 230 -38.34 1.58 -21.73
CA ILE B 230 -37.80 0.25 -21.85
C ILE B 230 -37.15 -0.16 -20.54
N ALA B 231 -37.48 -1.36 -20.10
CA ALA B 231 -37.04 -1.92 -18.85
C ALA B 231 -36.28 -3.18 -19.15
N GLY B 232 -35.14 -3.33 -18.51
CA GLY B 232 -34.33 -4.50 -18.70
C GLY B 232 -33.03 -4.46 -17.92
N ALA B 233 -32.48 -5.63 -17.72
CA ALA B 233 -31.14 -5.76 -17.21
C ALA B 233 -30.20 -5.32 -18.33
N ARG B 234 -29.04 -4.78 -17.93
CA ARG B 234 -27.86 -4.56 -18.76
C ARG B 234 -27.98 -3.43 -19.78
N LEU B 235 -28.94 -2.53 -19.59
CA LEU B 235 -29.01 -1.34 -20.36
C LEU B 235 -27.69 -0.59 -20.23
N ASP B 236 -27.20 -0.49 -19.02
CA ASP B 236 -25.87 -0.05 -18.79
C ASP B 236 -25.00 -1.28 -18.97
N ASN B 237 -24.35 -1.45 -20.12
CA ASN B 237 -24.29 -0.48 -21.21
C ASN B 237 -24.45 -1.19 -22.55
N LEU B 238 -25.25 -2.27 -22.57
CA LEU B 238 -25.65 -2.88 -23.83
C LEU B 238 -26.53 -1.99 -24.69
N LEU B 239 -27.18 -0.99 -24.07
CA LEU B 239 -27.96 -0.02 -24.78
C LEU B 239 -27.02 0.74 -25.75
N SER B 240 -25.88 1.19 -25.23
CA SER B 240 -24.91 1.89 -26.08
C SER B 240 -24.18 0.96 -27.08
N CYS B 241 -23.90 -0.29 -26.71
CA CYS B 241 -23.27 -1.24 -27.62
C CYS B 241 -24.17 -1.44 -28.82
N HIS B 242 -25.45 -1.61 -28.53
CA HIS B 242 -26.41 -1.81 -29.58
C HIS B 242 -26.57 -0.59 -30.44
N ALA B 243 -26.72 0.57 -29.81
CA ALA B 243 -26.84 1.82 -30.55
C ALA B 243 -25.64 2.01 -31.47
N GLY B 244 -24.44 1.78 -30.94
CA GLY B 244 -23.22 1.96 -31.70
C GLY B 244 -23.08 1.07 -32.92
N LEU B 245 -23.37 -0.20 -32.67
CA LEU B 245 -23.38 -1.19 -33.71
C LEU B 245 -24.34 -0.80 -34.88
N GLU B 246 -25.55 -0.34 -34.53
CA GLU B 246 -26.55 -0.01 -35.51
C GLU B 246 -26.06 1.21 -36.27
N ALA B 247 -25.48 2.15 -35.57
CA ALA B 247 -24.98 3.34 -36.24
C ALA B 247 -23.85 2.94 -37.19
N LEU B 248 -22.99 2.04 -36.75
CA LEU B 248 -21.84 1.66 -37.59
C LEU B 248 -22.26 0.89 -38.87
N LEU B 249 -23.17 -0.09 -38.71
CA LEU B 249 -23.68 -0.85 -39.84
C LEU B 249 -24.43 0.04 -40.83
N ASN B 250 -25.05 1.11 -40.39
CA ASN B 250 -25.89 1.89 -41.28
C ASN B 250 -25.27 3.18 -41.69
N ALA B 251 -24.08 3.52 -41.20
CA ALA B 251 -23.57 4.86 -41.45
C ALA B 251 -23.23 5.05 -42.94
N GLU B 252 -23.45 6.25 -43.41
CA GLU B 252 -23.07 6.66 -44.71
C GLU B 252 -21.70 7.28 -44.56
N GLY B 253 -21.20 7.76 -45.67
CA GLY B 253 -19.91 8.42 -45.70
C GLY B 253 -18.84 7.40 -45.87
N ASP B 254 -17.61 7.84 -45.79
CA ASP B 254 -16.45 6.98 -46.06
C ASP B 254 -15.33 7.40 -45.14
N GLU B 255 -15.71 7.70 -43.90
CA GLU B 255 -14.76 7.97 -42.85
C GLU B 255 -14.25 6.68 -42.20
N ASN B 256 -13.19 6.82 -41.45
CA ASN B 256 -12.68 5.69 -40.67
C ASN B 256 -13.45 5.59 -39.35
N CYS B 257 -14.22 4.51 -39.20
CA CYS B 257 -15.14 4.38 -38.10
C CYS B 257 -14.65 3.22 -37.22
N ILE B 258 -14.62 3.49 -35.92
CA ILE B 258 -14.32 2.50 -34.93
C ILE B 258 -15.44 2.33 -33.94
N LEU B 259 -15.79 1.09 -33.62
CA LEU B 259 -16.65 0.75 -32.49
C LEU B 259 -15.83 -0.06 -31.51
N VAL B 260 -15.65 0.50 -30.29
CA VAL B 260 -14.81 -0.18 -29.28
C VAL B 260 -15.69 -0.43 -28.08
N CYS B 261 -15.92 -1.69 -27.83
CA CYS B 261 -16.73 -2.17 -26.72
C CYS B 261 -15.88 -3.00 -25.83
N THR B 262 -15.48 -2.42 -24.68
CA THR B 262 -14.56 -3.09 -23.74
C THR B 262 -15.23 -3.70 -22.51
N ASP B 263 -14.65 -4.78 -22.03
CA ASP B 263 -15.03 -5.47 -20.80
C ASP B 263 -14.38 -4.70 -19.63
N HIS B 264 -14.83 -5.04 -18.43
CA HIS B 264 -14.30 -4.55 -17.19
C HIS B 264 -14.38 -3.07 -16.93
N GLU B 265 -15.30 -2.35 -17.57
CA GLU B 265 -15.48 -0.92 -17.25
C GLU B 265 -16.12 -0.74 -15.86
N GLU B 266 -16.88 -1.74 -15.40
CA GLU B 266 -17.64 -1.57 -14.16
C GLU B 266 -16.71 -1.73 -13.00
N VAL B 267 -15.50 -2.19 -13.27
CA VAL B 267 -14.53 -2.29 -12.18
C VAL B 267 -13.27 -1.51 -12.36
N GLY B 268 -13.29 -0.40 -13.08
CA GLY B 268 -12.11 0.45 -13.23
C GLY B 268 -11.33 0.27 -14.55
N SER B 269 -11.70 -0.74 -15.35
CA SER B 269 -11.08 -0.94 -16.70
C SER B 269 -9.60 -1.43 -16.80
N CYS B 270 -8.92 -1.76 -15.71
CA CYS B 270 -7.55 -2.31 -15.78
C CYS B 270 -7.48 -3.87 -15.72
N SER B 271 -7.44 -4.69 -16.79
CA SER B 271 -6.97 -6.15 -16.54
C SER B 271 -6.87 -7.49 -17.34
N HIS B 272 -7.99 -8.17 -17.63
CA HIS B 272 -7.98 -9.69 -17.77
C HIS B 272 -7.38 -10.45 -19.02
N CYS B 273 -7.41 -9.88 -20.23
CA CYS B 273 -7.53 -8.38 -20.42
C CYS B 273 -8.71 -7.72 -21.32
N GLY B 274 -8.25 -6.72 -22.05
CA GLY B 274 -9.16 -5.87 -22.77
C GLY B 274 -9.49 -4.90 -21.70
N ALA B 275 -10.25 -3.92 -22.10
CA ALA B 275 -10.31 -2.67 -21.35
C ALA B 275 -9.04 -1.86 -21.61
N ASP B 276 -8.84 -0.84 -20.77
CA ASP B 276 -7.98 0.31 -21.03
C ASP B 276 -7.00 0.46 -19.87
N GLY B 277 -5.82 -0.17 -19.98
CA GLY B 277 -5.56 -1.22 -21.01
C GLY B 277 -5.27 -0.87 -22.52
N PRO B 278 -4.27 -1.53 -23.11
CA PRO B 278 -3.77 -1.14 -24.41
C PRO B 278 -4.36 -1.87 -25.64
N PHE B 279 -5.52 -2.53 -25.51
CA PHE B 279 -6.19 -3.19 -26.63
C PHE B 279 -6.44 -2.18 -27.79
N LEU B 280 -7.13 -1.10 -27.48
CA LEU B 280 -7.46 -0.12 -28.52
C LEU B 280 -6.26 0.46 -29.17
N GLU B 281 -5.31 0.89 -28.35
CA GLU B 281 -4.08 1.49 -28.86
C GLU B 281 -3.37 0.51 -29.80
N GLN B 282 -3.19 -0.70 -29.32
CA GLN B 282 -2.48 -1.69 -30.08
C GLN B 282 -3.21 -2.01 -31.39
N VAL B 283 -4.55 -2.00 -31.37
CA VAL B 283 -5.30 -2.18 -32.60
C VAL B 283 -5.15 -0.95 -33.53
N LEU B 284 -5.24 0.26 -32.98
CA LEU B 284 -5.23 1.45 -33.86
C LEU B 284 -3.87 1.59 -34.55
N ARG B 285 -2.80 1.39 -33.79
CA ARG B 285 -1.44 1.46 -34.33
C ARG B 285 -1.20 0.54 -35.51
N ARG B 286 -1.83 -0.63 -35.53
CA ARG B 286 -1.71 -1.55 -36.66
C ARG B 286 -2.44 -1.09 -37.87
N LEU B 287 -3.21 0.01 -37.81
CA LEU B 287 -3.88 0.53 -38.95
C LEU B 287 -3.13 1.69 -39.55
N LEU B 288 -1.96 1.99 -39.00
CA LEU B 288 -1.22 3.18 -39.39
C LEU B 288 0.26 2.89 -39.60
N PRO B 289 0.97 3.75 -40.32
CA PRO B 289 2.44 3.65 -40.34
C PRO B 289 3.08 3.86 -38.99
N GLU B 290 4.36 3.54 -38.96
CA GLU B 290 5.23 3.73 -37.81
C GLU B 290 5.58 5.22 -37.74
N GLY B 291 6.22 5.66 -36.69
CA GLY B 291 6.59 7.07 -36.56
C GLY B 291 5.50 7.93 -35.95
N ASP B 292 5.37 9.16 -36.43
CA ASP B 292 4.46 10.09 -35.83
C ASP B 292 3.02 9.84 -36.28
N ALA B 293 2.79 8.77 -37.02
CA ALA B 293 1.51 8.68 -37.69
C ALA B 293 0.38 8.56 -36.67
N PHE B 294 0.61 7.72 -35.68
CA PHE B 294 -0.38 7.48 -34.69
C PHE B 294 -0.76 8.77 -33.94
N SER B 295 0.20 9.52 -33.39
CA SER B 295 -0.10 10.80 -32.72
C SER B 295 -0.85 11.75 -33.59
N ARG B 296 -0.41 11.86 -34.82
CA ARG B 296 -1.08 12.73 -35.81
C ARG B 296 -2.54 12.30 -36.04
N ALA B 297 -2.76 11.00 -36.26
CA ALA B 297 -4.12 10.49 -36.49
C ALA B 297 -5.05 10.75 -35.30
N ILE B 298 -4.56 10.44 -34.11
CA ILE B 298 -5.28 10.66 -32.86
C ILE B 298 -5.64 12.13 -32.61
N GLN B 299 -4.74 13.06 -32.94
CA GLN B 299 -5.05 14.48 -32.88
C GLN B 299 -6.03 14.93 -33.91
N ARG B 300 -6.38 14.09 -34.87
CA ARG B 300 -7.47 14.43 -35.83
C ARG B 300 -8.71 13.57 -35.53
N SER B 301 -8.68 12.83 -34.42
CA SER B 301 -9.80 11.91 -34.07
C SER B 301 -10.70 12.48 -32.97
N LEU B 302 -11.84 11.87 -32.79
CA LEU B 302 -12.71 12.15 -31.66
C LEU B 302 -13.37 10.87 -31.17
N LEU B 303 -13.45 10.73 -29.87
CA LEU B 303 -14.08 9.60 -29.22
C LEU B 303 -15.41 10.07 -28.66
N VAL B 304 -16.52 9.49 -29.09
CA VAL B 304 -17.79 9.65 -28.43
C VAL B 304 -17.92 8.46 -27.48
N SER B 305 -17.80 8.77 -26.18
CA SER B 305 -17.86 7.76 -25.10
C SER B 305 -19.31 7.66 -24.62
N ALA B 306 -20.00 6.60 -25.05
CA ALA B 306 -21.42 6.47 -24.87
C ALA B 306 -21.66 5.57 -23.72
N ASP B 307 -22.09 6.12 -22.61
CA ASP B 307 -22.42 5.30 -21.46
C ASP B 307 -23.62 5.97 -20.81
N ASN B 308 -24.54 5.18 -20.29
CA ASN B 308 -25.80 5.74 -19.78
C ASN B 308 -25.68 6.89 -18.76
N ALA B 309 -26.56 7.88 -18.91
CA ALA B 309 -26.64 8.97 -17.97
C ALA B 309 -27.83 8.79 -17.00
N HIS B 310 -27.83 9.62 -15.96
CA HIS B 310 -28.94 9.67 -15.02
C HIS B 310 -30.02 10.68 -15.37
N GLY B 311 -31.19 10.15 -15.69
CA GLY B 311 -32.39 10.98 -15.74
C GLY B 311 -32.76 11.48 -14.34
N VAL B 312 -33.39 12.64 -14.29
CA VAL B 312 -33.92 13.12 -13.01
C VAL B 312 -35.17 12.27 -12.64
N HIS B 313 -35.11 11.67 -11.48
CA HIS B 313 -36.11 10.75 -10.98
C HIS B 313 -37.12 11.55 -10.16
N PRO B 314 -38.38 11.47 -10.50
CA PRO B 314 -39.37 12.31 -9.77
C PRO B 314 -39.63 11.93 -8.32
N ASN B 315 -39.36 10.70 -7.91
CA ASN B 315 -39.36 10.38 -6.48
C ASN B 315 -38.07 10.67 -5.76
N TYR B 316 -37.04 11.16 -6.48
CA TYR B 316 -35.77 11.50 -5.88
C TYR B 316 -35.14 12.69 -6.60
N ALA B 317 -35.93 13.69 -6.90
CA ALA B 317 -35.51 14.81 -7.78
C ALA B 317 -34.36 15.67 -7.20
N ASP B 318 -34.33 15.85 -5.88
CA ASP B 318 -33.20 16.51 -5.22
C ASP B 318 -31.82 15.79 -5.38
N ARG B 319 -31.76 14.63 -6.02
CA ARG B 319 -30.43 14.01 -6.33
C ARG B 319 -29.77 14.65 -7.57
N HIS B 320 -30.54 15.46 -8.30
CA HIS B 320 -29.98 16.17 -9.46
C HIS B 320 -29.82 17.66 -9.19
N ASP B 321 -28.95 18.30 -9.94
CA ASP B 321 -28.94 19.74 -10.00
C ASP B 321 -30.19 20.17 -10.76
N ALA B 322 -30.91 21.12 -10.22
CA ALA B 322 -32.22 21.50 -10.83
C ALA B 322 -32.07 22.11 -12.22
N ASN B 323 -30.91 22.65 -12.52
CA ASN B 323 -30.66 23.10 -13.89
C ASN B 323 -30.26 22.00 -14.86
N HIS B 324 -30.09 20.74 -14.39
CA HIS B 324 -29.43 19.71 -15.19
C HIS B 324 -30.09 18.39 -14.83
N GLY B 325 -31.39 18.34 -15.11
CA GLY B 325 -32.21 17.20 -14.90
C GLY B 325 -32.64 16.65 -16.26
N PRO B 326 -31.94 15.64 -16.73
CA PRO B 326 -32.31 15.11 -18.05
C PRO B 326 -33.60 14.27 -17.98
N ALA B 327 -34.41 14.45 -19.03
CA ALA B 327 -35.67 13.77 -19.25
C ALA B 327 -35.48 12.55 -20.09
N LEU B 328 -36.05 11.43 -19.68
CA LEU B 328 -36.11 10.28 -20.58
C LEU B 328 -36.90 10.70 -21.79
N ASN B 329 -36.47 10.23 -22.96
CA ASN B 329 -37.09 10.59 -24.26
C ASN B 329 -36.80 12.02 -24.68
N GLY B 330 -35.90 12.67 -23.96
CA GLY B 330 -35.44 14.00 -24.25
C GLY B 330 -34.13 13.94 -25.05
N GLY B 331 -33.69 12.75 -25.44
CA GLY B 331 -32.45 12.62 -26.25
C GLY B 331 -31.12 12.48 -25.45
N PRO B 332 -30.04 12.24 -26.14
CA PRO B 332 -28.73 12.08 -25.47
C PRO B 332 -28.29 13.27 -24.58
N VAL B 333 -27.51 12.92 -23.58
CA VAL B 333 -27.11 13.85 -22.58
C VAL B 333 -25.61 14.03 -22.76
N ILE B 334 -25.16 15.27 -22.87
CA ILE B 334 -23.74 15.58 -22.78
C ILE B 334 -23.33 15.70 -21.32
N LYS B 335 -22.34 14.92 -20.92
CA LYS B 335 -21.93 14.79 -19.51
C LYS B 335 -20.66 15.59 -19.28
N ILE B 336 -20.76 16.49 -18.33
CA ILE B 336 -19.75 17.46 -18.06
C ILE B 336 -19.38 17.29 -16.64
N ASN B 337 -18.08 17.20 -16.41
CA ASN B 337 -17.50 17.24 -15.06
C ASN B 337 -16.08 17.76 -15.21
N SER B 338 -15.83 18.97 -14.73
CA SER B 338 -14.52 19.57 -14.97
C SER B 338 -13.40 18.92 -14.16
N ASN B 339 -13.75 18.14 -13.14
CA ASN B 339 -12.77 17.26 -12.47
C ASN B 339 -12.46 16.01 -13.25
N GLN B 340 -12.88 15.96 -14.51
CA GLN B 340 -12.46 14.90 -15.40
C GLN B 340 -12.97 13.52 -14.99
N ARG B 341 -14.09 13.43 -14.26
CA ARG B 341 -14.81 12.14 -14.17
C ARG B 341 -15.49 11.86 -15.54
N TYR B 342 -15.69 12.93 -16.33
CA TYR B 342 -16.04 12.87 -17.75
C TYR B 342 -14.96 13.73 -18.54
N ALA B 343 -14.58 13.29 -19.76
CA ALA B 343 -13.48 14.00 -20.52
C ALA B 343 -14.03 15.11 -21.41
N THR B 344 -15.34 15.25 -21.42
CA THR B 344 -15.95 16.24 -22.22
C THR B 344 -15.33 17.64 -22.03
N ASN B 345 -15.20 18.42 -23.11
CA ASN B 345 -14.72 19.81 -22.96
C ASN B 345 -15.53 20.71 -23.87
N SER B 346 -15.23 22.00 -23.87
CA SER B 346 -16.11 22.90 -24.65
C SER B 346 -16.14 22.56 -26.11
N GLU B 347 -15.04 22.08 -26.65
CA GLU B 347 -14.94 21.78 -28.08
C GLU B 347 -15.59 20.46 -28.42
N THR B 348 -15.45 19.45 -27.58
CA THR B 348 -16.11 18.20 -27.83
C THR B 348 -17.59 18.26 -27.51
N ALA B 349 -17.95 18.97 -26.46
CA ALA B 349 -19.36 19.23 -26.18
C ALA B 349 -19.95 19.97 -27.33
N GLY B 350 -19.22 20.99 -27.79
CA GLY B 350 -19.83 21.94 -28.77
C GLY B 350 -20.08 21.23 -30.08
N PHE B 351 -19.11 20.38 -30.46
CA PHE B 351 -19.23 19.66 -31.69
C PHE B 351 -20.42 18.74 -31.61
N PHE B 352 -20.60 18.08 -30.48
CA PHE B 352 -21.68 17.06 -30.40
C PHE B 352 -23.06 17.75 -30.35
N ARG B 353 -23.10 18.87 -29.64
CA ARG B 353 -24.32 19.65 -29.52
C ARG B 353 -24.75 20.10 -30.90
N HIS B 354 -23.77 20.52 -31.67
CA HIS B 354 -24.04 20.92 -33.05
C HIS B 354 -24.48 19.77 -33.97
N LEU B 355 -23.85 18.63 -33.87
CA LEU B 355 -24.26 17.43 -34.61
C LEU B 355 -25.76 17.07 -34.40
N CYS B 356 -26.19 17.17 -33.13
CA CYS B 356 -27.54 16.84 -32.69
C CYS B 356 -28.45 17.85 -33.35
N GLN B 357 -28.10 19.14 -33.24
CA GLN B 357 -28.87 20.20 -33.93
C GLN B 357 -29.01 19.95 -35.43
N ASP B 358 -27.90 19.66 -36.12
CA ASP B 358 -27.98 19.33 -37.54
C ASP B 358 -28.82 18.13 -37.82
N SER B 359 -28.87 17.18 -36.88
CA SER B 359 -29.61 15.94 -37.12
C SER B 359 -31.00 16.01 -36.61
N GLU B 360 -31.40 17.16 -36.08
CA GLU B 360 -32.69 17.31 -35.43
C GLU B 360 -32.95 16.32 -34.29
N VAL B 361 -31.91 16.03 -33.53
CA VAL B 361 -32.06 15.19 -32.35
C VAL B 361 -31.93 16.13 -31.15
N PRO B 362 -32.88 16.06 -30.18
CA PRO B 362 -32.76 16.90 -28.95
C PRO B 362 -31.56 16.47 -28.11
N VAL B 363 -30.95 17.41 -27.38
CA VAL B 363 -29.76 17.12 -26.62
C VAL B 363 -29.84 17.82 -25.28
N GLN B 364 -29.21 17.24 -24.27
CA GLN B 364 -29.40 17.64 -22.91
C GLN B 364 -28.02 17.76 -22.29
N SER B 365 -27.97 18.40 -21.15
CA SER B 365 -26.74 18.58 -20.41
C SER B 365 -26.83 18.06 -19.00
N PHE B 366 -25.78 17.37 -18.56
CA PHE B 366 -25.71 16.87 -17.20
C PHE B 366 -24.38 17.28 -16.61
N VAL B 367 -24.50 17.86 -15.42
CA VAL B 367 -23.47 17.95 -14.44
C VAL B 367 -24.10 17.41 -13.11
N THR B 368 -23.27 16.85 -12.24
CA THR B 368 -23.78 16.43 -10.91
C THR B 368 -23.99 17.61 -9.98
N ARG B 369 -24.76 17.35 -8.95
CA ARG B 369 -24.76 18.29 -7.80
C ARG B 369 -23.31 18.53 -7.35
N SER B 370 -23.02 19.79 -7.04
CA SER B 370 -21.67 20.15 -6.67
C SER B 370 -21.25 19.66 -5.28
N ASP B 371 -22.19 19.14 -4.49
CA ASP B 371 -21.86 18.46 -3.22
C ASP B 371 -21.88 16.93 -3.35
N MET B 372 -21.83 16.39 -4.57
CA MET B 372 -21.86 14.92 -4.83
C MET B 372 -20.74 14.67 -5.82
N GLY B 373 -19.95 13.64 -5.56
CA GLY B 373 -18.90 13.16 -6.47
C GLY B 373 -19.46 12.13 -7.42
N ILE B 378 -15.76 5.70 -6.70
CA ILE B 378 -14.40 5.95 -7.17
C ILE B 378 -14.42 6.44 -8.67
N GLY B 379 -13.94 5.68 -9.66
CA GLY B 379 -13.97 6.19 -11.07
C GLY B 379 -13.83 5.14 -12.18
N PRO B 380 -14.84 5.02 -13.11
CA PRO B 380 -14.76 3.91 -14.11
C PRO B 380 -14.57 4.15 -15.68
N ILE B 381 -14.92 5.31 -16.27
CA ILE B 381 -14.77 5.61 -17.76
C ILE B 381 -13.28 5.84 -18.21
N THR B 382 -12.98 6.07 -19.50
CA THR B 382 -11.67 6.67 -20.04
C THR B 382 -10.75 5.77 -20.90
N ALA B 383 -10.79 5.96 -22.23
CA ALA B 383 -9.66 5.60 -23.08
C ALA B 383 -8.55 6.60 -22.65
N SER B 384 -8.03 7.47 -23.58
CA SER B 384 -6.78 8.37 -23.34
C SER B 384 -5.92 8.39 -22.02
N GLN B 385 -4.74 7.72 -21.96
CA GLN B 385 -4.34 6.52 -22.75
C GLN B 385 -3.87 6.60 -24.24
N VAL B 386 -4.77 6.78 -25.21
CA VAL B 386 -4.38 7.09 -26.56
C VAL B 386 -4.22 8.63 -26.80
N GLY B 387 -4.67 9.47 -25.85
CA GLY B 387 -4.61 10.96 -26.05
C GLY B 387 -5.70 11.61 -26.90
N VAL B 388 -6.83 10.90 -27.11
CA VAL B 388 -7.91 11.37 -27.94
C VAL B 388 -8.89 12.29 -27.24
N ARG B 389 -9.25 13.39 -27.91
CA ARG B 389 -10.40 14.17 -27.57
C ARG B 389 -11.62 13.30 -27.50
N THR B 390 -12.39 13.55 -26.45
CA THR B 390 -13.50 12.71 -26.03
C THR B 390 -14.67 13.61 -25.64
N VAL B 391 -15.88 13.25 -26.06
CA VAL B 391 -17.12 13.78 -25.46
C VAL B 391 -17.82 12.58 -24.84
N ASP B 392 -18.18 12.69 -23.58
CA ASP B 392 -18.94 11.72 -22.84
C ASP B 392 -20.39 12.06 -22.92
N ILE B 393 -21.16 11.15 -23.49
CA ILE B 393 -22.61 11.31 -23.64
C ILE B 393 -23.28 10.03 -23.19
N GLY B 394 -24.58 10.10 -23.01
CA GLY B 394 -25.31 8.91 -22.55
C GLY B 394 -26.81 9.13 -22.70
N LEU B 395 -27.54 8.06 -22.89
CA LEU B 395 -28.98 8.15 -22.81
C LEU B 395 -29.41 8.20 -21.32
N PRO B 396 -30.44 8.98 -21.00
CA PRO B 396 -30.89 9.19 -19.63
C PRO B 396 -31.65 7.98 -19.13
N THR B 397 -31.28 7.47 -17.97
CA THR B 397 -31.93 6.26 -17.52
C THR B 397 -32.17 6.35 -16.02
N PHE B 398 -32.95 5.40 -15.51
CA PHE B 398 -33.09 5.27 -14.07
C PHE B 398 -32.59 3.91 -13.58
N ALA B 399 -32.33 3.85 -12.28
CA ALA B 399 -32.12 2.60 -11.57
C ALA B 399 -30.86 1.91 -11.99
N MET B 400 -29.88 2.72 -12.28
CA MET B 400 -28.65 2.17 -12.87
C MET B 400 -27.97 1.27 -11.86
N HIS B 401 -27.57 0.10 -12.34
CA HIS B 401 -26.92 -0.99 -11.59
C HIS B 401 -27.94 -1.87 -10.84
N SER B 402 -29.23 -1.62 -11.06
CA SER B 402 -30.22 -2.61 -10.72
C SER B 402 -30.10 -3.83 -11.65
N ILE B 403 -30.78 -4.93 -11.29
CA ILE B 403 -31.07 -5.99 -12.22
C ILE B 403 -32.05 -5.62 -13.33
N ARG B 404 -32.76 -4.53 -13.14
CA ARG B 404 -33.76 -4.10 -14.15
C ARG B 404 -33.79 -2.59 -14.18
N GLU B 405 -33.16 -2.02 -15.22
CA GLU B 405 -32.96 -0.58 -15.36
C GLU B 405 -34.05 -0.02 -16.25
N LEU B 406 -34.14 1.28 -16.36
CA LEU B 406 -35.17 1.87 -17.21
C LEU B 406 -34.62 2.96 -18.11
N ALA B 407 -34.99 2.89 -19.39
CA ALA B 407 -34.68 3.94 -20.33
C ALA B 407 -35.91 4.40 -21.11
N GLY B 408 -35.72 5.47 -21.89
CA GLY B 408 -36.78 5.99 -22.70
C GLY B 408 -36.83 5.23 -24.00
N SER B 409 -38.04 4.86 -24.43
CA SER B 409 -38.21 4.14 -25.68
C SER B 409 -38.00 4.94 -26.99
N HIS B 410 -37.82 6.26 -26.94
CA HIS B 410 -37.53 7.07 -28.13
C HIS B 410 -36.03 7.31 -28.29
N ASP B 411 -35.30 7.08 -27.22
CA ASP B 411 -33.92 7.56 -27.09
C ASP B 411 -32.96 6.74 -27.92
N LEU B 412 -33.19 5.46 -28.05
CA LEU B 412 -32.29 4.66 -28.88
C LEU B 412 -32.23 5.17 -30.32
N ALA B 413 -33.39 5.42 -30.90
CA ALA B 413 -33.46 6.02 -32.24
C ALA B 413 -32.68 7.35 -32.22
N HIS B 414 -32.90 8.19 -31.22
CA HIS B 414 -32.20 9.45 -31.22
C HIS B 414 -30.72 9.25 -31.30
N LEU B 415 -30.23 8.30 -30.52
CA LEU B 415 -28.82 8.03 -30.34
C LEU B 415 -28.20 7.39 -31.65
N VAL B 416 -28.88 6.38 -32.19
CA VAL B 416 -28.50 5.79 -33.47
C VAL B 416 -28.44 6.88 -34.53
N LYS B 417 -29.43 7.74 -34.61
CA LYS B 417 -29.39 8.82 -35.57
C LYS B 417 -28.16 9.71 -35.41
N VAL B 418 -27.84 10.12 -34.20
CA VAL B 418 -26.73 11.07 -34.05
C VAL B 418 -25.36 10.38 -34.19
N LEU B 419 -25.25 9.14 -33.74
CA LEU B 419 -24.02 8.41 -33.94
C LEU B 419 -23.78 8.18 -35.45
N GLY B 420 -24.85 7.84 -36.18
CA GLY B 420 -24.81 7.70 -37.61
C GLY B 420 -24.21 9.00 -38.16
N ALA B 421 -24.73 10.14 -37.74
CA ALA B 421 -24.22 11.42 -38.23
C ALA B 421 -22.73 11.58 -37.85
N PHE B 422 -22.35 11.18 -36.63
CA PHE B 422 -20.94 11.31 -36.21
C PHE B 422 -20.07 10.52 -37.16
N TYR B 423 -20.50 9.28 -37.41
CA TYR B 423 -19.65 8.37 -38.15
C TYR B 423 -19.49 8.82 -39.60
N ALA B 424 -20.45 9.63 -40.07
CA ALA B 424 -20.44 10.07 -41.43
C ALA B 424 -19.85 11.45 -41.51
N SER B 425 -19.42 12.04 -40.41
CA SER B 425 -19.05 13.42 -40.45
C SER B 425 -17.59 13.50 -40.91
N SER B 426 -17.36 14.22 -41.99
CA SER B 426 -16.02 14.32 -42.58
C SER B 426 -15.08 15.27 -41.85
N GLU B 427 -15.62 16.24 -41.12
CA GLU B 427 -14.79 17.19 -40.35
C GLU B 427 -15.05 17.12 -38.84
N LEU B 428 -14.00 17.33 -38.03
CA LEU B 428 -14.09 17.39 -36.55
C LEU B 428 -13.42 18.68 -36.09
N PRO B 429 -13.52 19.06 -34.79
CA PRO B 429 -13.00 20.39 -34.40
C PRO B 429 -11.48 20.43 -34.30
N MET C 1 16.40 42.84 -10.24
CA MET C 1 17.01 41.49 -10.06
C MET C 1 15.90 40.42 -9.76
N ARG C 2 15.77 40.14 -8.48
CA ARG C 2 14.63 39.53 -7.90
C ARG C 2 13.32 40.35 -8.13
N ALA C 3 13.42 41.66 -7.95
CA ALA C 3 12.32 42.55 -8.29
C ALA C 3 12.41 42.32 -9.74
N GLU C 4 11.36 42.47 -10.49
CA GLU C 4 11.60 42.17 -11.94
C GLU C 4 11.21 40.76 -12.27
N LEU C 5 11.92 39.79 -11.74
CA LEU C 5 11.50 38.42 -11.76
C LEU C 5 10.15 38.40 -11.04
N ASN C 6 10.11 39.07 -9.87
CA ASN C 6 8.88 39.05 -9.11
C ASN C 6 7.77 39.82 -9.81
N GLN C 7 8.12 40.90 -10.49
CA GLN C 7 7.10 41.67 -11.21
C GLN C 7 6.66 40.88 -12.45
N GLY C 8 7.58 40.16 -13.07
CA GLY C 8 7.26 39.30 -14.19
C GLY C 8 6.24 38.23 -13.74
N LEU C 9 6.42 37.68 -12.55
CA LEU C 9 5.47 36.75 -11.95
C LEU C 9 4.10 37.37 -11.74
N ILE C 10 4.11 38.59 -11.20
CA ILE C 10 2.84 39.25 -10.94
C ILE C 10 2.08 39.48 -12.24
N ASP C 11 2.83 39.87 -13.26
CA ASP C 11 2.26 40.11 -14.59
C ASP C 11 1.75 38.82 -15.24
N PHE C 12 2.57 37.78 -15.18
CA PHE C 12 2.19 36.51 -15.71
C PHE C 12 0.91 36.01 -15.03
N LEU C 13 0.83 36.08 -13.72
CA LEU C 13 -0.35 35.64 -12.97
C LEU C 13 -1.57 36.41 -13.44
N LYS C 14 -1.39 37.73 -13.59
CA LYS C 14 -2.47 38.60 -13.96
C LYS C 14 -2.98 38.22 -15.35
N ALA C 15 -2.09 37.96 -16.29
CA ALA C 15 -2.57 37.51 -17.63
C ALA C 15 -2.97 36.03 -17.70
N SER C 16 -2.94 35.28 -16.61
CA SER C 16 -3.25 33.84 -16.68
C SER C 16 -4.32 33.38 -15.70
N PRO C 17 -5.55 33.87 -15.88
CA PRO C 17 -6.61 33.48 -14.94
C PRO C 17 -7.16 32.10 -15.15
N THR C 18 -6.89 31.48 -16.29
CA THR C 18 -7.31 30.11 -16.54
C THR C 18 -6.11 29.33 -17.12
N PRO C 19 -6.22 27.99 -17.21
CA PRO C 19 -5.13 27.20 -17.84
C PRO C 19 -4.91 27.60 -19.32
N PHE C 20 -5.99 27.97 -19.98
CA PHE C 20 -5.96 28.39 -21.40
C PHE C 20 -5.12 29.68 -21.51
N HIS C 21 -5.37 30.60 -20.61
CA HIS C 21 -4.65 31.85 -20.59
C HIS C 21 -3.19 31.69 -20.13
N ALA C 22 -2.91 30.76 -19.22
CA ALA C 22 -1.53 30.52 -18.85
C ALA C 22 -0.79 30.00 -20.05
N THR C 23 -1.39 29.05 -20.76
CA THR C 23 -0.82 28.44 -21.93
C THR C 23 -0.60 29.53 -22.99
N ALA C 24 -1.57 30.42 -23.21
CA ALA C 24 -1.31 31.50 -24.16
C ALA C 24 -0.21 32.43 -23.68
N SER C 25 -0.19 32.77 -22.37
CA SER C 25 0.89 33.67 -21.93
C SER C 25 2.25 33.01 -22.08
N LEU C 26 2.42 31.76 -21.67
CA LEU C 26 3.72 31.09 -21.92
C LEU C 26 4.09 31.14 -23.41
N ALA C 27 3.10 30.84 -24.27
CA ALA C 27 3.36 30.83 -25.72
C ALA C 27 3.81 32.21 -26.24
N ARG C 28 3.24 33.32 -25.76
CA ARG C 28 3.62 34.66 -26.27
C ARG C 28 5.04 34.94 -25.94
N ARG C 29 5.41 34.67 -24.69
CA ARG C 29 6.83 34.75 -24.37
C ARG C 29 7.76 33.88 -25.20
N LEU C 30 7.37 32.64 -25.44
CA LEU C 30 8.20 31.73 -26.17
C LEU C 30 8.43 32.28 -27.61
N GLU C 31 7.38 32.73 -28.23
CA GLU C 31 7.46 33.22 -29.59
C GLU C 31 8.30 34.47 -29.64
N ALA C 32 8.14 35.35 -28.67
CA ALA C 32 8.96 36.53 -28.61
C ALA C 32 10.43 36.17 -28.42
N ALA C 33 10.70 34.98 -27.91
CA ALA C 33 12.04 34.57 -27.77
C ALA C 33 12.46 33.79 -29.02
N GLY C 34 11.68 33.78 -30.10
CA GLY C 34 12.12 33.00 -31.24
C GLY C 34 11.69 31.53 -31.31
N TYR C 35 10.84 31.05 -30.39
CA TYR C 35 10.42 29.62 -30.41
C TYR C 35 9.28 29.52 -31.40
N ARG C 36 9.31 28.49 -32.21
CA ARG C 36 8.36 28.28 -33.28
C ARG C 36 7.32 27.22 -32.81
N ARG C 37 6.05 27.55 -32.99
CA ARG C 37 4.97 26.62 -32.74
C ARG C 37 4.83 25.45 -33.76
N LEU C 38 4.79 24.22 -33.26
CA LEU C 38 4.51 23.04 -34.04
C LEU C 38 3.13 22.56 -33.74
N ASP C 39 2.49 21.96 -34.72
CA ASP C 39 1.15 21.45 -34.51
C ASP C 39 1.28 19.94 -34.51
N GLU C 40 0.65 19.25 -33.56
CA GLU C 40 0.80 17.80 -33.41
C GLU C 40 0.18 17.02 -34.59
N ARG C 41 -0.66 17.65 -35.38
CA ARG C 41 -1.16 17.01 -36.59
C ARG C 41 -0.15 16.91 -37.75
N ASP C 42 0.93 17.70 -37.70
CA ASP C 42 1.88 17.77 -38.82
C ASP C 42 3.09 16.91 -38.60
N ALA C 43 3.73 16.48 -39.68
CA ALA C 43 5.07 15.93 -39.60
C ALA C 43 6.07 17.04 -39.22
N TRP C 44 6.98 16.75 -38.32
CA TRP C 44 7.89 17.78 -37.84
C TRP C 44 9.22 17.60 -38.47
N HIS C 45 9.88 18.71 -38.71
CA HIS C 45 11.21 18.76 -39.34
C HIS C 45 12.07 19.57 -38.32
N THR C 46 12.69 18.88 -37.42
CA THR C 46 13.24 19.46 -36.22
C THR C 46 14.76 19.32 -36.29
N GLU C 47 15.53 20.13 -35.59
CA GLU C 47 17.00 20.08 -35.75
C GLU C 47 17.72 20.75 -34.62
N THR C 48 19.02 20.50 -34.55
CA THR C 48 19.81 20.81 -33.37
C THR C 48 19.85 22.27 -33.29
N GLY C 49 19.81 22.78 -32.05
CA GLY C 49 19.71 24.23 -31.84
C GLY C 49 18.30 24.77 -32.02
N GLY C 50 17.37 23.99 -32.54
CA GLY C 50 15.98 24.46 -32.70
C GLY C 50 15.26 24.75 -31.38
N ARG C 51 14.38 25.75 -31.42
CA ARG C 51 13.53 26.22 -30.36
C ARG C 51 12.07 26.04 -30.81
N TYR C 52 11.33 25.21 -30.10
CA TYR C 52 9.96 24.88 -30.47
C TYR C 52 9.06 24.83 -29.26
N TYR C 53 7.77 24.91 -29.53
CA TYR C 53 6.79 24.62 -28.54
C TYR C 53 5.58 24.08 -29.21
N VAL C 54 4.83 23.35 -28.42
CA VAL C 54 3.60 22.79 -28.90
C VAL C 54 2.62 22.72 -27.76
N THR C 55 1.36 22.81 -28.11
CA THR C 55 0.29 22.74 -27.12
C THR C 55 -0.71 21.66 -27.48
N ARG C 56 -1.51 21.28 -26.49
CA ARG C 56 -2.60 20.37 -26.66
C ARG C 56 -3.76 20.91 -25.79
N ASN C 57 -4.96 20.90 -26.41
CA ASN C 57 -6.20 21.47 -25.85
C ASN C 57 -6.12 22.99 -25.53
N ASP C 58 -5.08 23.64 -26.06
CA ASP C 58 -4.76 25.03 -25.74
C ASP C 58 -4.60 25.30 -24.25
N SER C 59 -4.31 24.22 -23.49
CA SER C 59 -4.19 24.32 -22.01
C SER C 59 -3.01 23.57 -21.42
N SER C 60 -2.29 22.82 -22.26
CA SER C 60 -1.01 22.22 -21.88
C SER C 60 0.01 22.62 -22.94
N LEU C 61 1.26 22.76 -22.52
CA LEU C 61 2.29 23.32 -23.37
C LEU C 61 3.55 22.61 -23.11
N ILE C 62 4.26 22.27 -24.20
CA ILE C 62 5.61 21.75 -24.05
C ILE C 62 6.57 22.56 -24.88
N ALA C 63 7.63 23.03 -24.22
CA ALA C 63 8.62 23.82 -24.87
C ALA C 63 9.88 23.00 -24.94
N ILE C 64 10.58 23.19 -26.07
CA ILE C 64 11.72 22.38 -26.54
C ILE C 64 12.85 23.24 -27.08
N ARG C 65 14.00 23.07 -26.45
CA ARG C 65 15.30 23.52 -26.93
C ARG C 65 16.16 22.31 -27.17
N LEU C 66 16.45 22.06 -28.44
CA LEU C 66 17.25 20.92 -28.84
C LEU C 66 18.67 21.41 -28.80
N GLY C 67 19.51 20.67 -28.14
CA GLY C 67 20.87 21.09 -27.95
C GLY C 67 21.68 20.51 -29.07
N ARG C 68 22.99 20.65 -28.92
CA ARG C 68 24.02 20.05 -29.74
C ARG C 68 23.98 18.57 -29.79
N ARG C 69 24.05 17.94 -28.61
CA ARG C 69 24.10 16.48 -28.53
C ARG C 69 22.70 15.96 -28.67
N SER C 70 22.54 14.89 -29.42
CA SER C 70 21.24 14.20 -29.49
C SER C 70 20.69 13.79 -28.11
N PRO C 71 19.37 13.76 -28.00
CA PRO C 71 18.72 13.26 -26.86
C PRO C 71 19.10 11.81 -26.58
N LEU C 72 19.32 11.04 -27.64
CA LEU C 72 19.71 9.65 -27.50
C LEU C 72 20.95 9.51 -26.66
N GLU C 73 21.90 10.40 -26.85
CA GLU C 73 23.21 10.26 -26.20
C GLU C 73 23.35 11.13 -25.00
N SER C 74 22.59 12.20 -24.92
CA SER C 74 22.74 13.14 -23.81
C SER C 74 21.48 13.30 -22.96
N GLY C 75 20.37 12.66 -23.29
CA GLY C 75 19.15 12.77 -22.53
C GLY C 75 18.49 14.14 -22.65
N PHE C 76 17.35 14.25 -21.98
CA PHE C 76 16.62 15.48 -21.83
C PHE C 76 16.76 15.94 -20.37
N ARG C 77 16.81 17.25 -20.22
CA ARG C 77 16.70 17.88 -18.94
C ARG C 77 15.26 18.35 -18.92
N LEU C 78 14.36 17.70 -18.19
CA LEU C 78 12.96 18.18 -18.23
C LEU C 78 12.59 18.91 -16.91
N VAL C 79 11.81 20.00 -17.00
CA VAL C 79 11.19 20.61 -15.91
C VAL C 79 9.68 20.49 -16.15
N GLY C 80 8.99 19.98 -15.12
CA GLY C 80 7.54 19.83 -15.17
C GLY C 80 6.80 20.67 -14.16
N ALA C 81 5.67 21.19 -14.63
CA ALA C 81 4.83 22.00 -13.85
C ALA C 81 3.40 21.77 -14.33
N HIS C 82 2.43 22.48 -13.75
CA HIS C 82 1.04 22.43 -14.26
C HIS C 82 0.37 23.80 -14.41
N THR C 83 -0.56 23.88 -15.35
CA THR C 83 -1.16 25.15 -15.70
C THR C 83 -2.46 25.39 -14.95
N ASP C 84 -2.99 24.39 -14.26
CA ASP C 84 -4.30 24.48 -13.65
C ASP C 84 -4.17 24.72 -12.15
N SER C 85 -5.24 25.28 -11.58
CA SER C 85 -5.33 25.58 -10.17
C SER C 85 -6.80 25.35 -9.73
N PRO C 86 -6.99 24.94 -8.50
CA PRO C 86 -8.38 24.75 -8.02
C PRO C 86 -9.18 26.08 -8.08
N CYS C 87 -10.41 25.96 -8.49
CA CYS C 87 -11.24 27.12 -8.73
C CYS C 87 -12.72 26.73 -8.90
N LEU C 88 -13.54 27.72 -9.25
CA LEU C 88 -14.92 27.46 -9.55
C LEU C 88 -15.19 27.70 -11.02
N ARG C 89 -15.95 26.79 -11.65
CA ARG C 89 -16.23 26.73 -13.06
C ARG C 89 -17.71 26.76 -13.32
N VAL C 90 -18.12 27.58 -14.28
CA VAL C 90 -19.57 27.75 -14.60
C VAL C 90 -20.16 26.45 -15.16
N LYS C 91 -21.34 26.07 -14.66
CA LYS C 91 -22.05 24.91 -15.21
C LYS C 91 -22.60 25.19 -16.60
N PRO C 92 -22.97 24.11 -17.32
CA PRO C 92 -23.42 24.30 -18.70
C PRO C 92 -24.80 24.95 -18.90
N ASN C 93 -25.73 24.83 -17.94
CA ASN C 93 -27.02 25.53 -17.95
C ASN C 93 -27.09 26.29 -16.61
N PRO C 94 -26.41 27.41 -16.54
CA PRO C 94 -26.00 27.97 -15.23
C PRO C 94 -26.97 28.98 -14.54
N GLU C 95 -27.89 29.55 -15.31
CA GLU C 95 -28.66 30.71 -14.89
C GLU C 95 -29.48 30.36 -13.70
N ILE C 96 -29.24 31.02 -12.58
CA ILE C 96 -30.09 30.83 -11.39
C ILE C 96 -30.67 32.21 -11.07
N ALA C 97 -31.99 32.29 -11.00
CA ALA C 97 -32.71 33.56 -10.81
C ALA C 97 -33.52 33.46 -9.53
N ARG C 98 -33.11 34.14 -8.47
CA ARG C 98 -33.70 33.99 -7.17
C ARG C 98 -33.58 35.30 -6.47
N ASN C 99 -34.64 35.67 -5.75
CA ASN C 99 -34.66 36.88 -4.94
C ASN C 99 -34.13 38.07 -5.71
N GLY C 100 -34.52 38.21 -6.98
CA GLY C 100 -34.16 39.36 -7.75
C GLY C 100 -32.71 39.32 -8.28
N PHE C 101 -31.95 38.29 -7.95
CA PHE C 101 -30.55 38.15 -8.52
C PHE C 101 -30.43 37.23 -9.71
N LEU C 102 -29.38 37.47 -10.46
CA LEU C 102 -28.89 36.47 -11.37
C LEU C 102 -27.57 35.94 -10.79
N GLN C 103 -27.57 34.63 -10.60
CA GLN C 103 -26.42 33.86 -10.20
C GLN C 103 -26.05 32.88 -11.30
N LEU C 104 -24.79 32.45 -11.27
CA LEU C 104 -24.34 31.32 -12.05
C LEU C 104 -23.95 30.11 -11.20
N GLY C 105 -24.50 28.94 -11.58
CA GLY C 105 -24.17 27.69 -10.89
C GLY C 105 -22.72 27.32 -11.13
N VAL C 106 -22.03 26.85 -10.11
CA VAL C 106 -20.64 26.44 -10.30
C VAL C 106 -20.31 25.02 -9.87
N GLU C 107 -19.32 24.43 -10.53
CA GLU C 107 -18.68 23.17 -10.12
C GLU C 107 -17.42 23.61 -9.38
N VAL C 108 -16.97 22.84 -8.43
CA VAL C 108 -15.67 23.03 -7.86
C VAL C 108 -14.69 22.25 -8.64
N TYR C 109 -13.62 22.89 -9.07
CA TYR C 109 -12.57 22.22 -9.80
C TYR C 109 -11.43 22.10 -8.85
N GLY C 110 -10.97 20.88 -8.68
CA GLY C 110 -9.84 20.57 -7.89
C GLY C 110 -10.13 20.68 -6.42
N GLY C 111 -9.10 20.50 -5.61
CA GLY C 111 -9.35 20.47 -4.14
C GLY C 111 -9.31 21.87 -3.56
N ALA C 112 -10.24 22.73 -3.97
CA ALA C 112 -10.30 24.10 -3.46
C ALA C 112 -10.68 24.28 -1.97
N LEU C 113 -10.05 25.25 -1.30
CA LEU C 113 -10.54 25.70 -0.01
C LEU C 113 -11.72 26.59 -0.31
N PHE C 114 -12.91 26.23 0.17
CA PHE C 114 -14.10 27.01 -0.12
C PHE C 114 -14.11 28.41 0.53
N ALA C 115 -13.77 28.49 1.83
CA ALA C 115 -14.04 29.72 2.55
C ALA C 115 -13.43 30.98 1.91
N PRO C 116 -12.18 30.87 1.47
CA PRO C 116 -11.56 32.06 0.95
C PRO C 116 -12.18 32.64 -0.32
N TRP C 117 -12.99 31.84 -1.04
CA TRP C 117 -13.65 32.34 -2.26
C TRP C 117 -14.74 33.34 -1.95
N PHE C 118 -15.14 33.39 -0.69
CA PHE C 118 -16.20 34.28 -0.28
C PHE C 118 -15.64 35.68 -0.11
N ASP C 119 -16.49 36.67 -0.44
CA ASP C 119 -16.20 38.08 -0.20
C ASP C 119 -14.90 38.52 -0.90
N ARG C 120 -14.86 38.17 -2.19
CA ARG C 120 -13.82 38.55 -3.10
C ARG C 120 -14.48 39.11 -4.36
N ASP C 121 -13.76 40.00 -5.03
CA ASP C 121 -14.24 40.61 -6.27
C ASP C 121 -13.77 39.76 -7.42
N LEU C 122 -14.67 38.90 -7.88
CA LEU C 122 -14.37 37.94 -8.91
C LEU C 122 -14.71 38.45 -10.28
N SER C 123 -13.87 38.08 -11.26
CA SER C 123 -14.22 38.16 -12.67
C SER C 123 -14.26 36.72 -13.21
N LEU C 124 -14.27 36.59 -14.54
CA LEU C 124 -14.54 35.32 -15.20
C LEU C 124 -13.87 35.29 -16.53
N ALA C 125 -13.30 34.13 -16.84
CA ALA C 125 -12.53 33.98 -18.06
C ALA C 125 -12.48 32.53 -18.46
N GLY C 126 -12.19 32.29 -19.74
CA GLY C 126 -11.88 30.93 -20.23
C GLY C 126 -12.21 30.70 -21.65
N ARG C 127 -12.52 29.46 -22.00
CA ARG C 127 -12.72 29.14 -23.43
C ARG C 127 -14.19 29.12 -23.73
N VAL C 128 -14.57 29.73 -24.86
CA VAL C 128 -15.94 29.64 -25.38
C VAL C 128 -15.91 29.00 -26.74
N THR C 129 -16.78 28.00 -26.94
CA THR C 129 -16.89 27.33 -28.23
C THR C 129 -18.20 27.67 -28.84
N PHE C 130 -18.15 28.15 -30.09
CA PHE C 130 -19.34 28.71 -30.74
C PHE C 130 -19.34 28.45 -32.25
N ARG C 131 -20.46 28.75 -32.88
CA ARG C 131 -20.56 28.65 -34.33
C ARG C 131 -20.61 30.10 -34.84
N ALA C 132 -19.83 30.36 -35.87
CA ALA C 132 -19.88 31.66 -36.47
C ALA C 132 -19.78 31.37 -37.92
N ASN C 133 -20.68 31.98 -38.69
CA ASN C 133 -20.62 31.92 -40.13
C ASN C 133 -20.59 30.45 -40.50
N GLY C 134 -21.42 29.67 -39.80
CA GLY C 134 -21.49 28.23 -40.06
C GLY C 134 -20.33 27.37 -39.58
N LYS C 135 -19.23 27.96 -39.10
CA LYS C 135 -18.13 27.15 -38.59
C LYS C 135 -18.01 27.13 -37.05
N LEU C 136 -17.60 25.98 -36.59
CA LEU C 136 -17.34 25.75 -35.22
C LEU C 136 -16.01 26.35 -34.80
N GLU C 137 -15.96 27.17 -33.79
CA GLU C 137 -14.66 27.63 -33.28
C GLU C 137 -14.66 28.01 -31.82
N SER C 138 -13.44 28.23 -31.32
CA SER C 138 -13.22 28.55 -29.93
C SER C 138 -12.39 29.81 -29.83
N ARG C 139 -12.65 30.59 -28.78
CA ARG C 139 -11.82 31.65 -28.35
C ARG C 139 -11.80 31.69 -26.84
N LEU C 140 -10.78 32.37 -26.33
CA LEU C 140 -10.73 32.81 -24.96
C LEU C 140 -11.39 34.15 -24.75
N VAL C 141 -12.09 34.26 -23.62
CA VAL C 141 -12.62 35.51 -23.09
C VAL C 141 -12.08 35.76 -21.70
N ASP C 142 -12.07 37.04 -21.37
CA ASP C 142 -11.78 37.47 -20.01
C ASP C 142 -12.55 38.76 -19.80
N PHE C 143 -13.56 38.67 -18.93
CA PHE C 143 -14.39 39.82 -18.66
C PHE C 143 -13.58 40.89 -17.95
N ARG C 144 -12.51 40.50 -17.25
CA ARG C 144 -11.56 41.42 -16.51
C ARG C 144 -12.18 42.19 -15.31
N LYS C 145 -13.30 42.83 -15.56
CA LYS C 145 -14.02 43.58 -14.61
C LYS C 145 -14.60 42.64 -13.55
N ALA C 146 -14.70 43.17 -12.35
CA ALA C 146 -15.24 42.41 -11.24
C ALA C 146 -16.78 42.32 -11.35
N ILE C 147 -17.27 41.22 -11.91
CA ILE C 147 -18.66 41.08 -12.22
C ILE C 147 -19.35 40.19 -11.24
N ALA C 148 -18.61 39.60 -10.28
CA ALA C 148 -19.20 38.57 -9.47
C ALA C 148 -18.72 38.61 -8.06
N VAL C 149 -19.58 38.13 -7.18
CA VAL C 149 -19.25 37.94 -5.80
C VAL C 149 -20.02 36.78 -5.13
N ILE C 150 -19.32 36.09 -4.24
CA ILE C 150 -19.92 35.06 -3.42
C ILE C 150 -19.96 35.58 -1.95
N PRO C 151 -21.04 36.23 -1.55
CA PRO C 151 -20.97 36.87 -0.22
C PRO C 151 -21.16 35.88 0.92
N ASN C 152 -20.44 36.12 2.02
CA ASN C 152 -20.73 35.42 3.25
C ASN C 152 -22.12 35.79 3.73
N LEU C 153 -22.71 34.90 4.53
CA LEU C 153 -23.91 35.18 5.31
C LEU C 153 -23.45 35.91 6.55
N ALA C 154 -24.15 36.99 6.89
CA ALA C 154 -23.80 37.76 8.09
C ALA C 154 -23.67 36.86 9.29
N ILE C 155 -22.73 37.20 10.14
CA ILE C 155 -22.58 36.52 11.40
C ILE C 155 -23.82 36.61 12.24
N HIS C 156 -24.53 37.75 12.21
CA HIS C 156 -25.82 37.89 12.93
C HIS C 156 -26.87 36.80 12.59
N LEU C 157 -26.84 36.23 11.39
CA LEU C 157 -27.77 35.21 10.95
C LEU C 157 -27.13 33.82 10.96
N ASN C 158 -25.97 33.68 11.57
CA ASN C 158 -25.24 32.45 11.56
C ASN C 158 -24.21 32.63 12.65
N ARG C 159 -24.67 32.69 13.88
CA ARG C 159 -23.90 33.16 15.05
C ARG C 159 -22.74 32.28 15.41
N ALA C 160 -22.90 30.99 15.19
CA ALA C 160 -21.80 30.05 15.39
C ALA C 160 -20.89 29.95 14.13
N ALA C 161 -20.91 30.96 13.26
CA ALA C 161 -20.10 30.92 12.02
C ALA C 161 -18.71 30.45 12.28
N ASN C 162 -18.08 31.03 13.32
CA ASN C 162 -16.66 30.81 13.61
C ASN C 162 -16.41 29.42 14.22
N GLU C 163 -17.48 28.71 14.55
CA GLU C 163 -17.36 27.32 15.00
C GLU C 163 -17.06 26.43 13.84
N GLY C 164 -17.28 26.89 12.59
CA GLY C 164 -17.16 26.05 11.43
C GLY C 164 -18.51 25.37 11.10
N TRP C 165 -18.80 25.23 9.81
CA TRP C 165 -19.94 24.46 9.35
C TRP C 165 -19.51 23.87 8.02
N PRO C 166 -20.13 22.77 7.56
CA PRO C 166 -19.73 22.20 6.27
C PRO C 166 -20.30 23.02 5.12
N ILE C 167 -19.45 23.81 4.51
CA ILE C 167 -19.87 24.64 3.41
C ILE C 167 -20.34 23.78 2.25
N ASN C 168 -21.59 23.99 1.86
CA ASN C 168 -22.12 23.21 0.79
C ASN C 168 -21.93 23.89 -0.56
N ALA C 169 -21.17 23.27 -1.43
CA ALA C 169 -20.84 23.85 -2.74
C ALA C 169 -22.02 24.07 -3.68
N GLN C 170 -22.96 23.16 -3.66
CA GLN C 170 -24.14 23.31 -4.48
C GLN C 170 -24.90 24.55 -4.06
N ASN C 171 -25.01 24.82 -2.78
CA ASN C 171 -25.91 25.86 -2.29
C ASN C 171 -25.24 27.18 -2.03
N GLU C 172 -24.00 27.15 -1.58
CA GLU C 172 -23.41 28.32 -0.99
C GLU C 172 -22.41 28.96 -1.92
N LEU C 173 -22.01 28.28 -2.99
CA LEU C 173 -21.02 28.88 -3.87
C LEU C 173 -21.42 29.57 -5.17
N PRO C 174 -22.71 29.46 -5.64
CA PRO C 174 -23.07 30.22 -6.84
C PRO C 174 -22.83 31.72 -6.72
N PRO C 175 -21.94 32.27 -7.54
CA PRO C 175 -21.73 33.71 -7.50
C PRO C 175 -22.94 34.54 -7.96
N ILE C 176 -23.21 35.64 -7.29
CA ILE C 176 -24.14 36.66 -7.81
C ILE C 176 -23.40 37.53 -8.82
N ILE C 177 -23.94 37.68 -10.02
CA ILE C 177 -23.39 38.60 -11.02
C ILE C 177 -24.27 39.80 -11.38
N ALA C 178 -25.55 39.73 -11.06
CA ALA C 178 -26.47 40.82 -11.46
C ALA C 178 -27.81 40.80 -10.73
N GLN C 179 -28.61 41.86 -10.90
CA GLN C 179 -29.98 41.88 -10.45
C GLN C 179 -30.84 41.92 -11.70
N LEU C 180 -31.92 41.19 -11.73
CA LEU C 180 -32.77 41.15 -12.91
C LEU C 180 -34.02 41.98 -12.69
N ALA C 181 -34.42 42.76 -13.69
CA ALA C 181 -35.70 43.49 -13.62
C ALA C 181 -36.89 42.52 -13.62
N PRO C 182 -38.04 42.94 -13.07
CA PRO C 182 -39.20 42.06 -12.88
C PRO C 182 -39.56 41.21 -14.10
N GLY C 183 -39.56 41.80 -15.28
CA GLY C 183 -39.86 40.98 -16.48
C GLY C 183 -38.71 40.19 -17.14
N GLU C 184 -37.49 40.27 -16.61
CA GLU C 184 -36.35 40.17 -17.49
C GLU C 184 -35.81 38.74 -17.55
N ALA C 185 -35.55 38.29 -18.75
CA ALA C 185 -34.95 37.02 -18.98
C ALA C 185 -33.45 37.18 -18.77
N ALA C 186 -32.84 36.07 -18.40
CA ALA C 186 -31.42 35.98 -18.28
C ALA C 186 -30.95 34.99 -19.31
N ASP C 187 -29.94 35.34 -20.07
CA ASP C 187 -29.27 34.43 -20.96
C ASP C 187 -27.77 34.53 -20.93
N PHE C 188 -27.13 33.52 -20.37
CA PHE C 188 -25.69 33.62 -20.16
C PHE C 188 -24.94 33.53 -21.46
N ARG C 189 -25.39 32.63 -22.34
CA ARG C 189 -24.82 32.49 -23.68
C ARG C 189 -24.87 33.82 -24.44
N LEU C 190 -25.96 34.57 -24.28
CA LEU C 190 -26.02 35.90 -24.90
C LEU C 190 -24.96 36.85 -24.37
N LEU C 191 -24.70 36.77 -23.08
CA LEU C 191 -23.71 37.65 -22.50
C LEU C 191 -22.34 37.31 -23.08
N LEU C 192 -22.07 36.02 -23.20
CA LEU C 192 -20.85 35.55 -23.86
C LEU C 192 -20.76 36.06 -25.28
N ASP C 193 -21.87 36.01 -26.00
CA ASP C 193 -21.90 36.53 -27.36
C ASP C 193 -21.48 38.02 -27.38
N GLU C 194 -21.96 38.77 -26.39
CA GLU C 194 -21.55 40.16 -26.30
C GLU C 194 -20.09 40.23 -25.95
N GLN C 195 -19.58 39.27 -25.16
CA GLN C 195 -18.19 39.41 -24.77
C GLN C 195 -17.29 39.12 -25.96
N LEU C 196 -17.67 38.16 -26.79
CA LEU C 196 -16.91 37.86 -28.05
C LEU C 196 -16.83 39.03 -29.04
N LEU C 197 -17.93 39.73 -29.19
CA LEU C 197 -18.01 40.93 -30.00
C LEU C 197 -17.09 42.00 -29.39
N ARG C 198 -17.30 42.31 -28.12
CA ARG C 198 -16.52 43.32 -27.43
C ARG C 198 -15.06 42.99 -27.47
N GLU C 199 -14.67 41.74 -27.26
CA GLU C 199 -13.25 41.47 -27.08
C GLU C 199 -12.56 41.04 -28.37
N HIS C 200 -13.31 40.43 -29.26
CA HIS C 200 -12.71 39.94 -30.49
C HIS C 200 -13.41 40.49 -31.77
N GLY C 201 -14.50 41.23 -31.61
CA GLY C 201 -15.20 41.74 -32.79
C GLY C 201 -15.89 40.67 -33.59
N ILE C 202 -16.07 39.52 -33.00
CA ILE C 202 -16.77 38.44 -33.63
C ILE C 202 -18.18 38.48 -33.16
N THR C 203 -19.13 38.15 -34.01
CA THR C 203 -20.53 37.89 -33.61
C THR C 203 -20.83 36.47 -33.94
N ALA C 204 -21.31 35.70 -32.97
CA ALA C 204 -21.52 34.26 -33.19
C ALA C 204 -22.94 34.02 -33.66
N ASP C 205 -23.12 32.95 -34.43
CA ASP C 205 -24.45 32.46 -34.78
C ASP C 205 -25.04 31.86 -33.53
N VAL C 206 -24.23 31.06 -32.83
CA VAL C 206 -24.68 30.51 -31.56
C VAL C 206 -23.49 30.17 -30.67
N VAL C 207 -23.66 30.47 -29.38
CA VAL C 207 -22.72 30.07 -28.36
C VAL C 207 -23.14 28.73 -27.85
N LEU C 208 -22.22 27.77 -27.92
CA LEU C 208 -22.52 26.37 -27.63
C LEU C 208 -22.10 25.92 -26.23
N ASP C 209 -20.82 26.00 -25.94
CA ASP C 209 -20.31 25.47 -24.65
C ASP C 209 -19.08 26.21 -24.24
N TYR C 210 -18.63 26.03 -23.00
CA TYR C 210 -17.58 26.92 -22.51
C TYR C 210 -16.94 26.29 -21.35
N GLU C 211 -15.67 26.65 -21.09
CA GLU C 211 -15.00 26.24 -19.87
C GLU C 211 -14.48 27.49 -19.22
N LEU C 212 -15.23 27.97 -18.25
CA LEU C 212 -15.04 29.27 -17.68
C LEU C 212 -14.81 29.18 -16.17
N SER C 213 -13.75 29.84 -15.74
CA SER C 213 -13.31 29.90 -14.34
C SER C 213 -13.47 31.28 -13.77
N PHE C 214 -14.09 31.36 -12.59
CA PHE C 214 -14.04 32.55 -11.82
C PHE C 214 -12.65 32.72 -11.25
N TYR C 215 -12.25 33.99 -11.01
CA TYR C 215 -10.94 34.29 -10.49
C TYR C 215 -10.95 35.63 -9.84
N ASP C 216 -9.95 35.86 -9.00
CA ASP C 216 -9.84 37.04 -8.19
C ASP C 216 -9.28 38.23 -9.00
N THR C 217 -9.97 39.38 -8.97
CA THR C 217 -9.41 40.60 -9.59
C THR C 217 -8.30 41.30 -8.84
N GLN C 218 -8.05 40.94 -7.57
CA GLN C 218 -6.91 41.50 -6.84
C GLN C 218 -5.65 40.84 -7.38
N SER C 219 -4.78 41.67 -7.91
CA SER C 219 -3.51 41.26 -8.48
C SER C 219 -2.70 40.67 -7.39
N ALA C 220 -1.77 39.80 -7.76
CA ALA C 220 -0.75 39.42 -6.87
C ALA C 220 0.10 40.64 -6.45
N ALA C 221 0.68 40.57 -5.25
CA ALA C 221 1.41 41.70 -4.64
C ALA C 221 2.48 41.24 -3.64
N VAL C 222 3.54 42.03 -3.55
CA VAL C 222 4.55 41.80 -2.53
C VAL C 222 3.91 42.25 -1.22
N VAL C 223 4.16 41.54 -0.14
CA VAL C 223 3.55 41.84 1.16
C VAL C 223 4.61 41.59 2.24
N GLY C 224 4.47 42.29 3.36
CA GLY C 224 5.39 42.11 4.44
C GLY C 224 6.17 43.36 4.79
N LEU C 225 6.51 43.45 6.06
CA LEU C 225 7.25 44.58 6.57
C LEU C 225 8.51 44.83 5.74
N ASN C 226 9.21 43.78 5.39
CA ASN C 226 10.40 43.91 4.57
C ASN C 226 10.23 43.24 3.20
N ASP C 227 8.99 43.21 2.69
CA ASP C 227 8.70 42.63 1.37
C ASP C 227 9.15 41.20 1.26
N GLU C 228 8.93 40.45 2.35
CA GLU C 228 9.38 39.08 2.41
C GLU C 228 8.59 38.13 1.54
N PHE C 229 7.37 38.49 1.25
CA PHE C 229 6.41 37.58 0.71
C PHE C 229 5.73 38.01 -0.58
N ILE C 230 5.20 37.02 -1.26
CA ILE C 230 4.29 37.28 -2.39
C ILE C 230 2.97 36.58 -2.16
N ALA C 231 1.90 37.33 -2.31
CA ALA C 231 0.53 36.83 -2.18
C ALA C 231 -0.21 36.82 -3.49
N GLY C 232 -0.97 35.76 -3.78
CA GLY C 232 -1.64 35.64 -5.04
C GLY C 232 -2.39 34.34 -5.28
N ALA C 233 -3.46 34.42 -6.05
CA ALA C 233 -4.09 33.25 -6.59
C ALA C 233 -3.10 32.60 -7.55
N ARG C 234 -3.20 31.28 -7.65
CA ARG C 234 -2.56 30.44 -8.66
C ARG C 234 -1.05 30.32 -8.57
N LEU C 235 -0.45 30.65 -7.42
CA LEU C 235 0.96 30.33 -7.18
C LEU C 235 1.18 28.83 -7.38
N ASP C 236 0.30 28.02 -6.84
CA ASP C 236 0.23 26.63 -7.20
C ASP C 236 -0.61 26.58 -8.45
N ASN C 237 0.03 26.47 -9.63
CA ASN C 237 1.49 26.23 -9.84
C ASN C 237 2.02 27.07 -10.99
N LEU C 238 1.43 28.23 -11.16
CA LEU C 238 1.97 29.23 -12.06
C LEU C 238 3.26 29.78 -11.56
N LEU C 239 3.56 29.68 -10.26
CA LEU C 239 4.85 30.05 -9.77
C LEU C 239 5.96 29.19 -10.43
N SER C 240 5.73 27.88 -10.54
CA SER C 240 6.71 27.02 -11.14
C SER C 240 6.71 27.19 -12.69
N CYS C 241 5.56 27.40 -13.31
CA CYS C 241 5.52 27.53 -14.74
C CYS C 241 6.39 28.70 -15.13
N HIS C 242 6.16 29.81 -14.44
CA HIS C 242 6.95 31.02 -14.68
C HIS C 242 8.43 30.85 -14.44
N ALA C 243 8.76 30.25 -13.32
CA ALA C 243 10.14 29.98 -13.03
C ALA C 243 10.79 29.12 -14.09
N GLY C 244 10.08 28.07 -14.53
CA GLY C 244 10.64 27.16 -15.48
C GLY C 244 10.85 27.86 -16.80
N LEU C 245 9.89 28.69 -17.13
CA LEU C 245 9.99 29.48 -18.36
C LEU C 245 11.27 30.37 -18.36
N GLU C 246 11.48 31.10 -17.27
CA GLU C 246 12.59 32.01 -17.14
C GLU C 246 13.87 31.26 -17.18
N ALA C 247 13.95 30.12 -16.50
CA ALA C 247 15.14 29.30 -16.62
C ALA C 247 15.40 28.86 -18.04
N LEU C 248 14.36 28.48 -18.76
CA LEU C 248 14.55 27.94 -20.11
C LEU C 248 15.06 28.99 -21.08
N LEU C 249 14.43 30.15 -21.00
CA LEU C 249 14.80 31.26 -21.84
C LEU C 249 16.18 31.74 -21.54
N ASN C 250 16.67 31.62 -20.31
CA ASN C 250 17.97 32.25 -19.98
C ASN C 250 19.06 31.23 -19.88
N ALA C 251 18.74 29.97 -20.09
CA ALA C 251 19.72 28.93 -19.76
C ALA C 251 20.90 28.92 -20.74
N GLU C 252 22.07 28.65 -20.21
CA GLU C 252 23.26 28.49 -20.99
C GLU C 252 23.41 27.02 -21.34
N GLY C 253 24.50 26.71 -22.03
CA GLY C 253 24.81 25.34 -22.41
C GLY C 253 24.07 24.97 -23.66
N ASP C 254 24.12 23.70 -24.02
CA ASP C 254 23.51 23.22 -25.27
C ASP C 254 22.97 21.83 -25.03
N GLU C 255 22.30 21.68 -23.90
CA GLU C 255 21.58 20.49 -23.61
C GLU C 255 20.20 20.51 -24.26
N ASN C 256 19.59 19.36 -24.31
CA ASN C 256 18.19 19.24 -24.71
C ASN C 256 17.24 19.57 -23.51
N CYS C 257 16.48 20.63 -23.61
CA CYS C 257 15.91 21.21 -22.43
C CYS C 257 14.46 20.84 -22.15
N ILE C 258 13.51 21.01 -22.96
CA ILE C 258 12.16 20.63 -22.27
C ILE C 258 11.49 21.31 -21.02
N LEU C 259 10.40 22.03 -21.31
CA LEU C 259 9.50 22.55 -20.30
C LEU C 259 8.13 21.98 -20.57
N VAL C 260 7.58 21.22 -19.59
CA VAL C 260 6.26 20.61 -19.76
C VAL C 260 5.34 21.19 -18.68
N CYS C 261 4.29 21.82 -19.15
CA CYS C 261 3.31 22.43 -18.27
C CYS C 261 1.98 21.87 -18.65
N THR C 262 1.47 20.95 -17.82
CA THR C 262 0.23 20.24 -18.18
C THR C 262 -0.99 20.72 -17.40
N ASP C 263 -2.15 20.63 -18.03
CA ASP C 263 -3.48 20.89 -17.40
C ASP C 263 -3.86 19.65 -16.61
N HIS C 264 -4.88 19.83 -15.78
CA HIS C 264 -5.50 18.78 -15.08
C HIS C 264 -4.70 18.07 -14.04
N GLU C 265 -3.61 18.63 -13.59
CA GLU C 265 -2.91 18.05 -12.46
C GLU C 265 -3.70 18.07 -11.15
N GLU C 266 -4.55 19.07 -10.98
CA GLU C 266 -5.24 19.21 -9.73
C GLU C 266 -6.33 18.19 -9.64
N VAL C 267 -6.48 17.39 -10.67
CA VAL C 267 -7.58 16.47 -10.66
C VAL C 267 -7.16 15.05 -10.99
N GLY C 268 -5.87 14.73 -10.85
CA GLY C 268 -5.34 13.38 -11.18
C GLY C 268 -4.63 13.21 -12.56
N SER C 269 -4.59 14.27 -13.37
CA SER C 269 -3.77 14.33 -14.63
C SER C 269 -4.25 13.38 -15.73
N CYS C 270 -5.42 12.79 -15.52
CA CYS C 270 -5.99 11.77 -16.39
C CYS C 270 -6.96 12.43 -17.40
N SER C 271 -6.37 12.94 -18.47
CA SER C 271 -7.10 13.45 -19.62
C SER C 271 -6.25 13.28 -20.93
N HIS C 272 -6.78 13.69 -22.06
CA HIS C 272 -5.99 13.72 -23.28
C HIS C 272 -4.72 14.58 -23.15
N CYS C 273 -4.78 15.64 -22.34
CA CYS C 273 -3.68 16.61 -22.25
C CYS C 273 -2.95 16.64 -20.90
N GLY C 274 -3.43 15.85 -19.93
CA GLY C 274 -2.74 15.73 -18.63
C GLY C 274 -1.41 14.95 -18.70
N ALA C 275 -0.67 14.99 -17.58
CA ALA C 275 0.58 14.24 -17.42
C ALA C 275 0.32 12.72 -17.30
N ASP C 276 -0.90 12.34 -16.93
CA ASP C 276 -1.26 10.93 -16.95
C ASP C 276 -1.66 10.48 -18.37
N GLY C 277 -1.65 11.41 -19.31
CA GLY C 277 -1.81 11.07 -20.70
C GLY C 277 -0.49 11.02 -21.41
N PRO C 278 -0.55 10.68 -22.67
CA PRO C 278 0.60 10.49 -23.50
C PRO C 278 1.09 11.72 -24.25
N PHE C 279 0.65 12.94 -23.85
CA PHE C 279 1.13 14.13 -24.54
C PHE C 279 2.69 14.17 -24.49
N LEU C 280 3.27 14.15 -23.30
CA LEU C 280 4.69 14.28 -23.21
C LEU C 280 5.38 13.18 -24.00
N GLU C 281 4.95 11.94 -23.81
CA GLU C 281 5.63 10.84 -24.47
C GLU C 281 5.54 10.98 -25.99
N GLN C 282 4.37 11.30 -26.48
CA GLN C 282 4.16 11.35 -27.92
C GLN C 282 4.93 12.53 -28.52
N VAL C 283 5.21 13.57 -27.76
CA VAL C 283 6.08 14.67 -28.27
C VAL C 283 7.56 14.25 -28.22
N LEU C 284 7.98 13.62 -27.12
CA LEU C 284 9.38 13.23 -26.99
C LEU C 284 9.82 12.19 -28.02
N ARG C 285 8.99 11.18 -28.27
CA ARG C 285 9.23 10.24 -29.32
C ARG C 285 9.46 10.84 -30.70
N ARG C 286 8.76 11.95 -30.99
CA ARG C 286 8.91 12.61 -32.25
C ARG C 286 10.21 13.28 -32.32
N LEU C 287 10.96 13.40 -31.24
CA LEU C 287 12.27 14.00 -31.34
C LEU C 287 13.40 12.96 -31.51
N LEU C 288 13.08 11.68 -31.61
CA LEU C 288 14.07 10.66 -31.59
C LEU C 288 13.80 9.70 -32.72
N PRO C 289 14.79 8.86 -33.05
CA PRO C 289 14.49 7.79 -33.98
C PRO C 289 13.61 6.67 -33.36
N GLU C 290 13.15 5.75 -34.21
CA GLU C 290 12.36 4.60 -33.75
C GLU C 290 13.26 3.60 -33.05
N GLY C 291 12.66 2.55 -32.53
CA GLY C 291 13.36 1.46 -31.89
C GLY C 291 13.65 1.75 -30.44
N ASP C 292 14.85 1.40 -30.00
CA ASP C 292 15.28 1.60 -28.61
C ASP C 292 15.62 3.07 -28.18
N ALA C 293 15.63 3.97 -29.15
CA ALA C 293 16.19 5.29 -28.87
C ALA C 293 15.49 6.03 -27.74
N PHE C 294 14.17 5.93 -27.72
CA PHE C 294 13.39 6.63 -26.76
C PHE C 294 13.72 6.13 -25.34
N SER C 295 13.66 4.83 -25.16
CA SER C 295 13.99 4.22 -23.90
C SER C 295 15.42 4.54 -23.44
N ARG C 296 16.35 4.49 -24.38
CA ARG C 296 17.74 4.88 -24.05
C ARG C 296 17.89 6.35 -23.69
N ALA C 297 17.16 7.21 -24.43
CA ALA C 297 17.22 8.64 -24.11
C ALA C 297 16.71 8.93 -22.71
N ILE C 298 15.54 8.37 -22.41
CA ILE C 298 14.91 8.55 -21.10
C ILE C 298 15.74 8.05 -19.92
N GLN C 299 16.38 6.89 -20.04
CA GLN C 299 17.34 6.45 -19.03
C GLN C 299 18.52 7.35 -18.92
N ARG C 300 18.60 8.41 -19.71
CA ARG C 300 19.70 9.31 -19.63
C ARG C 300 19.11 10.69 -19.28
N SER C 301 17.82 10.70 -18.95
CA SER C 301 17.15 11.98 -18.69
C SER C 301 16.87 12.09 -17.18
N LEU C 302 16.50 13.29 -16.78
CA LEU C 302 15.96 13.57 -15.49
C LEU C 302 14.84 14.57 -15.56
N LEU C 303 13.81 14.37 -14.74
CA LEU C 303 12.71 15.30 -14.60
C LEU C 303 12.77 16.01 -13.26
N VAL C 304 12.85 17.33 -13.30
CA VAL C 304 12.67 18.14 -12.11
C VAL C 304 11.17 18.48 -12.12
N SER C 305 10.41 17.80 -11.26
CA SER C 305 8.96 18.06 -11.09
C SER C 305 8.73 19.16 -10.06
N ALA C 306 8.41 20.37 -10.54
CA ALA C 306 8.35 21.56 -9.72
C ALA C 306 6.93 21.88 -9.34
N ASP C 307 6.59 21.71 -8.08
CA ASP C 307 5.25 22.03 -7.65
C ASP C 307 5.35 22.48 -6.20
N ASN C 308 4.59 23.48 -5.82
CA ASN C 308 4.78 24.15 -4.53
C ASN C 308 4.80 23.21 -3.30
N ALA C 309 5.70 23.50 -2.38
CA ALA C 309 5.80 22.75 -1.16
C ALA C 309 5.08 23.52 -0.02
N HIS C 310 4.89 22.83 1.08
CA HIS C 310 4.32 23.42 2.30
C HIS C 310 5.39 23.90 3.23
N GLY C 311 5.48 25.19 3.37
CA GLY C 311 6.28 25.75 4.43
C GLY C 311 5.64 25.44 5.78
N VAL C 312 6.47 25.35 6.80
CA VAL C 312 5.93 25.28 8.17
C VAL C 312 5.30 26.61 8.63
N HIS C 313 4.01 26.50 8.93
CA HIS C 313 3.16 27.64 9.32
C HIS C 313 3.20 27.84 10.84
N PRO C 314 3.58 29.04 11.27
CA PRO C 314 3.76 29.21 12.70
C PRO C 314 2.49 29.17 13.52
N ASN C 315 1.33 29.43 12.91
CA ASN C 315 0.05 29.18 13.62
C ASN C 315 -0.44 27.74 13.51
N TYR C 316 0.26 26.87 12.76
CA TYR C 316 -0.13 25.46 12.64
C TYR C 316 1.13 24.56 12.51
N ALA C 317 2.08 24.81 13.37
CA ALA C 317 3.41 24.18 13.30
C ALA C 317 3.45 22.63 13.50
N ASP C 318 2.52 22.14 14.31
CA ASP C 318 2.32 20.71 14.49
C ASP C 318 1.80 20.00 13.25
N ARG C 319 1.50 20.69 12.17
CA ARG C 319 1.16 19.98 10.92
C ARG C 319 2.38 19.51 10.16
N HIS C 320 3.53 19.96 10.58
CA HIS C 320 4.80 19.52 10.01
C HIS C 320 5.56 18.62 10.97
N ASP C 321 6.42 17.78 10.39
CA ASP C 321 7.46 17.08 11.14
C ASP C 321 8.52 18.11 11.57
N ALA C 322 8.87 18.09 12.84
CA ALA C 322 9.70 19.13 13.46
C ALA C 322 11.03 19.22 12.79
N ASN C 323 11.48 18.14 12.18
CA ASN C 323 12.75 18.11 11.48
C ASN C 323 12.66 18.51 10.02
N HIS C 324 11.44 18.77 9.52
CA HIS C 324 11.25 18.98 8.08
C HIS C 324 10.20 20.06 7.87
N GLY C 325 10.48 21.25 8.37
CA GLY C 325 9.62 22.35 8.25
C GLY C 325 10.33 23.37 7.42
N PRO C 326 10.00 23.48 6.14
CA PRO C 326 10.67 24.43 5.25
C PRO C 326 10.27 25.84 5.58
N ALA C 327 11.25 26.74 5.50
CA ALA C 327 11.08 28.15 5.68
C ALA C 327 10.91 28.83 4.34
N LEU C 328 9.90 29.69 4.24
CA LEU C 328 9.79 30.61 3.10
C LEU C 328 11.07 31.41 2.97
N ASN C 329 11.55 31.62 1.76
CA ASN C 329 12.81 32.32 1.51
C ASN C 329 14.04 31.55 1.90
N GLY C 330 13.83 30.27 2.19
CA GLY C 330 14.86 29.33 2.54
C GLY C 330 15.34 28.47 1.35
N GLY C 331 14.83 28.81 0.16
CA GLY C 331 15.16 28.10 -1.09
C GLY C 331 14.24 26.89 -1.45
N PRO C 332 14.47 26.30 -2.61
CA PRO C 332 13.64 25.14 -2.98
C PRO C 332 13.71 23.94 -1.99
N VAL C 333 12.61 23.20 -1.94
CA VAL C 333 12.44 22.05 -1.07
C VAL C 333 12.47 20.78 -1.90
N ILE C 334 13.33 19.86 -1.49
CA ILE C 334 13.33 18.51 -1.97
C ILE C 334 12.28 17.70 -1.25
N LYS C 335 11.32 17.21 -2.01
CA LYS C 335 10.11 16.52 -1.49
C LYS C 335 10.30 15.03 -1.58
N ILE C 336 10.33 14.42 -0.42
CA ILE C 336 10.60 13.02 -0.28
C ILE C 336 9.36 12.36 0.31
N ASN C 337 8.93 11.29 -0.33
CA ASN C 337 7.93 10.35 0.24
C ASN C 337 8.20 8.95 -0.28
N SER C 338 8.48 8.01 0.60
CA SER C 338 8.91 6.68 0.07
C SER C 338 7.75 5.84 -0.48
N ASN C 339 6.52 6.19 -0.13
CA ASN C 339 5.35 5.57 -0.76
C ASN C 339 5.03 6.21 -2.09
N GLN C 340 5.97 6.98 -2.63
CA GLN C 340 5.88 7.43 -4.00
C GLN C 340 4.74 8.39 -4.26
N ARG C 341 4.30 9.15 -3.25
CA ARG C 341 3.48 10.34 -3.53
C ARG C 341 4.37 11.43 -4.17
N TYR C 342 5.69 11.29 -3.96
CA TYR C 342 6.75 12.01 -4.68
C TYR C 342 7.76 10.92 -5.25
N ALA C 343 8.37 11.14 -6.43
CA ALA C 343 9.23 10.07 -7.05
C ALA C 343 10.72 10.24 -6.72
N THR C 344 11.03 11.22 -5.87
CA THR C 344 12.36 11.54 -5.50
C THR C 344 13.04 10.28 -4.92
N ASN C 345 14.32 10.02 -5.24
CA ASN C 345 15.07 8.90 -4.66
C ASN C 345 16.43 9.47 -4.30
N SER C 346 17.30 8.66 -3.77
CA SER C 346 18.56 9.18 -3.26
C SER C 346 19.43 9.80 -4.29
N GLU C 347 19.35 9.26 -5.50
CA GLU C 347 20.09 9.79 -6.65
C GLU C 347 19.54 11.09 -7.22
N THR C 348 18.23 11.21 -7.33
CA THR C 348 17.63 12.41 -7.85
C THR C 348 17.68 13.49 -6.80
N ALA C 349 17.38 13.13 -5.56
CA ALA C 349 17.56 14.10 -4.47
C ALA C 349 19.02 14.55 -4.41
N GLY C 350 19.94 13.59 -4.46
CA GLY C 350 21.38 13.96 -4.28
C GLY C 350 21.90 14.87 -5.37
N PHE C 351 21.50 14.57 -6.59
CA PHE C 351 21.87 15.42 -7.68
C PHE C 351 21.31 16.82 -7.52
N PHE C 352 20.05 16.93 -7.17
CA PHE C 352 19.45 18.27 -7.01
C PHE C 352 20.13 19.07 -5.88
N ARG C 353 20.40 18.40 -4.75
CA ARG C 353 20.98 19.03 -3.58
C ARG C 353 22.37 19.54 -3.97
N HIS C 354 23.08 18.77 -4.76
CA HIS C 354 24.40 19.13 -5.27
C HIS C 354 24.34 20.30 -6.26
N LEU C 355 23.34 20.33 -7.11
CA LEU C 355 23.14 21.44 -8.00
C LEU C 355 22.92 22.74 -7.21
N CYS C 356 22.08 22.65 -6.18
CA CYS C 356 21.82 23.80 -5.32
C CYS C 356 23.11 24.30 -4.73
N GLN C 357 23.88 23.38 -4.18
CA GLN C 357 25.14 23.72 -3.53
C GLN C 357 26.14 24.36 -4.52
N ASP C 358 26.26 23.83 -5.73
CA ASP C 358 27.06 24.50 -6.74
C ASP C 358 26.57 25.87 -7.16
N SER C 359 25.27 26.10 -7.19
CA SER C 359 24.73 27.41 -7.58
C SER C 359 24.65 28.36 -6.40
N GLU C 360 25.09 27.93 -5.23
CA GLU C 360 24.93 28.72 -4.01
C GLU C 360 23.47 29.09 -3.72
N VAL C 361 22.59 28.12 -3.91
CA VAL C 361 21.17 28.31 -3.59
C VAL C 361 20.92 27.40 -2.41
N PRO C 362 20.29 27.93 -1.35
CA PRO C 362 19.92 27.12 -0.20
C PRO C 362 18.84 26.12 -0.60
N VAL C 363 18.87 24.95 0.03
CA VAL C 363 17.95 23.87 -0.34
C VAL C 363 17.45 23.21 0.92
N GLN C 364 16.21 22.72 0.92
CA GLN C 364 15.56 22.24 2.14
C GLN C 364 14.98 20.82 1.85
N SER C 365 14.59 20.11 2.91
CA SER C 365 13.92 18.81 2.75
C SER C 365 12.56 18.76 3.39
N PHE C 366 11.64 18.09 2.70
CA PHE C 366 10.30 17.89 3.22
C PHE C 366 9.97 16.42 3.12
N VAL C 367 9.54 15.93 4.25
CA VAL C 367 8.78 14.76 4.35
C VAL C 367 7.53 15.12 5.23
N THR C 368 6.43 14.48 4.90
CA THR C 368 5.20 14.58 5.73
C THR C 368 5.36 13.99 7.16
N ARG C 369 4.62 14.50 8.12
CA ARG C 369 4.44 13.73 9.37
C ARG C 369 4.05 12.30 9.04
N SER C 370 4.63 11.33 9.75
CA SER C 370 4.40 9.93 9.39
C SER C 370 2.97 9.44 9.72
N ASP C 371 2.17 10.23 10.42
CA ASP C 371 0.77 9.91 10.69
C ASP C 371 -0.20 10.68 9.78
N MET C 372 0.31 11.32 8.75
CA MET C 372 -0.50 12.03 7.76
C MET C 372 -0.09 11.56 6.37
N GLY C 373 -1.08 11.41 5.48
CA GLY C 373 -0.81 11.38 4.03
C GLY C 373 -0.08 12.64 3.61
N GLY C 379 4.62 14.34 -10.80
CA GLY C 379 5.94 13.76 -10.44
C GLY C 379 6.02 12.23 -10.64
N PRO C 380 5.39 11.47 -9.72
CA PRO C 380 5.37 10.00 -9.94
C PRO C 380 4.60 9.56 -11.23
N ILE C 381 3.60 10.36 -11.61
CA ILE C 381 2.78 10.12 -12.79
C ILE C 381 3.60 10.10 -14.08
N THR C 382 4.50 11.06 -14.23
CA THR C 382 5.23 11.19 -15.48
C THR C 382 6.34 10.13 -15.50
N ALA C 383 6.95 9.90 -14.32
CA ALA C 383 7.91 8.78 -14.16
C ALA C 383 7.26 7.45 -14.57
N SER C 384 5.97 7.30 -14.26
CA SER C 384 5.35 6.01 -14.53
C SER C 384 4.85 5.96 -15.97
N GLN C 385 4.60 7.11 -16.60
CA GLN C 385 4.22 7.12 -18.02
C GLN C 385 5.41 6.85 -18.94
N VAL C 386 6.47 7.61 -18.73
CA VAL C 386 7.60 7.74 -19.60
C VAL C 386 8.82 6.95 -19.01
N GLY C 387 8.79 6.65 -17.70
CA GLY C 387 9.87 5.85 -17.02
C GLY C 387 11.12 6.63 -16.59
N VAL C 388 11.00 7.96 -16.51
CA VAL C 388 12.11 8.86 -16.25
C VAL C 388 12.32 9.12 -14.73
N ARG C 389 13.56 9.02 -14.29
CA ARG C 389 13.98 9.53 -13.02
C ARG C 389 13.51 10.95 -12.80
N THR C 390 13.10 11.20 -11.57
CA THR C 390 12.36 12.41 -11.22
C THR C 390 12.81 12.85 -9.83
N VAL C 391 13.06 14.13 -9.62
CA VAL C 391 13.17 14.69 -8.26
C VAL C 391 11.94 15.61 -8.23
N ASP C 392 11.25 15.59 -7.11
CA ASP C 392 10.10 16.40 -6.86
C ASP C 392 10.57 17.50 -5.96
N ILE C 393 10.47 18.74 -6.45
CA ILE C 393 10.87 19.89 -5.70
C ILE C 393 9.77 20.95 -5.69
N GLY C 394 9.85 21.89 -4.78
CA GLY C 394 8.88 22.96 -4.75
C GLY C 394 9.32 24.12 -3.89
N LEU C 395 8.89 25.31 -4.27
CA LEU C 395 9.09 26.45 -3.40
C LEU C 395 8.09 26.37 -2.22
N PRO C 396 8.51 26.75 -1.03
CA PRO C 396 7.68 26.66 0.17
C PRO C 396 6.61 27.75 0.24
N THR C 397 5.38 27.33 0.41
CA THR C 397 4.27 28.25 0.39
C THR C 397 3.30 27.96 1.52
N PHE C 398 2.42 28.91 1.78
CA PHE C 398 1.32 28.68 2.71
C PHE C 398 -0.03 28.75 1.98
N ALA C 399 -1.08 28.19 2.59
CA ALA C 399 -2.48 28.40 2.21
C ALA C 399 -2.76 27.81 0.86
N MET C 400 -2.11 26.72 0.57
CA MET C 400 -2.23 26.14 -0.75
C MET C 400 -3.69 25.71 -1.00
N HIS C 401 -4.19 26.09 -2.17
CA HIS C 401 -5.54 25.91 -2.69
C HIS C 401 -6.51 26.98 -2.19
N SER C 402 -6.03 27.98 -1.47
CA SER C 402 -6.79 29.18 -1.27
C SER C 402 -6.90 29.88 -2.60
N ILE C 403 -7.82 30.85 -2.65
CA ILE C 403 -7.82 31.87 -3.68
C ILE C 403 -6.66 32.82 -3.57
N ARG C 404 -6.01 32.85 -2.42
CA ARG C 404 -4.86 33.75 -2.28
C ARG C 404 -3.79 33.09 -1.44
N GLU C 405 -2.77 32.61 -2.13
CA GLU C 405 -1.69 31.84 -1.51
C GLU C 405 -0.47 32.73 -1.19
N LEU C 406 0.50 32.17 -0.47
CA LEU C 406 1.65 32.98 -0.06
C LEU C 406 2.92 32.26 -0.30
N ALA C 407 3.85 32.92 -0.99
CA ALA C 407 5.19 32.45 -1.14
C ALA C 407 6.22 33.47 -0.63
N GLY C 408 7.49 33.05 -0.64
CA GLY C 408 8.60 33.94 -0.28
C GLY C 408 9.03 34.69 -1.53
N SER C 409 9.26 35.99 -1.35
CA SER C 409 9.67 36.85 -2.45
C SER C 409 11.12 36.61 -2.91
N HIS C 410 11.92 35.84 -2.18
CA HIS C 410 13.30 35.56 -2.57
C HIS C 410 13.37 34.24 -3.35
N ASP C 411 12.34 33.43 -3.25
CA ASP C 411 12.45 32.02 -3.62
C ASP C 411 12.38 31.84 -5.14
N LEU C 412 11.64 32.70 -5.84
CA LEU C 412 11.54 32.60 -7.27
C LEU C 412 12.93 32.72 -7.86
N ALA C 413 13.73 33.66 -7.34
CA ALA C 413 15.10 33.85 -7.87
C ALA C 413 15.91 32.60 -7.59
N HIS C 414 15.77 32.06 -6.40
CA HIS C 414 16.47 30.86 -6.08
C HIS C 414 16.17 29.72 -7.05
N LEU C 415 14.89 29.52 -7.34
CA LEU C 415 14.47 28.43 -8.18
C LEU C 415 14.93 28.63 -9.65
N VAL C 416 14.78 29.86 -10.15
CA VAL C 416 15.23 30.22 -11.50
C VAL C 416 16.71 29.97 -11.61
N LYS C 417 17.48 30.34 -10.61
CA LYS C 417 18.88 30.05 -10.68
C LYS C 417 19.22 28.55 -10.81
N VAL C 418 18.62 27.72 -9.98
CA VAL C 418 18.92 26.30 -9.99
C VAL C 418 18.33 25.57 -11.18
N LEU C 419 17.15 25.98 -11.64
CA LEU C 419 16.61 25.43 -12.86
C LEU C 419 17.52 25.74 -14.06
N GLY C 420 18.01 26.98 -14.14
CA GLY C 420 19.00 27.39 -15.13
C GLY C 420 20.25 26.51 -15.01
N ALA C 421 20.69 26.19 -13.80
CA ALA C 421 21.86 25.32 -13.65
C ALA C 421 21.55 23.90 -14.12
N PHE C 422 20.33 23.42 -13.86
CA PHE C 422 19.94 22.09 -14.29
C PHE C 422 19.91 22.02 -15.82
N TYR C 423 19.35 23.05 -16.44
CA TYR C 423 19.16 23.00 -17.89
C TYR C 423 20.49 23.12 -18.62
N ALA C 424 21.47 23.73 -17.97
CA ALA C 424 22.77 23.88 -18.53
C ALA C 424 23.68 22.76 -18.10
N SER C 425 23.22 21.74 -17.38
CA SER C 425 24.19 20.74 -16.94
C SER C 425 24.36 19.56 -17.87
N SER C 426 25.62 19.30 -18.18
CA SER C 426 26.07 18.14 -18.94
C SER C 426 25.83 16.77 -18.33
N GLU C 427 26.37 16.52 -17.14
CA GLU C 427 26.23 15.21 -16.50
C GLU C 427 24.88 15.10 -15.79
N LEU C 428 24.50 13.86 -15.43
CA LEU C 428 23.14 13.52 -14.99
C LEU C 428 23.12 12.05 -14.54
N PRO C 429 22.12 11.62 -13.73
CA PRO C 429 21.97 10.16 -13.55
C PRO C 429 20.61 9.52 -13.97
N MET D 1 34.73 -7.47 34.10
CA MET D 1 34.21 -6.96 32.83
C MET D 1 32.68 -6.94 32.83
N ARG D 2 32.14 -5.83 32.34
CA ARG D 2 30.76 -5.75 32.02
C ARG D 2 30.50 -6.87 31.01
N ALA D 3 31.45 -7.12 30.11
CA ALA D 3 31.22 -8.01 29.03
C ALA D 3 31.05 -9.40 29.52
N GLU D 4 31.74 -9.76 30.59
CA GLU D 4 31.64 -11.12 31.08
C GLU D 4 30.31 -11.27 31.83
N LEU D 5 29.97 -10.28 32.63
CA LEU D 5 28.72 -10.27 33.30
C LEU D 5 27.58 -10.36 32.29
N ASN D 6 27.67 -9.61 31.20
CA ASN D 6 26.54 -9.56 30.27
C ASN D 6 26.37 -10.87 29.55
N GLN D 7 27.50 -11.49 29.22
CA GLN D 7 27.44 -12.79 28.58
C GLN D 7 26.86 -13.81 29.56
N GLY D 8 27.28 -13.71 30.82
CA GLY D 8 26.76 -14.58 31.87
C GLY D 8 25.23 -14.45 31.97
N LEU D 9 24.73 -13.20 31.85
CA LEU D 9 23.29 -12.93 31.84
C LEU D 9 22.61 -13.59 30.64
N ILE D 10 23.19 -13.43 29.46
CA ILE D 10 22.64 -14.02 28.26
C ILE D 10 22.58 -15.56 28.41
N ASP D 11 23.62 -16.15 28.96
CA ASP D 11 23.64 -17.60 29.21
C ASP D 11 22.57 -18.02 30.21
N PHE D 12 22.49 -17.30 31.30
CA PHE D 12 21.56 -17.62 32.33
C PHE D 12 20.13 -17.54 31.76
N LEU D 13 19.81 -16.46 31.06
CA LEU D 13 18.48 -16.31 30.44
C LEU D 13 18.16 -17.48 29.53
N LYS D 14 19.15 -17.92 28.75
CA LYS D 14 18.96 -19.00 27.81
C LYS D 14 18.66 -20.31 28.55
N ALA D 15 19.32 -20.51 29.66
CA ALA D 15 19.14 -21.75 30.44
C ALA D 15 17.86 -21.68 31.26
N SER D 16 17.17 -20.55 31.30
CA SER D 16 16.09 -20.34 32.25
C SER D 16 14.77 -19.91 31.61
N PRO D 17 14.16 -20.77 30.81
CA PRO D 17 12.89 -20.42 30.12
C PRO D 17 11.69 -20.43 30.97
N THR D 18 11.78 -21.04 32.15
CA THR D 18 10.67 -21.11 33.11
C THR D 18 11.24 -20.88 34.50
N PRO D 19 10.35 -20.66 35.51
CA PRO D 19 10.83 -20.45 36.90
C PRO D 19 11.53 -21.71 37.45
N PHE D 20 11.12 -22.88 36.98
CA PHE D 20 11.76 -24.15 37.37
C PHE D 20 13.18 -24.17 36.84
N HIS D 21 13.36 -23.81 35.58
CA HIS D 21 14.70 -23.76 34.99
C HIS D 21 15.57 -22.66 35.60
N ALA D 22 15.00 -21.49 35.85
CA ALA D 22 15.77 -20.44 36.52
C ALA D 22 16.27 -20.97 37.85
N THR D 23 15.39 -21.62 38.62
CA THR D 23 15.75 -22.17 39.91
C THR D 23 16.84 -23.21 39.73
N ALA D 24 16.71 -24.05 38.72
CA ALA D 24 17.76 -25.06 38.54
C ALA D 24 19.07 -24.36 38.14
N SER D 25 18.98 -23.32 37.31
CA SER D 25 20.24 -22.70 36.88
C SER D 25 20.93 -22.03 38.06
N LEU D 26 20.19 -21.35 38.90
CA LEU D 26 20.75 -20.77 40.12
C LEU D 26 21.40 -21.86 40.98
N ALA D 27 20.73 -22.98 41.11
CA ALA D 27 21.22 -24.06 41.95
C ALA D 27 22.51 -24.63 41.45
N ARG D 28 22.65 -24.80 40.11
CA ARG D 28 23.92 -25.29 39.54
C ARG D 28 25.06 -24.34 39.80
N ARG D 29 24.89 -23.04 39.60
CA ARG D 29 25.97 -22.13 39.94
C ARG D 29 26.34 -22.20 41.43
N LEU D 30 25.34 -22.23 42.29
CA LEU D 30 25.59 -22.25 43.74
C LEU D 30 26.43 -23.50 44.13
N GLU D 31 26.03 -24.63 43.60
CA GLU D 31 26.69 -25.87 43.96
C GLU D 31 28.13 -25.84 43.48
N ALA D 32 28.35 -25.36 42.27
CA ALA D 32 29.69 -25.20 41.75
C ALA D 32 30.49 -24.32 42.63
N ALA D 33 29.84 -23.45 43.39
CA ALA D 33 30.53 -22.58 44.26
C ALA D 33 30.62 -23.18 45.66
N GLY D 34 30.31 -24.43 45.81
CA GLY D 34 30.34 -24.98 47.14
C GLY D 34 29.13 -24.86 48.04
N TYR D 35 27.98 -24.38 47.54
CA TYR D 35 26.81 -24.23 48.41
C TYR D 35 26.14 -25.58 48.50
N ARG D 36 25.73 -25.95 49.70
CA ARG D 36 25.15 -27.24 49.94
C ARG D 36 23.62 -27.10 49.99
N ARG D 37 22.92 -27.90 49.22
CA ARG D 37 21.45 -27.91 49.23
C ARG D 37 20.85 -28.54 50.50
N LEU D 38 19.99 -27.82 51.19
CA LEU D 38 19.26 -28.36 52.31
C LEU D 38 17.84 -28.65 51.87
N ASP D 39 17.21 -29.59 52.53
CA ASP D 39 15.84 -29.96 52.22
C ASP D 39 14.99 -29.52 53.37
N GLU D 40 13.88 -28.85 53.06
CA GLU D 40 13.00 -28.32 54.10
C GLU D 40 12.37 -29.37 55.00
N ARG D 41 12.35 -30.62 54.56
CA ARG D 41 11.83 -31.69 55.43
C ARG D 41 12.79 -32.14 56.53
N ASP D 42 14.08 -31.78 56.43
CA ASP D 42 15.07 -32.34 57.32
C ASP D 42 15.38 -31.37 58.42
N ALA D 43 15.92 -31.88 59.50
CA ALA D 43 16.43 -31.00 60.52
C ALA D 43 17.77 -30.48 60.01
N TRP D 44 18.05 -29.19 60.17
CA TRP D 44 19.28 -28.65 59.67
C TRP D 44 20.31 -28.43 60.77
N HIS D 45 21.57 -28.51 60.39
CA HIS D 45 22.71 -28.34 61.29
C HIS D 45 23.66 -27.40 60.54
N THR D 46 23.40 -26.13 60.60
CA THR D 46 24.14 -25.18 59.80
C THR D 46 25.18 -24.57 60.73
N GLU D 47 26.13 -23.83 60.20
CA GLU D 47 27.15 -23.20 61.05
C GLU D 47 27.80 -22.01 60.39
N THR D 48 28.58 -21.28 61.18
CA THR D 48 29.11 -20.01 60.80
C THR D 48 30.03 -20.33 59.67
N GLY D 49 30.02 -19.48 58.67
CA GLY D 49 30.72 -19.73 57.44
C GLY D 49 30.01 -20.64 56.47
N GLY D 50 28.98 -21.35 56.87
CA GLY D 50 28.28 -22.23 55.91
C GLY D 50 27.63 -21.52 54.71
N ARG D 51 27.58 -22.24 53.60
CA ARG D 51 27.07 -21.81 52.34
C ARG D 51 25.99 -22.86 51.98
N TYR D 52 24.75 -22.42 51.97
CA TYR D 52 23.59 -23.32 51.83
C TYR D 52 22.61 -22.78 50.78
N TYR D 53 21.75 -23.64 50.27
CA TYR D 53 20.59 -23.13 49.59
C TYR D 53 19.49 -24.15 49.73
N VAL D 54 18.26 -23.65 49.58
CA VAL D 54 17.09 -24.47 49.67
C VAL D 54 16.12 -24.07 48.60
N THR D 55 15.29 -25.00 48.17
CA THR D 55 14.22 -24.65 47.24
C THR D 55 12.89 -25.07 47.70
N ARG D 56 11.86 -24.43 47.14
CA ARG D 56 10.50 -24.89 47.37
C ARG D 56 9.76 -24.90 46.02
N ASN D 57 9.00 -25.99 45.79
CA ASN D 57 8.31 -26.25 44.53
C ASN D 57 9.25 -26.31 43.30
N ASP D 58 10.56 -26.44 43.56
CA ASP D 58 11.55 -26.37 42.50
C ASP D 58 11.45 -25.12 41.67
N SER D 59 10.86 -24.08 42.26
CA SER D 59 10.64 -22.82 41.49
C SER D 59 10.96 -21.53 42.25
N SER D 60 11.22 -21.67 43.54
CA SER D 60 11.68 -20.62 44.44
C SER D 60 12.98 -21.12 45.12
N LEU D 61 13.92 -20.22 45.34
CA LEU D 61 15.23 -20.56 45.87
C LEU D 61 15.64 -19.54 46.85
N ILE D 62 16.14 -20.03 47.98
CA ILE D 62 16.83 -19.18 48.94
C ILE D 62 18.29 -19.59 49.12
N ALA D 63 19.18 -18.64 48.86
CA ALA D 63 20.58 -18.89 49.06
C ALA D 63 21.04 -18.19 50.32
N ILE D 64 21.84 -18.89 51.12
CA ILE D 64 22.25 -18.48 52.47
C ILE D 64 23.78 -18.54 52.64
N ARG D 65 24.42 -17.43 52.98
CA ARG D 65 25.83 -17.45 53.47
C ARG D 65 25.82 -17.02 54.90
N LEU D 66 26.18 -17.88 55.84
CA LEU D 66 26.14 -17.49 57.27
C LEU D 66 27.46 -16.85 57.54
N GLY D 67 27.38 -15.70 58.16
CA GLY D 67 28.60 -14.95 58.46
C GLY D 67 29.25 -15.44 59.74
N ARG D 68 30.23 -14.68 60.18
CA ARG D 68 30.91 -14.85 61.43
C ARG D 68 30.02 -14.41 62.57
N ARG D 69 29.46 -13.21 62.50
CA ARG D 69 28.53 -12.76 63.52
C ARG D 69 27.15 -13.32 63.32
N SER D 70 26.49 -13.67 64.42
CA SER D 70 25.17 -14.24 64.33
C SER D 70 24.15 -13.23 63.77
N PRO D 71 23.14 -13.78 63.11
CA PRO D 71 22.05 -12.99 62.63
C PRO D 71 21.35 -12.26 63.75
N LEU D 72 21.25 -12.92 64.91
CA LEU D 72 20.67 -12.25 66.08
C LEU D 72 21.29 -10.88 66.32
N GLU D 73 22.60 -10.76 66.21
CA GLU D 73 23.27 -9.53 66.57
C GLU D 73 23.71 -8.69 65.43
N SER D 74 23.88 -9.26 64.22
CA SER D 74 24.24 -8.48 63.06
C SER D 74 23.16 -8.49 61.96
N GLY D 75 22.07 -9.21 62.14
CA GLY D 75 21.01 -9.21 61.16
C GLY D 75 21.40 -9.93 59.89
N PHE D 76 20.46 -9.90 58.95
CA PHE D 76 20.66 -10.43 57.63
C PHE D 76 20.72 -9.27 56.63
N ARG D 77 21.51 -9.47 55.57
CA ARG D 77 21.55 -8.60 54.43
C ARG D 77 20.82 -9.37 53.37
N LEU D 78 19.59 -9.00 53.04
CA LEU D 78 18.81 -9.81 52.06
C LEU D 78 18.63 -9.08 50.71
N VAL D 79 18.78 -9.80 49.59
CA VAL D 79 18.44 -9.32 48.27
C VAL D 79 17.33 -10.21 47.78
N GLY D 80 16.23 -9.56 47.37
CA GLY D 80 15.07 -10.29 46.87
C GLY D 80 14.83 -10.00 45.42
N ALA D 81 14.47 -11.07 44.71
CA ALA D 81 14.09 -10.98 43.37
C ALA D 81 13.00 -12.04 43.11
N HIS D 82 12.65 -12.25 41.84
CA HIS D 82 11.65 -13.26 41.50
C HIS D 82 12.00 -14.07 40.24
N THR D 83 11.58 -15.32 40.24
CA THR D 83 11.92 -16.28 39.19
C THR D 83 10.93 -16.34 38.03
N ASP D 84 9.78 -15.69 38.17
CA ASP D 84 8.69 -15.85 37.21
C ASP D 84 8.62 -14.60 36.33
N SER D 85 8.03 -14.77 35.15
CA SER D 85 7.85 -13.67 34.19
C SER D 85 6.52 -13.96 33.45
N PRO D 86 5.83 -12.91 33.03
CA PRO D 86 4.56 -13.07 32.33
C PRO D 86 4.79 -13.87 31.02
N CYS D 87 3.89 -14.79 30.74
CA CYS D 87 4.04 -15.68 29.60
C CYS D 87 2.74 -16.48 29.34
N LEU D 88 2.83 -17.43 28.39
CA LEU D 88 1.71 -18.27 28.06
C LEU D 88 1.97 -19.74 28.49
N ARG D 89 0.99 -20.35 29.16
CA ARG D 89 1.12 -21.65 29.74
C ARG D 89 0.11 -22.57 29.11
N VAL D 90 0.53 -23.80 28.88
CA VAL D 90 -0.34 -24.74 28.22
C VAL D 90 -1.47 -25.19 29.16
N LYS D 91 -2.68 -25.23 28.65
CA LYS D 91 -3.81 -25.73 29.40
C LYS D 91 -3.81 -27.24 29.62
N PRO D 92 -4.63 -27.71 30.56
CA PRO D 92 -4.51 -29.13 30.91
C PRO D 92 -5.10 -30.10 29.92
N ASN D 93 -6.07 -29.69 29.11
CA ASN D 93 -6.65 -30.46 27.99
C ASN D 93 -6.47 -29.62 26.73
N PRO D 94 -5.26 -29.58 26.23
CA PRO D 94 -4.97 -28.41 25.38
C PRO D 94 -5.19 -28.58 23.86
N GLU D 95 -5.32 -29.82 23.39
CA GLU D 95 -5.27 -30.09 21.95
C GLU D 95 -6.40 -29.38 21.21
N ILE D 96 -6.06 -28.48 20.32
CA ILE D 96 -7.06 -27.88 19.45
C ILE D 96 -6.68 -28.25 18.01
N ALA D 97 -7.62 -28.83 17.30
CA ALA D 97 -7.46 -29.30 15.95
C ALA D 97 -8.43 -28.56 15.03
N ARG D 98 -7.96 -27.73 14.12
CA ARG D 98 -8.82 -26.85 13.34
C ARG D 98 -8.10 -26.51 12.07
N ASN D 99 -8.82 -26.55 10.97
CA ASN D 99 -8.24 -26.24 9.67
C ASN D 99 -6.92 -26.97 9.45
N GLY D 100 -6.83 -28.25 9.75
CA GLY D 100 -5.61 -28.98 9.46
C GLY D 100 -4.46 -28.71 10.42
N PHE D 101 -4.63 -27.81 11.38
CA PHE D 101 -3.54 -27.60 12.42
C PHE D 101 -3.76 -28.29 13.73
N LEU D 102 -2.68 -28.47 14.45
CA LEU D 102 -2.77 -28.77 15.85
C LEU D 102 -2.24 -27.55 16.58
N GLN D 103 -3.06 -27.06 17.50
CA GLN D 103 -2.73 -25.94 18.35
C GLN D 103 -2.81 -26.39 19.81
N LEU D 104 -2.24 -25.58 20.68
CA LEU D 104 -2.33 -25.78 22.09
C LEU D 104 -2.99 -24.61 22.78
N GLY D 105 -4.02 -24.92 23.53
CA GLY D 105 -4.75 -23.88 24.26
C GLY D 105 -3.87 -23.35 25.38
N VAL D 106 -3.89 -22.02 25.57
CA VAL D 106 -3.03 -21.37 26.55
C VAL D 106 -3.71 -20.42 27.52
N GLU D 107 -3.25 -20.44 28.77
CA GLU D 107 -3.61 -19.40 29.74
C GLU D 107 -2.57 -18.32 29.64
N VAL D 108 -2.96 -17.11 29.95
CA VAL D 108 -2.02 -16.05 30.11
C VAL D 108 -1.60 -15.98 31.54
N TYR D 109 -0.31 -16.04 31.80
CA TYR D 109 0.22 -16.00 33.14
C TYR D 109 0.79 -14.63 33.32
N GLY D 110 0.33 -13.95 34.36
CA GLY D 110 0.79 -12.62 34.68
C GLY D 110 0.29 -11.56 33.71
N GLY D 111 0.75 -10.34 33.92
CA GLY D 111 0.29 -9.24 33.09
C GLY D 111 1.09 -9.09 31.82
N ALA D 112 1.00 -10.08 30.94
CA ALA D 112 1.67 -10.09 29.65
C ALA D 112 1.12 -9.06 28.70
N LEU D 113 2.03 -8.48 27.94
CA LEU D 113 1.65 -7.73 26.79
C LEU D 113 1.45 -8.71 25.68
N PHE D 114 0.24 -8.76 25.13
CA PHE D 114 -0.11 -9.79 24.14
C PHE D 114 0.60 -9.61 22.78
N ALA D 115 0.63 -8.40 22.25
CA ALA D 115 1.01 -8.25 20.84
C ALA D 115 2.41 -8.83 20.53
N PRO D 116 3.34 -8.59 21.45
CA PRO D 116 4.67 -8.96 21.08
C PRO D 116 4.87 -10.48 20.99
N TRP D 117 3.95 -11.24 21.61
CA TRP D 117 4.03 -12.70 21.54
C TRP D 117 3.76 -13.22 20.13
N PHE D 118 3.20 -12.36 19.27
CA PHE D 118 2.86 -12.79 17.92
C PHE D 118 4.11 -12.73 17.04
N ASP D 119 4.16 -13.63 16.08
CA ASP D 119 5.21 -13.63 15.07
C ASP D 119 6.60 -13.78 15.72
N ARG D 120 6.69 -14.80 16.60
CA ARG D 120 7.92 -15.20 17.25
C ARG D 120 8.08 -16.69 17.17
N ASP D 121 9.33 -17.12 17.11
CA ASP D 121 9.65 -18.55 17.00
C ASP D 121 9.77 -19.07 18.42
N LEU D 122 8.71 -19.69 18.86
CA LEU D 122 8.53 -20.18 20.21
C LEU D 122 8.91 -21.66 20.41
N SER D 123 9.53 -21.93 21.56
CA SER D 123 9.61 -23.27 22.06
C SER D 123 8.79 -23.34 23.38
N LEU D 124 8.95 -24.45 24.12
CA LEU D 124 8.11 -24.83 25.21
C LEU D 124 8.94 -25.60 26.20
N ALA D 125 8.78 -25.24 27.47
CA ALA D 125 9.53 -25.84 28.57
C ALA D 125 8.75 -25.82 29.87
N GLY D 126 9.15 -26.64 30.81
CA GLY D 126 8.70 -26.55 32.18
C GLY D 126 8.62 -27.92 32.81
N ARG D 127 7.76 -28.05 33.81
CA ARG D 127 7.69 -29.26 34.64
C ARG D 127 6.64 -30.22 34.13
N VAL D 128 7.00 -31.50 34.04
CA VAL D 128 6.00 -32.54 33.72
C VAL D 128 5.90 -33.54 34.85
N THR D 129 4.68 -33.88 35.28
CA THR D 129 4.51 -34.83 36.38
C THR D 129 3.90 -36.08 35.81
N PHE D 130 4.50 -37.21 36.13
CA PHE D 130 4.15 -38.47 35.50
C PHE D 130 4.30 -39.66 36.47
N ARG D 131 3.85 -40.80 36.03
CA ARG D 131 3.98 -42.03 36.79
C ARG D 131 4.90 -42.94 35.97
N ALA D 132 5.95 -43.44 36.61
CA ALA D 132 6.88 -44.38 35.98
C ALA D 132 7.13 -45.48 37.02
N ASN D 133 6.89 -46.74 36.64
CA ASN D 133 6.93 -47.90 37.56
C ASN D 133 6.09 -47.69 38.78
N GLY D 134 4.85 -47.25 38.61
CA GLY D 134 3.98 -47.01 39.75
C GLY D 134 4.54 -45.96 40.69
N LYS D 135 5.50 -45.16 40.24
CA LYS D 135 5.97 -44.09 41.07
C LYS D 135 5.65 -42.76 40.38
N LEU D 136 5.16 -41.83 41.19
CA LEU D 136 4.87 -40.50 40.75
C LEU D 136 6.12 -39.71 40.75
N GLU D 137 6.42 -39.01 39.66
CA GLU D 137 7.59 -38.09 39.66
C GLU D 137 7.48 -36.91 38.71
N SER D 138 8.43 -36.00 38.85
CA SER D 138 8.51 -34.83 38.03
C SER D 138 9.88 -34.70 37.41
N ARG D 139 9.88 -34.21 36.16
CA ARG D 139 11.06 -33.74 35.53
C ARG D 139 10.76 -32.43 34.83
N LEU D 140 11.83 -31.68 34.58
CA LEU D 140 11.84 -30.63 33.59
C LEU D 140 12.07 -31.14 32.18
N VAL D 141 11.29 -30.58 31.26
CA VAL D 141 11.58 -30.63 29.83
C VAL D 141 11.82 -29.27 29.20
N ASP D 142 12.54 -29.30 28.10
CA ASP D 142 12.71 -28.16 27.24
C ASP D 142 12.86 -28.66 25.80
N PHE D 143 11.82 -28.47 24.98
CA PHE D 143 11.88 -28.90 23.58
C PHE D 143 13.01 -28.16 22.86
N ARG D 144 13.32 -26.93 23.26
CA ARG D 144 14.47 -26.14 22.73
C ARG D 144 14.27 -25.59 21.34
N LYS D 145 13.92 -26.46 20.42
CA LYS D 145 13.70 -25.95 19.11
C LYS D 145 12.37 -25.25 18.94
N ALA D 146 12.34 -24.46 17.89
CA ALA D 146 11.20 -23.64 17.66
C ALA D 146 10.01 -24.45 17.13
N ILE D 147 9.09 -24.85 17.99
CA ILE D 147 8.05 -25.71 17.60
C ILE D 147 6.72 -25.03 17.47
N ALA D 148 6.64 -23.74 17.72
CA ALA D 148 5.35 -23.08 17.80
C ALA D 148 5.46 -21.65 17.32
N VAL D 149 4.32 -21.17 16.89
CA VAL D 149 4.17 -19.78 16.48
C VAL D 149 2.68 -19.32 16.68
N ILE D 150 2.51 -18.08 17.14
CA ILE D 150 1.23 -17.41 17.17
C ILE D 150 1.25 -16.37 16.05
N PRO D 151 0.77 -16.72 14.88
CA PRO D 151 0.91 -15.70 13.81
C PRO D 151 -0.09 -14.54 13.87
N ASN D 152 0.32 -13.34 13.42
CA ASN D 152 -0.66 -12.32 13.23
C ASN D 152 -1.63 -12.66 12.09
N LEU D 153 -2.82 -12.10 12.14
CA LEU D 153 -3.64 -11.96 10.93
C LEU D 153 -3.09 -10.88 9.98
N ALA D 154 -3.02 -11.22 8.69
CA ALA D 154 -2.57 -10.31 7.66
C ALA D 154 -3.29 -8.97 7.78
N ILE D 155 -2.58 -7.87 7.59
CA ILE D 155 -3.23 -6.57 7.61
C ILE D 155 -4.33 -6.44 6.55
N HIS D 156 -4.15 -7.11 5.40
CA HIS D 156 -5.16 -7.18 4.33
C HIS D 156 -6.51 -7.68 4.79
N LEU D 157 -6.55 -8.52 5.82
CA LEU D 157 -7.80 -9.11 6.33
C LEU D 157 -8.19 -8.46 7.63
N ASN D 158 -7.55 -7.35 7.93
CA ASN D 158 -7.76 -6.64 9.22
C ASN D 158 -7.22 -5.22 9.02
N ARG D 159 -7.79 -4.48 8.06
CA ARG D 159 -7.19 -3.24 7.56
C ARG D 159 -7.03 -2.14 8.63
N ALA D 160 -7.88 -2.11 9.65
CA ALA D 160 -7.65 -1.21 10.79
C ALA D 160 -6.76 -1.79 11.94
N ALA D 161 -5.92 -2.78 11.62
CA ALA D 161 -5.01 -3.40 12.57
C ALA D 161 -4.26 -2.43 13.42
N ASN D 162 -3.72 -1.40 12.77
CA ASN D 162 -2.92 -0.34 13.39
C ASN D 162 -3.76 0.65 14.23
N GLU D 163 -5.09 0.59 14.12
CA GLU D 163 -6.02 1.30 15.01
C GLU D 163 -6.04 0.72 16.40
N GLY D 164 -5.63 -0.53 16.53
CA GLY D 164 -5.73 -1.20 17.81
C GLY D 164 -7.06 -1.95 17.85
N TRP D 165 -7.03 -3.19 18.34
CA TRP D 165 -8.23 -3.90 18.72
C TRP D 165 -7.95 -4.69 20.00
N PRO D 166 -9.01 -5.14 20.68
CA PRO D 166 -8.78 -5.88 21.93
C PRO D 166 -8.48 -7.34 21.60
N ILE D 167 -7.22 -7.68 21.72
CA ILE D 167 -6.73 -9.01 21.45
C ILE D 167 -7.38 -9.93 22.43
N ASN D 168 -8.12 -10.89 21.91
CA ASN D 168 -8.79 -11.79 22.79
C ASN D 168 -7.89 -13.02 23.04
N ALA D 169 -7.49 -13.24 24.28
CA ALA D 169 -6.53 -14.32 24.61
C ALA D 169 -7.03 -15.73 24.37
N GLN D 170 -8.29 -15.96 24.63
CA GLN D 170 -8.86 -17.30 24.44
C GLN D 170 -8.78 -17.65 22.97
N ASN D 171 -8.98 -16.68 22.09
CA ASN D 171 -9.13 -16.98 20.66
C ASN D 171 -7.92 -16.77 19.83
N GLU D 172 -7.08 -15.82 20.24
CA GLU D 172 -6.02 -15.31 19.35
C GLU D 172 -4.67 -15.84 19.80
N LEU D 173 -4.55 -16.32 21.02
CA LEU D 173 -3.20 -16.67 21.50
C LEU D 173 -2.76 -18.14 21.42
N PRO D 174 -3.69 -19.12 21.15
CA PRO D 174 -3.22 -20.47 20.99
C PRO D 174 -2.17 -20.64 19.90
N PRO D 175 -0.98 -21.13 20.26
CA PRO D 175 0.00 -21.32 19.20
C PRO D 175 -0.23 -22.55 18.33
N ILE D 176 0.11 -22.40 17.04
CA ILE D 176 0.19 -23.54 16.11
C ILE D 176 1.51 -24.22 16.33
N ILE D 177 1.46 -25.54 16.53
CA ILE D 177 2.68 -26.36 16.66
C ILE D 177 2.86 -27.37 15.53
N ALA D 178 1.78 -27.69 14.79
CA ALA D 178 1.88 -28.71 13.74
C ALA D 178 0.70 -28.73 12.80
N GLN D 179 0.82 -29.53 11.74
CA GLN D 179 -0.32 -29.89 10.92
C GLN D 179 -0.65 -31.37 11.10
N LEU D 180 -1.90 -31.72 11.07
CA LEU D 180 -2.34 -33.09 11.31
C LEU D 180 -2.75 -33.76 10.00
N ALA D 181 -2.32 -35.01 9.76
CA ALA D 181 -2.82 -35.76 8.57
C ALA D 181 -4.31 -36.06 8.69
N PRO D 182 -5.00 -36.27 7.57
CA PRO D 182 -6.39 -36.76 7.60
C PRO D 182 -6.57 -37.91 8.59
N GLY D 183 -7.54 -37.77 9.51
CA GLY D 183 -7.74 -38.72 10.64
C GLY D 183 -6.55 -38.98 11.59
N GLU D 184 -5.55 -38.10 11.64
CA GLU D 184 -4.47 -38.35 12.61
C GLU D 184 -4.92 -37.81 13.96
N ALA D 185 -4.73 -38.57 15.00
CA ALA D 185 -5.10 -38.09 16.30
C ALA D 185 -3.95 -37.28 16.83
N ALA D 186 -4.19 -36.63 17.95
CA ALA D 186 -3.26 -35.70 18.52
C ALA D 186 -3.27 -35.96 19.98
N ASP D 187 -2.12 -36.29 20.53
CA ASP D 187 -2.03 -36.51 21.93
C ASP D 187 -0.85 -35.79 22.51
N PHE D 188 -1.10 -34.69 23.20
CA PHE D 188 -0.01 -33.86 23.71
C PHE D 188 0.78 -34.61 24.78
N ARG D 189 0.04 -35.36 25.59
CA ARG D 189 0.66 -36.16 26.65
C ARG D 189 1.62 -37.15 26.04
N LEU D 190 1.31 -37.66 24.86
CA LEU D 190 2.22 -38.59 24.20
C LEU D 190 3.49 -37.87 23.72
N LEU D 191 3.32 -36.63 23.28
CA LEU D 191 4.47 -35.87 22.84
C LEU D 191 5.38 -35.62 24.03
N LEU D 192 4.76 -35.31 25.17
CA LEU D 192 5.58 -35.14 26.37
C LEU D 192 6.30 -36.41 26.73
N ASP D 193 5.62 -37.53 26.61
CA ASP D 193 6.26 -38.83 26.85
C ASP D 193 7.51 -39.03 25.96
N GLU D 194 7.40 -38.69 24.69
CA GLU D 194 8.55 -38.78 23.80
C GLU D 194 9.66 -37.83 24.24
N GLN D 195 9.27 -36.65 24.72
CA GLN D 195 10.28 -35.70 25.10
C GLN D 195 11.00 -36.19 26.35
N LEU D 196 10.28 -36.77 27.29
CA LEU D 196 10.90 -37.39 28.49
C LEU D 196 11.96 -38.45 28.17
N LEU D 197 11.65 -39.23 27.16
CA LEU D 197 12.56 -40.28 26.69
C LEU D 197 13.78 -39.63 26.03
N ARG D 198 13.54 -38.73 25.09
CA ARG D 198 14.59 -38.04 24.36
C ARG D 198 15.45 -37.26 25.30
N GLU D 199 14.88 -36.62 26.30
CA GLU D 199 15.69 -35.70 27.11
C GLU D 199 16.24 -36.38 28.34
N HIS D 200 15.50 -37.32 28.88
CA HIS D 200 15.94 -37.99 30.08
C HIS D 200 16.08 -39.50 29.94
N GLY D 201 15.77 -40.07 28.80
CA GLY D 201 15.89 -41.56 28.75
C GLY D 201 14.88 -42.30 29.62
N ILE D 202 13.76 -41.65 29.90
CA ILE D 202 12.75 -42.18 30.75
C ILE D 202 11.57 -42.52 29.85
N THR D 203 10.93 -43.62 30.17
CA THR D 203 9.66 -44.07 29.60
C THR D 203 8.63 -43.90 30.72
N ALA D 204 7.61 -43.09 30.53
CA ALA D 204 6.54 -42.94 31.52
C ALA D 204 5.45 -43.98 31.33
N ASP D 205 4.85 -44.43 32.43
CA ASP D 205 3.65 -45.24 32.37
C ASP D 205 2.53 -44.34 31.93
N VAL D 206 2.48 -43.13 32.48
CA VAL D 206 1.45 -42.13 32.10
C VAL D 206 1.90 -40.75 32.51
N VAL D 207 1.71 -39.81 31.58
CA VAL D 207 1.89 -38.36 31.81
C VAL D 207 0.59 -37.80 32.32
N LEU D 208 0.68 -37.21 33.50
CA LEU D 208 -0.46 -36.76 34.26
C LEU D 208 -0.75 -35.29 34.08
N ASP D 209 0.16 -34.44 34.51
CA ASP D 209 -0.04 -32.96 34.47
C ASP D 209 1.27 -32.26 34.27
N TYR D 210 1.24 -30.94 34.02
CA TYR D 210 2.47 -30.23 33.65
C TYR D 210 2.21 -28.76 33.80
N GLU D 211 3.31 -28.02 33.93
CA GLU D 211 3.34 -26.54 33.97
C GLU D 211 4.40 -26.14 32.96
N LEU D 212 3.90 -25.85 31.76
CA LEU D 212 4.70 -25.58 30.60
C LEU D 212 4.42 -24.16 30.07
N SER D 213 5.51 -23.47 29.87
CA SER D 213 5.54 -22.11 29.35
C SER D 213 6.17 -22.05 27.94
N PHE D 214 5.46 -21.38 27.05
CA PHE D 214 6.05 -20.99 25.85
C PHE D 214 7.09 -19.93 26.13
N TYR D 215 8.10 -19.90 25.26
CA TYR D 215 9.18 -18.93 25.35
C TYR D 215 9.83 -18.71 24.03
N ASP D 216 10.47 -17.55 23.91
CA ASP D 216 11.15 -17.13 22.71
C ASP D 216 12.50 -17.83 22.51
N THR D 217 12.69 -18.41 21.31
CA THR D 217 14.01 -19.02 20.98
C THR D 217 15.08 -18.05 20.60
N GLN D 218 14.74 -16.78 20.32
CA GLN D 218 15.77 -15.77 20.10
C GLN D 218 16.44 -15.42 21.42
N SER D 219 17.72 -15.71 21.46
CA SER D 219 18.51 -15.43 22.59
C SER D 219 18.52 -13.96 22.83
N ALA D 220 18.79 -13.62 24.09
CA ALA D 220 19.13 -12.28 24.48
C ALA D 220 20.42 -11.88 23.76
N ALA D 221 20.54 -10.58 23.52
CA ALA D 221 21.66 -10.00 22.73
C ALA D 221 21.92 -8.52 23.10
N VAL D 222 23.18 -8.13 23.03
CA VAL D 222 23.54 -6.72 23.08
C VAL D 222 22.99 -6.04 21.83
N VAL D 223 22.51 -4.82 21.95
CA VAL D 223 22.02 -4.12 20.80
C VAL D 223 22.39 -2.65 20.91
N GLY D 224 22.48 -2.00 19.77
CA GLY D 224 22.73 -0.58 19.74
C GLY D 224 24.04 -0.23 19.09
N LEU D 225 24.11 0.99 18.56
CA LEU D 225 25.23 1.44 17.81
C LEU D 225 26.53 1.30 18.58
N ASN D 226 26.52 1.68 19.86
CA ASN D 226 27.63 1.50 20.79
C ASN D 226 27.39 0.40 21.84
N ASP D 227 26.57 -0.58 21.50
CA ASP D 227 26.31 -1.65 22.43
C ASP D 227 25.77 -1.16 23.75
N GLU D 228 24.92 -0.16 23.68
CA GLU D 228 24.36 0.40 24.88
C GLU D 228 23.37 -0.45 25.59
N PHE D 229 22.77 -1.37 24.86
CA PHE D 229 21.58 -2.05 25.40
C PHE D 229 21.62 -3.55 25.42
N ILE D 230 20.75 -4.12 26.23
CA ILE D 230 20.52 -5.55 26.16
C ILE D 230 19.03 -5.86 25.96
N ALA D 231 18.72 -6.71 24.99
CA ALA D 231 17.37 -7.10 24.68
C ALA D 231 17.14 -8.57 24.96
N GLY D 232 16.04 -8.91 25.56
CA GLY D 232 15.77 -10.30 25.84
C GLY D 232 14.49 -10.48 26.66
N ALA D 233 13.88 -11.64 26.52
CA ALA D 233 12.75 -11.99 27.38
C ALA D 233 13.29 -12.23 28.80
N ARG D 234 12.41 -12.03 29.76
CA ARG D 234 12.62 -12.36 31.16
C ARG D 234 13.63 -11.52 31.90
N LEU D 235 13.93 -10.32 31.40
CA LEU D 235 14.82 -9.45 32.15
C LEU D 235 14.13 -9.11 33.48
N ASP D 236 12.82 -8.85 33.42
CA ASP D 236 11.98 -8.83 34.56
C ASP D 236 11.61 -10.29 34.87
N ASN D 237 12.26 -10.92 35.85
CA ASN D 237 13.27 -10.30 36.75
C ASN D 237 14.48 -11.24 36.92
N LEU D 238 14.81 -11.97 35.86
CA LEU D 238 16.04 -12.74 35.83
C LEU D 238 17.26 -11.87 35.77
N LEU D 239 17.10 -10.62 35.36
CA LEU D 239 18.13 -9.64 35.42
C LEU D 239 18.59 -9.49 36.90
N SER D 240 17.61 -9.38 37.80
CA SER D 240 17.95 -9.19 39.23
C SER D 240 18.41 -10.50 39.90
N CYS D 241 17.84 -11.64 39.52
CA CYS D 241 18.29 -12.92 40.05
C CYS D 241 19.76 -13.10 39.75
N HIS D 242 20.13 -12.82 38.52
CA HIS D 242 21.46 -13.02 38.09
C HIS D 242 22.40 -12.06 38.78
N ALA D 243 22.01 -10.78 38.82
CA ALA D 243 22.83 -9.82 39.52
C ALA D 243 23.03 -10.21 40.99
N GLY D 244 21.94 -10.65 41.64
CA GLY D 244 21.91 -10.89 43.06
C GLY D 244 22.82 -12.08 43.30
N LEU D 245 22.74 -13.06 42.39
CA LEU D 245 23.60 -14.22 42.49
C LEU D 245 25.11 -13.90 42.38
N GLU D 246 25.48 -13.11 41.37
CA GLU D 246 26.87 -12.76 41.15
C GLU D 246 27.35 -11.98 42.36
N ALA D 247 26.50 -11.16 42.94
CA ALA D 247 26.91 -10.35 44.08
C ALA D 247 27.14 -11.26 45.26
N LEU D 248 26.30 -12.25 45.42
CA LEU D 248 26.46 -13.17 46.57
C LEU D 248 27.73 -14.02 46.52
N LEU D 249 27.98 -14.57 45.34
CA LEU D 249 29.13 -15.42 45.08
C LEU D 249 30.42 -14.64 45.19
N ASN D 250 30.44 -13.34 44.92
CA ASN D 250 31.71 -12.59 44.92
C ASN D 250 31.81 -11.71 46.14
N ALA D 251 30.81 -11.68 47.00
CA ALA D 251 30.80 -10.70 48.05
C ALA D 251 31.96 -10.93 49.02
N GLU D 252 32.62 -9.85 49.40
CA GLU D 252 33.55 -9.84 50.52
C GLU D 252 32.77 -9.77 51.84
N GLY D 253 33.51 -9.68 52.93
CA GLY D 253 32.95 -9.52 54.25
C GLY D 253 32.54 -10.86 54.80
N ASP D 254 31.86 -10.80 55.93
CA ASP D 254 31.49 -12.01 56.61
C ASP D 254 30.15 -11.81 57.27
N GLU D 255 29.27 -11.12 56.56
CA GLU D 255 27.96 -10.90 57.02
C GLU D 255 27.07 -12.09 56.70
N ASN D 256 25.91 -12.09 57.30
CA ASN D 256 24.86 -13.03 56.90
C ASN D 256 24.12 -12.55 55.65
N CYS D 257 24.30 -13.28 54.56
CA CYS D 257 23.79 -12.88 53.29
C CYS D 257 22.72 -13.89 52.86
N ILE D 258 21.61 -13.36 52.39
CA ILE D 258 20.53 -14.12 51.82
C ILE D 258 20.17 -13.64 50.40
N LEU D 259 19.98 -14.60 49.49
CA LEU D 259 19.41 -14.33 48.19
C LEU D 259 18.09 -15.08 48.16
N VAL D 260 16.97 -14.35 48.07
CA VAL D 260 15.63 -14.98 48.03
C VAL D 260 15.13 -14.68 46.62
N CYS D 261 14.87 -15.71 45.85
CA CYS D 261 14.22 -15.55 44.54
C CYS D 261 12.95 -16.37 44.52
N THR D 262 11.80 -15.70 44.55
CA THR D 262 10.52 -16.38 44.64
C THR D 262 9.75 -16.46 43.32
N ASP D 263 8.97 -17.53 43.19
CA ASP D 263 8.00 -17.70 42.11
C ASP D 263 6.74 -16.90 42.44
N HIS D 264 5.89 -16.81 41.44
CA HIS D 264 4.56 -16.24 41.58
C HIS D 264 4.49 -14.76 41.93
N GLU D 265 5.55 -14.00 41.77
CA GLU D 265 5.44 -12.55 41.95
C GLU D 265 4.56 -11.83 40.92
N GLU D 266 4.56 -12.31 39.68
CA GLU D 266 3.86 -11.61 38.62
C GLU D 266 2.38 -11.79 38.86
N VAL D 267 2.06 -12.60 39.85
CA VAL D 267 0.68 -12.89 40.09
C VAL D 267 0.19 -12.52 41.50
N GLY D 268 0.95 -11.77 42.29
CA GLY D 268 0.53 -11.40 43.66
C GLY D 268 1.25 -12.12 44.81
N SER D 269 2.16 -13.03 44.49
CA SER D 269 3.10 -13.72 45.44
C SER D 269 2.39 -14.65 46.45
N CYS D 270 1.09 -14.86 46.22
CA CYS D 270 0.24 -15.61 47.12
C CYS D 270 0.13 -17.14 46.75
N SER D 271 1.15 -17.87 47.20
CA SER D 271 1.25 -19.34 47.03
C SER D 271 2.07 -19.95 48.21
N HIS D 272 2.08 -21.27 48.30
CA HIS D 272 3.03 -21.98 49.13
C HIS D 272 4.43 -21.44 48.99
N CYS D 273 4.84 -21.06 47.78
CA CYS D 273 6.25 -20.74 47.54
C CYS D 273 6.55 -19.30 47.20
N GLY D 274 5.52 -18.46 47.13
CA GLY D 274 5.70 -17.03 46.83
C GLY D 274 6.12 -16.20 48.06
N ALA D 275 6.42 -14.91 47.81
CA ALA D 275 6.83 -13.97 48.88
C ALA D 275 5.73 -13.65 49.92
N ASP D 276 4.50 -13.78 49.47
CA ASP D 276 3.33 -13.68 50.35
C ASP D 276 3.03 -15.04 51.03
N GLY D 277 3.99 -15.96 50.93
CA GLY D 277 3.91 -17.19 51.65
C GLY D 277 4.98 -17.14 52.69
N PRO D 278 5.00 -18.16 53.52
CA PRO D 278 5.91 -18.19 54.62
C PRO D 278 7.22 -18.89 54.29
N PHE D 279 7.54 -19.14 53.01
CA PHE D 279 8.85 -19.72 52.67
C PHE D 279 10.05 -18.99 53.38
N LEU D 280 10.19 -17.69 53.10
CA LEU D 280 11.31 -16.95 53.62
C LEU D 280 11.31 -17.04 55.12
N GLU D 281 10.16 -16.77 55.70
CA GLU D 281 10.10 -16.65 57.14
C GLU D 281 10.52 -18.02 57.73
N GLN D 282 10.00 -19.09 57.17
CA GLN D 282 10.29 -20.39 57.79
C GLN D 282 11.73 -20.78 57.59
N VAL D 283 12.37 -20.29 56.54
CA VAL D 283 13.81 -20.59 56.39
C VAL D 283 14.62 -19.79 57.43
N LEU D 284 14.28 -18.51 57.59
CA LEU D 284 15.11 -17.65 58.45
C LEU D 284 15.01 -18.07 59.91
N ARG D 285 13.82 -18.43 60.34
CA ARG D 285 13.63 -18.92 61.68
C ARG D 285 14.47 -20.11 62.00
N ARG D 286 14.69 -20.96 60.99
CA ARG D 286 15.55 -22.11 61.18
C ARG D 286 16.98 -21.74 61.36
N LEU D 287 17.39 -20.50 61.10
CA LEU D 287 18.79 -20.12 61.31
C LEU D 287 19.01 -19.46 62.66
N LEU D 288 17.96 -19.38 63.50
CA LEU D 288 18.00 -18.65 64.76
C LEU D 288 17.45 -19.46 65.93
N PRO D 289 17.77 -19.09 67.19
CA PRO D 289 17.03 -19.64 68.35
C PRO D 289 15.57 -19.27 68.38
N GLU D 290 14.82 -20.01 69.19
CA GLU D 290 13.40 -19.75 69.46
C GLU D 290 13.27 -18.47 70.25
N GLY D 291 12.06 -17.97 70.40
CA GLY D 291 11.82 -16.82 71.24
C GLY D 291 11.89 -15.52 70.49
N ASP D 292 12.40 -14.49 71.14
CA ASP D 292 12.51 -13.17 70.52
C ASP D 292 13.63 -13.07 69.43
N ALA D 293 14.40 -14.15 69.22
CA ALA D 293 15.60 -14.00 68.41
C ALA D 293 15.28 -13.54 66.97
N PHE D 294 14.27 -14.13 66.37
CA PHE D 294 13.91 -13.81 65.00
C PHE D 294 13.46 -12.34 64.89
N SER D 295 12.65 -11.89 65.81
CA SER D 295 12.22 -10.52 65.78
C SER D 295 13.35 -9.51 65.87
N ARG D 296 14.25 -9.78 66.80
CA ARG D 296 15.47 -8.98 66.98
C ARG D 296 16.37 -8.99 65.77
N ALA D 297 16.57 -10.16 65.23
CA ALA D 297 17.40 -10.27 64.01
C ALA D 297 16.89 -9.43 62.83
N ILE D 298 15.58 -9.56 62.59
CA ILE D 298 14.88 -8.87 61.54
C ILE D 298 14.92 -7.35 61.67
N GLN D 299 14.84 -6.84 62.90
CA GLN D 299 14.98 -5.41 63.14
C GLN D 299 16.43 -4.96 63.03
N ARG D 300 17.38 -5.85 62.82
CA ARG D 300 18.74 -5.48 62.46
C ARG D 300 19.00 -5.79 60.98
N SER D 301 17.98 -6.20 60.24
CA SER D 301 18.21 -6.64 58.87
C SER D 301 17.72 -5.55 57.88
N LEU D 302 18.05 -5.69 56.62
CA LEU D 302 17.53 -4.87 55.57
C LEU D 302 17.34 -5.72 54.32
N LEU D 303 16.18 -5.57 53.70
CA LEU D 303 15.89 -6.20 52.41
C LEU D 303 16.06 -5.21 51.28
N VAL D 304 16.97 -5.50 50.37
CA VAL D 304 17.05 -4.82 49.12
C VAL D 304 16.20 -5.59 48.07
N SER D 305 15.03 -5.07 47.79
CA SER D 305 14.10 -5.72 46.85
C SER D 305 14.36 -5.25 45.39
N ALA D 306 14.96 -6.15 44.61
CA ALA D 306 15.49 -5.77 43.33
C ALA D 306 14.57 -6.24 42.29
N ASP D 307 13.88 -5.30 41.65
CA ASP D 307 12.97 -5.65 40.57
C ASP D 307 13.00 -4.51 39.57
N ASN D 308 13.03 -4.82 38.27
CA ASN D 308 13.22 -3.80 37.24
C ASN D 308 12.34 -2.53 37.36
N ALA D 309 12.96 -1.38 37.11
CA ALA D 309 12.24 -0.13 37.00
C ALA D 309 12.00 0.31 35.53
N HIS D 310 11.18 1.33 35.40
CA HIS D 310 10.86 1.95 34.15
C HIS D 310 11.76 3.11 33.84
N GLY D 311 12.59 2.91 32.83
CA GLY D 311 13.33 4.05 32.24
C GLY D 311 12.34 5.01 31.57
N VAL D 312 12.65 6.30 31.51
CA VAL D 312 11.84 7.22 30.70
C VAL D 312 12.04 6.91 29.16
N HIS D 313 10.96 6.55 28.52
CA HIS D 313 10.92 6.17 27.10
C HIS D 313 10.75 7.43 26.22
N PRO D 314 11.72 7.66 25.35
CA PRO D 314 11.63 8.87 24.53
C PRO D 314 10.43 9.00 23.60
N ASN D 315 9.83 7.88 23.17
CA ASN D 315 8.59 7.98 22.42
C ASN D 315 7.33 8.03 23.26
N TYR D 316 7.49 8.02 24.60
CA TYR D 316 6.37 8.08 25.54
C TYR D 316 6.79 8.75 26.83
N ALA D 317 7.55 9.84 26.72
CA ALA D 317 8.17 10.52 27.90
C ALA D 317 7.17 11.08 28.90
N ASP D 318 6.01 11.50 28.40
CA ASP D 318 4.94 11.98 29.22
C ASP D 318 4.31 10.88 30.14
N ARG D 319 4.78 9.64 30.07
CA ARG D 319 4.30 8.61 31.03
C ARG D 319 5.11 8.61 32.33
N HIS D 320 6.20 9.35 32.33
CA HIS D 320 7.00 9.62 33.51
C HIS D 320 6.76 11.02 34.07
N ASP D 321 6.99 11.18 35.37
CA ASP D 321 7.19 12.47 36.00
C ASP D 321 8.52 13.08 35.47
N ALA D 322 8.48 14.34 35.09
CA ALA D 322 9.61 14.95 34.36
C ALA D 322 10.84 15.02 35.26
N ASN D 323 10.58 15.07 36.57
CA ASN D 323 11.64 15.08 37.55
C ASN D 323 12.17 13.71 37.90
N HIS D 324 11.51 12.63 37.43
CA HIS D 324 11.90 11.25 37.88
C HIS D 324 11.84 10.33 36.67
N GLY D 325 12.68 10.65 35.68
CA GLY D 325 12.78 9.82 34.49
C GLY D 325 14.14 9.21 34.55
N PRO D 326 14.23 7.92 34.94
CA PRO D 326 15.53 7.25 34.93
C PRO D 326 16.06 6.92 33.53
N ALA D 327 17.37 7.06 33.37
CA ALA D 327 18.12 6.78 32.17
C ALA D 327 18.67 5.36 32.23
N LEU D 328 18.47 4.59 31.17
CA LEU D 328 19.20 3.32 31.01
C LEU D 328 20.68 3.64 31.10
N ASN D 329 21.45 2.82 31.80
CA ASN D 329 22.89 3.08 31.96
C ASN D 329 23.23 4.23 32.91
N GLY D 330 22.22 4.77 33.59
CA GLY D 330 22.38 5.73 34.65
C GLY D 330 22.39 5.11 36.06
N GLY D 331 22.43 3.78 36.12
CA GLY D 331 22.52 3.07 37.39
C GLY D 331 21.17 2.66 38.00
N PRO D 332 21.23 1.97 39.12
CA PRO D 332 20.00 1.57 39.78
C PRO D 332 19.11 2.73 40.22
N VAL D 333 17.83 2.44 40.22
CA VAL D 333 16.79 3.37 40.58
C VAL D 333 16.23 2.98 41.97
N ILE D 334 16.20 3.94 42.87
CA ILE D 334 15.49 3.82 44.08
C ILE D 334 14.02 4.17 43.84
N LYS D 335 13.14 3.21 44.15
CA LYS D 335 11.72 3.33 43.82
C LYS D 335 10.93 3.75 45.00
N ILE D 336 10.24 4.88 44.89
CA ILE D 336 9.53 5.40 46.00
C ILE D 336 8.07 5.53 45.65
N ASN D 337 7.25 5.17 46.62
CA ASN D 337 5.79 5.30 46.55
C ASN D 337 5.26 5.30 47.97
N SER D 338 4.79 6.44 48.43
CA SER D 338 4.42 6.52 49.87
C SER D 338 3.14 5.76 50.16
N ASN D 339 2.37 5.42 49.12
CA ASN D 339 1.27 4.50 49.27
C ASN D 339 1.70 3.03 49.40
N GLN D 340 2.99 2.79 49.62
CA GLN D 340 3.50 1.44 49.89
C GLN D 340 3.36 0.45 48.73
N ARG D 341 3.22 0.96 47.53
CA ARG D 341 3.39 0.12 46.36
C ARG D 341 4.88 -0.31 46.27
N TYR D 342 5.76 0.52 46.84
CA TYR D 342 7.16 0.20 47.18
C TYR D 342 7.32 0.41 48.73
N ALA D 343 8.23 -0.31 49.42
CA ALA D 343 8.35 -0.16 50.87
C ALA D 343 9.46 0.80 51.26
N THR D 344 10.11 1.40 50.27
CA THR D 344 11.21 2.22 50.60
C THR D 344 10.84 3.41 51.53
N ASN D 345 11.68 3.74 52.50
CA ASN D 345 11.46 4.92 53.30
C ASN D 345 12.75 5.72 53.31
N SER D 346 12.78 6.81 54.03
CA SER D 346 13.90 7.77 53.95
C SER D 346 15.18 7.13 54.42
N GLU D 347 15.05 6.20 55.36
CA GLU D 347 16.17 5.42 55.90
C GLU D 347 16.66 4.35 54.98
N THR D 348 15.77 3.60 54.37
CA THR D 348 16.25 2.59 53.43
C THR D 348 16.76 3.24 52.16
N ALA D 349 16.08 4.30 51.74
CA ALA D 349 16.51 5.04 50.56
C ALA D 349 17.86 5.62 50.86
N GLY D 350 17.99 6.23 52.03
CA GLY D 350 19.23 6.97 52.33
C GLY D 350 20.42 6.05 52.43
N PHE D 351 20.19 4.88 53.01
CA PHE D 351 21.24 3.92 53.15
C PHE D 351 21.65 3.45 51.78
N PHE D 352 20.70 3.16 50.94
CA PHE D 352 21.11 2.64 49.60
C PHE D 352 21.89 3.65 48.78
N ARG D 353 21.38 4.88 48.83
CA ARG D 353 21.91 6.02 48.09
C ARG D 353 23.36 6.26 48.52
N HIS D 354 23.59 6.17 49.83
CA HIS D 354 24.94 6.30 50.38
C HIS D 354 25.82 5.17 49.93
N LEU D 355 25.29 3.96 49.95
CA LEU D 355 26.03 2.80 49.50
C LEU D 355 26.52 2.97 48.03
N CYS D 356 25.63 3.45 47.14
CA CYS D 356 25.97 3.81 45.76
C CYS D 356 27.08 4.85 45.68
N GLN D 357 26.98 5.90 46.47
CA GLN D 357 28.07 6.89 46.58
C GLN D 357 29.41 6.31 46.99
N ASP D 358 29.45 5.56 48.08
CA ASP D 358 30.71 4.91 48.44
C ASP D 358 31.17 3.93 47.41
N SER D 359 30.31 3.35 46.59
CA SER D 359 30.80 2.42 45.56
C SER D 359 31.05 3.10 44.25
N GLU D 360 30.83 4.41 44.16
CA GLU D 360 30.95 5.09 42.86
C GLU D 360 30.03 4.51 41.78
N VAL D 361 28.81 4.20 42.16
CA VAL D 361 27.79 3.77 41.23
C VAL D 361 26.77 4.86 41.17
N PRO D 362 26.40 5.32 39.96
CA PRO D 362 25.34 6.32 39.85
C PRO D 362 24.01 5.78 40.30
N VAL D 363 23.16 6.64 40.89
CA VAL D 363 21.90 6.18 41.44
C VAL D 363 20.78 7.14 41.07
N GLN D 364 19.58 6.65 40.90
CA GLN D 364 18.50 7.45 40.37
C GLN D 364 17.28 7.29 41.27
N SER D 365 16.29 8.14 41.07
CA SER D 365 15.03 8.09 41.84
C SER D 365 13.82 7.98 40.93
N PHE D 366 12.86 7.15 41.31
CA PHE D 366 11.61 7.04 40.56
C PHE D 366 10.50 7.13 41.57
N VAL D 367 9.55 8.00 41.23
CA VAL D 367 8.15 7.91 41.62
C VAL D 367 7.31 7.99 40.33
N THR D 368 6.09 7.46 40.38
CA THR D 368 5.10 7.63 39.31
C THR D 368 4.56 9.06 39.21
N ARG D 369 4.12 9.39 38.02
CA ARG D 369 3.20 10.51 37.89
C ARG D 369 2.10 10.31 38.95
N SER D 370 1.77 11.41 39.62
CA SER D 370 0.80 11.38 40.74
C SER D 370 -0.66 11.16 40.28
N ASP D 371 -0.89 11.13 38.97
CA ASP D 371 -2.21 10.79 38.40
C ASP D 371 -2.22 9.39 37.79
N MET D 372 -1.19 8.57 38.09
CA MET D 372 -1.07 7.18 37.67
C MET D 372 -0.85 6.30 38.89
N GLY D 373 -1.34 5.06 38.84
CA GLY D 373 -0.86 3.98 39.69
C GLY D 373 0.60 3.69 39.42
N ILE D 378 7.75 -7.61 45.29
CA ILE D 378 7.93 -8.38 46.53
C ILE D 378 8.27 -7.48 47.77
N GLY D 379 8.64 -6.20 47.54
CA GLY D 379 9.11 -5.31 48.62
C GLY D 379 8.13 -5.21 49.80
N PRO D 380 6.96 -4.59 49.52
CA PRO D 380 5.93 -4.40 50.56
C PRO D 380 5.42 -5.71 51.20
N ILE D 381 5.35 -6.76 50.37
CA ILE D 381 4.88 -8.09 50.73
C ILE D 381 5.80 -8.79 51.72
N THR D 382 7.12 -8.69 51.51
CA THR D 382 8.06 -9.42 52.38
C THR D 382 8.29 -8.63 53.66
N ALA D 383 8.29 -7.28 53.53
CA ALA D 383 8.32 -6.38 54.69
C ALA D 383 7.17 -6.73 55.62
N SER D 384 6.00 -7.01 55.01
CA SER D 384 4.75 -7.24 55.75
C SER D 384 4.66 -8.66 56.26
N GLN D 385 5.32 -9.62 55.61
CA GLN D 385 5.38 -10.99 56.09
C GLN D 385 6.37 -11.12 57.28
N VAL D 386 7.63 -10.73 57.09
CA VAL D 386 8.62 -10.94 58.13
C VAL D 386 8.88 -9.68 59.00
N GLY D 387 8.42 -8.49 58.52
CA GLY D 387 8.53 -7.20 59.23
C GLY D 387 9.81 -6.42 58.94
N VAL D 388 10.50 -6.75 57.86
CA VAL D 388 11.84 -6.23 57.61
C VAL D 388 11.81 -4.96 56.78
N ARG D 389 12.62 -4.00 57.20
CA ARG D 389 12.91 -2.86 56.42
C ARG D 389 13.42 -3.18 55.05
N THR D 390 12.94 -2.38 54.12
CA THR D 390 13.05 -2.72 52.72
C THR D 390 13.35 -1.46 51.91
N VAL D 391 14.24 -1.56 50.93
CA VAL D 391 14.36 -0.55 49.88
C VAL D 391 14.13 -1.28 48.57
N ASP D 392 13.23 -0.74 47.77
CA ASP D 392 12.88 -1.19 46.45
C ASP D 392 13.73 -0.45 45.45
N ILE D 393 14.52 -1.21 44.72
CA ILE D 393 15.37 -0.65 43.70
C ILE D 393 15.21 -1.49 42.45
N GLY D 394 15.67 -0.96 41.34
CA GLY D 394 15.61 -1.70 40.09
C GLY D 394 16.47 -1.03 39.04
N LEU D 395 16.95 -1.83 38.12
CA LEU D 395 17.58 -1.28 36.92
C LEU D 395 16.51 -0.79 35.96
N PRO D 396 16.77 0.34 35.32
CA PRO D 396 15.81 0.95 34.43
C PRO D 396 15.66 0.18 33.09
N THR D 397 14.42 -0.05 32.68
CA THR D 397 14.21 -0.87 31.52
C THR D 397 13.08 -0.33 30.71
N PHE D 398 12.98 -0.80 29.47
CA PHE D 398 11.77 -0.58 28.71
C PHE D 398 11.00 -1.83 28.38
N ALA D 399 9.72 -1.61 28.03
CA ALA D 399 8.86 -2.63 27.46
C ALA D 399 8.64 -3.78 28.42
N MET D 400 8.48 -3.47 29.68
CA MET D 400 8.31 -4.50 30.66
C MET D 400 7.00 -5.25 30.37
N HIS D 401 7.12 -6.57 30.49
CA HIS D 401 6.12 -7.60 30.21
C HIS D 401 5.95 -7.91 28.72
N SER D 402 6.78 -7.30 27.85
CA SER D 402 6.90 -7.82 26.51
C SER D 402 7.58 -9.22 26.55
N ILE D 403 7.52 -9.93 25.43
CA ILE D 403 8.40 -11.08 25.18
C ILE D 403 9.86 -10.68 24.98
N ARG D 404 10.10 -9.41 24.71
CA ARG D 404 11.46 -8.97 24.56
C ARG D 404 11.61 -7.59 25.14
N GLU D 405 12.27 -7.53 26.29
CA GLU D 405 12.43 -6.34 27.07
C GLU D 405 13.81 -5.69 26.84
N LEU D 406 13.97 -4.42 27.24
CA LEU D 406 15.27 -3.73 27.04
C LEU D 406 15.81 -3.17 28.29
N ALA D 407 17.09 -3.47 28.55
CA ALA D 407 17.87 -2.84 29.62
C ALA D 407 19.14 -2.21 29.10
N GLY D 408 19.82 -1.54 30.02
CA GLY D 408 21.11 -0.86 29.75
C GLY D 408 22.22 -1.88 29.95
N SER D 409 23.20 -1.89 29.05
CA SER D 409 24.30 -2.87 29.11
C SER D 409 25.39 -2.53 30.12
N HIS D 410 25.37 -1.34 30.69
CA HIS D 410 26.30 -0.97 31.76
C HIS D 410 25.67 -1.26 33.14
N ASP D 411 24.36 -1.51 33.19
CA ASP D 411 23.65 -1.43 34.47
C ASP D 411 23.82 -2.69 35.33
N LEU D 412 23.93 -3.85 34.70
CA LEU D 412 24.16 -5.07 35.45
C LEU D 412 25.42 -4.93 36.29
N ALA D 413 26.48 -4.43 35.71
CA ALA D 413 27.74 -4.26 36.45
C ALA D 413 27.51 -3.26 37.56
N HIS D 414 26.76 -2.19 37.30
CA HIS D 414 26.51 -1.25 38.38
C HIS D 414 25.79 -1.93 39.54
N LEU D 415 24.78 -2.74 39.21
CA LEU D 415 23.98 -3.42 40.24
C LEU D 415 24.79 -4.51 41.00
N VAL D 416 25.53 -5.33 40.27
CA VAL D 416 26.39 -6.31 40.94
C VAL D 416 27.36 -5.62 41.93
N LYS D 417 27.97 -4.51 41.53
CA LYS D 417 28.87 -3.83 42.40
C LYS D 417 28.19 -3.34 43.69
N VAL D 418 27.01 -2.73 43.58
CA VAL D 418 26.40 -2.18 44.76
C VAL D 418 25.81 -3.26 45.64
N LEU D 419 25.23 -4.32 45.05
CA LEU D 419 24.79 -5.44 45.83
C LEU D 419 25.97 -6.10 46.55
N GLY D 420 27.11 -6.21 45.88
CA GLY D 420 28.31 -6.73 46.52
C GLY D 420 28.61 -5.87 47.75
N ALA D 421 28.51 -4.54 47.63
CA ALA D 421 28.85 -3.64 48.71
C ALA D 421 27.82 -3.82 49.85
N PHE D 422 26.56 -4.02 49.49
CA PHE D 422 25.51 -4.21 50.50
C PHE D 422 25.80 -5.47 51.30
N TYR D 423 26.14 -6.54 50.58
CA TYR D 423 26.31 -7.81 51.23
C TYR D 423 27.55 -7.81 52.14
N ALA D 424 28.52 -6.96 51.81
CA ALA D 424 29.66 -6.84 52.62
C ALA D 424 29.48 -5.74 53.66
N SER D 425 28.33 -5.09 53.79
CA SER D 425 28.32 -3.99 54.73
C SER D 425 28.02 -4.49 56.15
N SER D 426 28.90 -4.14 57.08
CA SER D 426 28.76 -4.62 58.45
C SER D 426 27.83 -3.77 59.28
N GLU D 427 27.50 -2.59 58.76
CA GLU D 427 26.63 -1.64 59.43
C GLU D 427 25.28 -1.46 58.71
N LEU D 428 24.15 -1.46 59.45
CA LEU D 428 22.82 -1.00 58.94
C LEU D 428 21.98 -0.39 60.07
N PRO D 429 21.90 -1.08 61.25
CA PRO D 429 21.80 -0.43 62.57
C PRO D 429 23.20 -0.31 63.19
ZN ZN E . 2.61 -6.95 0.29
ZN ZN F . 3.21 -9.01 -2.33
C CO3 G . 1.06 -7.05 -1.34
O1 CO3 G . 0.18 -6.33 -1.81
O2 CO3 G . 2.14 -7.23 -1.91
O3 CO3 G . 0.84 -7.59 -0.26
ZN ZN H . -21.77 2.15 -17.90
ZN ZN I . -22.20 0.92 -14.85
C CO3 J . -20.86 2.80 -14.95
O1 CO3 J . -20.87 2.23 -16.02
O2 CO3 J . -19.80 3.19 -14.44
O3 CO3 J . -21.91 2.93 -14.36
ZN ZN K . -2.50 22.00 -6.21
ZN ZN L . 0.46 21.93 -7.68
C CO3 M . -1.39 19.82 -5.92
O1 CO3 M . -0.99 20.44 -6.91
O2 CO3 M . -1.47 18.60 -5.93
O3 CO3 M . -1.74 20.41 -4.92
ZN ZN N . 6.84 -8.08 36.21
ZN ZN O . 9.33 -7.86 38.37
C CO3 P . 6.25 -6.86 38.16
O1 CO3 P . 5.41 -6.62 39.03
O2 CO3 P . 6.09 -6.33 37.06
O3 CO3 P . 7.19 -7.62 38.38
#